data_8BR0
#
_entry.id   8BR0
#
_cell.length_a   74.469
_cell.length_b   132.503
_cell.length_c   96.217
_cell.angle_alpha   90.000
_cell.angle_beta   110.400
_cell.angle_gamma   90.000
#
_symmetry.space_group_name_H-M   'P 1 21 1'
#
loop_
_entity.id
_entity.type
_entity.pdbx_description
1 polymer 'Actin, alpha skeletal muscle, intermediate form'
2 polymer 'Putative Adenylate cyclase,Profilin-1'
3 non-polymer 'LATRUNCULIN B'
4 non-polymer "ADENOSINE-5'-DIPHOSPHATE"
5 non-polymer 'MANGANESE (II) ION'
6 non-polymer "3'-DEOXY-CYTIDINE-5'-TRIPHOSPHATE"
7 water water
#
loop_
_entity_poly.entity_id
_entity_poly.type
_entity_poly.pdbx_seq_one_letter_code
_entity_poly.pdbx_strand_id
1 'polypeptide(L)'
;DEDETTALVCDNGSGLVKAGFAGDDAPRAVFPSIVGRPRHQGVMVGMGQKDSYVGDEAQSKRGILTLKYPIEHGIITNWD
DMEKIWHHTFYNELRVAPEEHPTLLTEAPLNPKANREKMTQIMFETFNVPAMYVAIQAVLSLYASGRTTGIVLDSGDGVT
HNVPIYEGYALPHAIMRLDLAGRDLTDYLMKILTERGYSFVTTAEREIVRDIKEKLCYVALDFENEMATAASSSSLEKSY
ELPDGQVITIGNERFRCPETLFQPSFIGMESAGIHETTYNSIMKCDIDIRKDLYANNVMSGGTTMYPGIADRMQKEITAL
APSTMKIKIIAPPERKYSVWIGGSILASLSTFQQMWITKQEYDEAGPSIVHRKCF
;
A,C
2 'polypeptide(L)'
;GPGSQEATPNQDGSHKTYQSRDLVLEPIQHPKSIELGMPEVDQSVLAEVAERENVIIGVRPVDEKSKSLIASKMYSSKGL
FVKAKSSDWGPMSGFIPVDQSFAKASARRDLEKFNEYAEQSILSGNAVSANLYLNQVRIEELVSKYESLTPLELDVDSGM
YKTTATNGDQTIPFFLNKVTVDDKELWQVHYLREGELAPFKVIGDPVSKQPMTADYDLLTVMYTYGDLGPQDKVKQPLTW
EQWKESVTYEDLSPKYKARYDNQALYEKQDGASLGMVSDRLKELKDVINTSLGRTDGLEMVHHGADDANPYAVMADNFPA
TFFVPKHFFDDDGLGEGKGSIQTYFNVNEQGAVVIQNPQEFSNFQQVAINASYRASLNDKWNSGLDSPLFTTKRKLSHDY
LDARDEVAKKLGLTESSKLNGLGERQTMSPAQNSDVNTWARVDVSPPPPPGGAGWNAYIDNLMADGTCQDAAIVGYKDSP
SVWAAVPGKTFVNITPAEVGVLVGKDRSSFYVNGLTLGGQKCSVIRDSLLQDGEFSMDLRTKSTGGAPTFNVTVTKTDKT
LVLLMGKEGVHGGLINKKCYEMASHLRRSQY
;
B,D
#
loop_
_chem_comp.id
_chem_comp.type
_chem_comp.name
_chem_comp.formula
ADP non-polymer ADENOSINE-5'-DIPHOSPHATE 'C10 H15 N5 O10 P2'
CH1 non-polymer 3'-DEOXY-CYTIDINE-5'-TRIPHOSPHATE 'C9 H16 N3 O13 P3'
LAB non-polymer 'LATRUNCULIN B' 'C20 H29 N O5 S'
MN non-polymer 'MANGANESE (II) ION' 'Mn 2'
#
# COMPACT_ATOMS: atom_id res chain seq x y z
N THR A 5 40.97 26.57 27.61
CA THR A 5 40.61 27.93 28.07
C THR A 5 39.20 28.43 27.62
N THR A 6 38.48 27.59 26.88
CA THR A 6 37.15 27.87 26.32
C THR A 6 36.18 28.55 27.29
N ALA A 7 35.42 29.54 26.80
CA ALA A 7 34.41 30.20 27.64
C ALA A 7 33.17 29.29 27.80
N LEU A 8 32.52 29.38 28.95
CA LEU A 8 31.31 28.61 29.23
C LEU A 8 30.07 29.48 29.00
N VAL A 9 28.96 28.84 28.57
CA VAL A 9 27.68 29.53 28.33
C VAL A 9 26.60 28.82 29.14
N CYS A 10 25.98 29.53 30.09
CA CYS A 10 24.94 28.95 30.93
C CYS A 10 23.61 29.70 30.87
N ASP A 11 22.58 29.07 30.26
CA ASP A 11 21.25 29.64 30.17
C ASP A 11 20.40 29.14 31.34
N ASN A 12 20.16 30.02 32.29
CA ASN A 12 19.43 29.69 33.52
C ASN A 12 17.94 29.83 33.32
N GLY A 13 17.30 28.80 32.79
CA GLY A 13 15.88 28.83 32.53
C GLY A 13 15.04 28.55 33.74
N SER A 14 13.80 29.08 33.75
CA SER A 14 12.88 28.83 34.84
C SER A 14 12.48 27.34 34.98
N GLY A 15 12.57 26.58 33.89
CA GLY A 15 12.32 25.15 33.93
C GLY A 15 13.52 24.30 33.58
N LEU A 16 14.33 24.74 32.59
CA LEU A 16 15.52 24.00 32.18
C LEU A 16 16.77 24.84 32.11
N VAL A 17 17.89 24.27 32.54
CA VAL A 17 19.18 24.89 32.39
C VAL A 17 19.79 24.32 31.10
N LYS A 18 20.38 25.21 30.27
CA LYS A 18 21.09 24.80 29.06
C LYS A 18 22.51 25.29 29.26
N ALA A 19 23.47 24.39 29.30
CA ALA A 19 24.87 24.75 29.52
C ALA A 19 25.77 24.09 28.52
N GLY A 20 26.83 24.80 28.15
CA GLY A 20 27.80 24.29 27.22
C GLY A 20 28.99 25.20 27.06
N PHE A 21 29.71 25.02 25.94
CA PHE A 21 30.91 25.78 25.64
C PHE A 21 30.67 26.77 24.52
N ALA A 22 31.19 27.99 24.64
CA ALA A 22 31.14 28.99 23.56
C ALA A 22 31.92 28.45 22.36
N GLY A 23 31.38 28.66 21.16
CA GLY A 23 32.00 28.11 19.96
C GLY A 23 31.26 26.87 19.49
N ASP A 24 30.49 26.23 20.39
CA ASP A 24 29.63 25.10 20.04
C ASP A 24 28.27 25.60 19.54
N ASP A 25 27.63 24.86 18.61
CA ASP A 25 26.30 25.21 18.07
C ASP A 25 25.13 24.65 18.87
N ALA A 26 25.38 23.99 20.00
CA ALA A 26 24.36 23.44 20.87
C ALA A 26 24.90 23.25 22.26
N PRO A 27 24.07 23.38 23.31
CA PRO A 27 24.56 23.07 24.66
C PRO A 27 24.86 21.57 24.79
N ARG A 28 25.85 21.22 25.65
CA ARG A 28 26.14 19.82 25.91
C ARG A 28 25.21 19.30 27.01
N ALA A 29 24.74 20.17 27.92
CA ALA A 29 23.89 19.75 29.01
C ALA A 29 22.56 20.50 29.04
N VAL A 30 21.45 19.75 29.12
CA VAL A 30 20.09 20.30 29.21
C VAL A 30 19.42 19.50 30.33
N PHE A 31 19.17 20.12 31.48
CA PHE A 31 18.60 19.40 32.63
C PHE A 31 17.64 20.30 33.40
N PRO A 32 16.71 19.73 34.20
CA PRO A 32 15.72 20.60 34.88
C PRO A 32 16.26 21.44 36.02
N SER A 33 15.81 22.69 36.15
CA SER A 33 16.23 23.60 37.22
C SER A 33 15.51 23.26 38.53
N ILE A 34 15.88 22.12 39.11
CA ILE A 34 15.24 21.65 40.35
C ILE A 34 16.29 21.17 41.34
N VAL A 35 16.01 21.40 42.63
CA VAL A 35 16.82 20.91 43.73
C VAL A 35 15.88 20.08 44.63
N GLY A 36 16.28 18.85 44.90
CA GLY A 36 15.47 17.97 45.76
C GLY A 36 16.13 17.86 47.12
N ARG A 37 15.65 18.62 48.09
CA ARG A 37 16.32 18.64 49.42
C ARG A 37 16.32 17.23 49.99
N PRO A 38 17.39 16.81 50.71
CA PRO A 38 17.40 15.51 51.36
C PRO A 38 16.28 15.45 52.42
N SER A 52 21.70 16.70 48.98
CA SER A 52 20.77 17.31 48.00
C SER A 52 21.03 16.77 46.59
N TYR A 53 19.97 16.75 45.77
CA TYR A 53 20.05 16.30 44.38
C TYR A 53 19.66 17.44 43.44
N VAL A 54 20.32 17.56 42.30
CA VAL A 54 20.03 18.59 41.32
C VAL A 54 19.74 17.94 39.95
N GLY A 55 18.93 18.61 39.13
CA GLY A 55 18.63 18.17 37.78
C GLY A 55 17.99 16.82 37.67
N ASP A 56 18.52 15.99 36.77
CA ASP A 56 18.03 14.64 36.48
C ASP A 56 17.90 13.72 37.67
N GLU A 57 18.87 13.76 38.59
CA GLU A 57 18.83 12.91 39.78
C GLU A 57 17.69 13.30 40.74
N ALA A 58 17.37 14.59 40.84
CA ALA A 58 16.28 15.07 41.68
C ALA A 58 14.94 14.61 41.11
N GLN A 59 14.80 14.66 39.78
CA GLN A 59 13.59 14.25 39.08
C GLN A 59 13.42 12.72 39.17
N SER A 60 14.51 11.98 39.01
CA SER A 60 14.49 10.52 39.05
C SER A 60 14.11 9.99 40.44
N LYS A 61 14.63 10.62 41.50
CA LYS A 61 14.34 10.26 42.88
C LYS A 61 13.17 11.09 43.46
N ARG A 62 12.16 11.40 42.62
CA ARG A 62 10.97 12.19 42.99
C ARG A 62 10.28 11.75 44.30
N GLY A 63 10.04 10.44 44.43
CA GLY A 63 9.35 9.84 45.56
C GLY A 63 9.94 10.05 46.94
N ILE A 64 11.26 10.23 47.02
CA ILE A 64 11.91 10.43 48.31
C ILE A 64 12.43 11.88 48.53
N LEU A 65 12.10 12.82 47.60
CA LEU A 65 12.58 14.21 47.70
C LEU A 65 11.46 15.26 47.60
N THR A 66 11.74 16.45 48.16
CA THR A 66 10.86 17.62 48.07
C THR A 66 11.48 18.50 46.98
N LEU A 67 10.80 18.65 45.83
CA LEU A 67 11.35 19.40 44.71
C LEU A 67 11.12 20.89 44.76
N LYS A 68 12.17 21.69 44.53
CA LYS A 68 12.09 23.15 44.52
C LYS A 68 12.67 23.76 43.24
N TYR A 69 11.98 24.74 42.68
CA TYR A 69 12.42 25.47 41.50
C TYR A 69 13.06 26.78 41.96
N PRO A 70 14.39 26.93 41.86
CA PRO A 70 15.04 28.17 42.32
C PRO A 70 14.77 29.41 41.46
N ILE A 71 14.26 29.21 40.22
CA ILE A 71 14.00 30.31 39.32
C ILE A 71 12.51 30.43 39.08
N GLU A 72 11.80 31.07 40.01
CA GLU A 72 10.36 31.29 39.86
C GLU A 72 10.16 32.47 38.91
N HIS A 73 9.52 32.22 37.75
CA HIS A 73 9.14 33.24 36.78
C HIS A 73 10.31 34.00 36.16
N GLY A 74 11.39 33.28 35.90
CA GLY A 74 12.58 33.87 35.28
C GLY A 74 13.56 34.53 36.24
N ILE A 75 13.11 34.85 37.46
CA ILE A 75 13.96 35.50 38.45
C ILE A 75 14.47 34.51 39.49
N ILE A 76 15.81 34.51 39.77
CA ILE A 76 16.39 33.65 40.80
C ILE A 76 15.94 34.09 42.21
N THR A 77 15.21 33.23 42.91
CA THR A 77 14.69 33.54 44.23
C THR A 77 15.43 32.80 45.35
N ASN A 78 15.98 31.61 45.08
CA ASN A 78 16.72 30.83 46.09
C ASN A 78 18.19 30.72 45.70
N TRP A 79 19.04 31.50 46.37
CA TRP A 79 20.46 31.52 46.05
C TRP A 79 21.22 30.30 46.56
N ASP A 80 20.74 29.65 47.64
CA ASP A 80 21.39 28.43 48.11
C ASP A 80 21.19 27.32 47.08
N ASP A 81 19.95 27.18 46.60
CA ASP A 81 19.59 26.21 45.59
C ASP A 81 20.20 26.55 44.23
N MET A 82 20.36 27.85 43.91
CA MET A 82 20.98 28.26 42.66
C MET A 82 22.48 27.92 42.64
N GLU A 83 23.16 28.02 43.80
CA GLU A 83 24.58 27.64 43.89
C GLU A 83 24.73 26.14 43.63
N LYS A 84 23.78 25.32 44.11
CA LYS A 84 23.75 23.88 43.91
C LYS A 84 23.62 23.60 42.42
N ILE A 85 22.75 24.36 41.70
CA ILE A 85 22.54 24.21 40.26
C ILE A 85 23.82 24.55 39.51
N TRP A 86 24.40 25.70 39.82
CA TRP A 86 25.65 26.10 39.18
C TRP A 86 26.77 25.12 39.45
N HIS A 87 26.87 24.58 40.69
CA HIS A 87 27.88 23.59 41.04
C HIS A 87 27.68 22.31 40.24
N HIS A 88 26.43 21.86 40.12
CA HIS A 88 26.08 20.67 39.36
C HIS A 88 26.43 20.85 37.89
N THR A 89 26.18 22.06 37.35
CA THR A 89 26.47 22.44 35.98
C THR A 89 27.97 22.32 35.72
N PHE A 90 28.81 22.91 36.59
CA PHE A 90 30.23 22.89 36.40
C PHE A 90 30.84 21.52 36.61
N TYR A 91 30.67 20.95 37.80
CA TYR A 91 31.33 19.73 38.19
C TYR A 91 30.73 18.44 37.63
N ASN A 92 29.40 18.27 37.63
CA ASN A 92 28.81 17.02 37.16
C ASN A 92 28.46 17.03 35.68
N GLU A 93 27.94 18.15 35.17
CA GLU A 93 27.49 18.23 33.78
C GLU A 93 28.60 18.54 32.80
N LEU A 94 29.25 19.69 32.93
CA LEU A 94 30.31 20.08 32.02
C LEU A 94 31.67 19.45 32.35
N ARG A 95 31.85 18.92 33.59
CA ARG A 95 33.10 18.32 34.07
C ARG A 95 34.28 19.29 33.85
N VAL A 96 34.12 20.53 34.30
CA VAL A 96 35.12 21.58 34.15
C VAL A 96 35.47 22.17 35.51
N ALA A 97 36.62 22.88 35.58
CA ALA A 97 37.00 23.59 36.80
C ALA A 97 36.59 25.04 36.54
N PRO A 98 35.56 25.57 37.23
CA PRO A 98 35.08 26.93 36.92
C PRO A 98 36.14 28.02 36.95
N GLU A 99 37.16 27.84 37.81
CA GLU A 99 38.26 28.80 37.92
C GLU A 99 39.14 28.89 36.66
N GLU A 100 38.98 27.98 35.69
CA GLU A 100 39.72 27.99 34.45
C GLU A 100 38.96 28.64 33.28
N HIS A 101 37.62 28.69 33.35
CA HIS A 101 36.84 29.19 32.21
C HIS A 101 36.06 30.45 32.47
N PRO A 102 36.18 31.47 31.59
CA PRO A 102 35.28 32.63 31.68
C PRO A 102 33.83 32.17 31.45
N THR A 103 32.86 32.77 32.15
CA THR A 103 31.49 32.27 32.09
C THR A 103 30.43 33.29 31.74
N LEU A 104 29.70 33.05 30.64
CA LEU A 104 28.60 33.93 30.27
C LEU A 104 27.37 33.31 30.88
N LEU A 105 26.65 34.08 31.69
CA LEU A 105 25.40 33.66 32.28
C LEU A 105 24.27 34.47 31.61
N THR A 106 23.08 33.87 31.49
CA THR A 106 21.94 34.59 30.94
C THR A 106 21.04 35.11 32.06
N GLU A 107 20.30 36.16 31.77
CA GLU A 107 19.34 36.70 32.72
C GLU A 107 18.03 37.07 32.02
N ALA A 108 16.96 37.04 32.79
CA ALA A 108 15.65 37.39 32.27
C ALA A 108 15.60 38.88 31.99
N PRO A 109 14.82 39.32 30.98
CA PRO A 109 14.62 40.77 30.81
C PRO A 109 14.01 41.37 32.09
N LEU A 110 14.47 42.57 32.47
CA LEU A 110 14.02 43.27 33.68
C LEU A 110 14.52 42.65 34.98
N ASN A 111 15.66 41.96 34.91
CA ASN A 111 16.25 41.36 36.10
C ASN A 111 16.80 42.48 36.99
N PRO A 112 16.40 42.48 38.27
CA PRO A 112 16.87 43.54 39.19
C PRO A 112 18.39 43.63 39.28
N LYS A 113 18.92 44.88 39.48
CA LYS A 113 20.36 45.13 39.61
C LYS A 113 20.95 44.32 40.76
N ALA A 114 20.22 44.22 41.89
CA ALA A 114 20.67 43.45 43.05
C ALA A 114 20.77 41.95 42.75
N ASN A 115 19.90 41.45 41.87
CA ASN A 115 19.88 40.05 41.49
C ASN A 115 21.12 39.70 40.67
N ARG A 116 21.48 40.53 39.67
CA ARG A 116 22.69 40.23 38.89
C ARG A 116 23.97 40.48 39.68
N GLU A 117 23.92 41.37 40.68
CA GLU A 117 25.07 41.61 41.55
C GLU A 117 25.29 40.36 42.40
N LYS A 118 24.21 39.74 42.91
CA LYS A 118 24.33 38.54 43.71
C LYS A 118 24.87 37.37 42.86
N MET A 119 24.41 37.23 41.60
CA MET A 119 24.93 36.17 40.74
C MET A 119 26.39 36.43 40.33
N THR A 120 26.81 37.70 40.25
CA THR A 120 28.19 38.07 39.94
C THR A 120 29.07 37.76 41.16
N GLN A 121 28.57 38.06 42.38
CA GLN A 121 29.26 37.76 43.62
C GLN A 121 29.45 36.26 43.79
N ILE A 122 28.44 35.45 43.45
CA ILE A 122 28.55 33.99 43.55
C ILE A 122 29.53 33.44 42.52
N MET A 123 29.52 33.99 41.29
CA MET A 123 30.44 33.52 40.25
C MET A 123 31.89 33.69 40.65
N PHE A 124 32.24 34.88 41.17
CA PHE A 124 33.60 35.20 41.55
C PHE A 124 34.03 34.68 42.94
N GLU A 125 33.19 34.85 43.97
CA GLU A 125 33.56 34.43 45.31
C GLU A 125 33.34 32.94 45.60
N THR A 126 32.29 32.33 45.03
CA THR A 126 32.02 30.91 45.27
C THR A 126 32.72 30.00 44.26
N PHE A 127 32.60 30.31 42.96
CA PHE A 127 33.20 29.47 41.92
C PHE A 127 34.56 29.94 41.43
N ASN A 128 34.92 31.19 41.74
CA ASN A 128 36.21 31.77 41.39
C ASN A 128 36.49 31.78 39.89
N VAL A 129 35.55 32.26 39.09
CA VAL A 129 35.72 32.30 37.64
C VAL A 129 36.75 33.37 37.22
N PRO A 130 37.47 33.13 36.11
CA PRO A 130 38.45 34.14 35.65
C PRO A 130 37.78 35.44 35.18
N ALA A 131 36.64 35.29 34.53
CA ALA A 131 35.86 36.39 33.99
C ALA A 131 34.40 35.92 33.84
N MET A 132 33.47 36.88 33.76
CA MET A 132 32.06 36.57 33.58
C MET A 132 31.32 37.72 32.97
N TYR A 133 30.25 37.39 32.22
CA TYR A 133 29.41 38.37 31.57
C TYR A 133 27.93 37.97 31.75
N VAL A 134 27.03 38.95 31.95
CA VAL A 134 25.61 38.65 32.12
C VAL A 134 24.79 39.20 30.96
N ALA A 135 24.24 38.32 30.11
CA ALA A 135 23.47 38.78 28.94
C ALA A 135 21.95 38.55 29.03
N ILE A 136 21.17 39.47 28.47
CA ILE A 136 19.70 39.33 28.43
C ILE A 136 19.34 38.21 27.44
N GLN A 137 18.56 37.24 27.91
CA GLN A 137 18.16 36.06 27.13
C GLN A 137 17.59 36.41 25.77
N ALA A 138 16.64 37.34 25.70
CA ALA A 138 16.05 37.74 24.43
C ALA A 138 17.05 38.30 23.42
N VAL A 139 18.03 39.08 23.88
CA VAL A 139 19.05 39.67 23.01
C VAL A 139 19.88 38.57 22.35
N LEU A 140 20.22 37.54 23.11
CA LEU A 140 20.98 36.41 22.60
C LEU A 140 20.21 35.68 21.50
N SER A 141 18.89 35.55 21.65
CA SER A 141 18.02 34.91 20.64
C SER A 141 18.01 35.63 19.33
N LEU A 142 18.00 36.98 19.38
CA LEU A 142 18.05 37.78 18.17
C LEU A 142 19.44 37.58 17.51
N TYR A 143 20.53 37.55 18.30
CA TYR A 143 21.87 37.31 17.75
C TYR A 143 21.95 35.96 17.06
N ALA A 144 21.31 34.94 17.65
CA ALA A 144 21.29 33.61 17.07
C ALA A 144 20.59 33.56 15.71
N SER A 145 19.75 34.56 15.38
CA SER A 145 19.11 34.63 14.07
C SER A 145 19.92 35.50 13.04
N GLY A 146 21.13 35.92 13.44
CA GLY A 146 22.02 36.77 12.67
C GLY A 146 21.55 38.21 12.65
N ARG A 147 20.78 38.63 13.66
CA ARG A 147 20.23 39.99 13.69
C ARG A 147 20.64 40.73 14.94
N THR A 148 20.68 42.07 14.83
CA THR A 148 20.91 42.96 15.96
C THR A 148 19.70 43.91 16.19
N THR A 149 18.70 43.88 15.29
CA THR A 149 17.50 44.69 15.42
C THR A 149 16.26 43.77 15.21
N GLY A 150 15.22 44.01 15.99
CA GLY A 150 13.98 43.26 15.91
C GLY A 150 13.32 43.09 17.26
N ILE A 151 12.13 42.51 17.29
CA ILE A 151 11.44 42.26 18.55
C ILE A 151 11.36 40.74 18.82
N VAL A 152 11.78 40.32 20.01
CA VAL A 152 11.75 38.92 20.38
C VAL A 152 10.57 38.59 21.27
N LEU A 153 9.85 37.47 20.96
CA LEU A 153 8.83 36.95 21.83
C LEU A 153 9.49 35.73 22.44
N ASP A 154 9.85 35.78 23.72
CA ASP A 154 10.52 34.66 24.37
C ASP A 154 9.56 34.06 25.36
N SER A 155 9.04 32.83 25.08
CA SER A 155 8.13 32.14 25.97
C SER A 155 8.74 30.82 26.43
N GLY A 156 9.09 30.77 27.70
CA GLY A 156 9.74 29.60 28.28
C GLY A 156 8.79 28.75 29.09
N ASP A 157 9.20 28.41 30.31
CA ASP A 157 8.44 27.58 31.20
C ASP A 157 7.70 28.44 32.26
N GLY A 158 8.34 29.45 32.82
CA GLY A 158 7.76 30.25 33.88
C GLY A 158 7.44 31.69 33.57
N VAL A 159 7.89 32.21 32.42
CA VAL A 159 7.63 33.59 32.03
C VAL A 159 7.72 33.77 30.50
N THR A 160 7.00 34.78 30.00
CA THR A 160 6.99 35.18 28.60
C THR A 160 7.40 36.67 28.54
N HIS A 161 8.26 37.03 27.58
CA HIS A 161 8.69 38.41 27.42
C HIS A 161 8.59 38.89 25.98
N ASN A 162 8.38 40.19 25.83
CA ASN A 162 8.42 40.86 24.53
C ASN A 162 9.57 41.84 24.67
N VAL A 163 10.64 41.66 23.87
CA VAL A 163 11.80 42.53 23.98
C VAL A 163 12.20 43.16 22.66
N PRO A 164 11.94 44.49 22.50
CA PRO A 164 12.36 45.18 21.28
C PRO A 164 13.83 45.57 21.40
N ILE A 165 14.58 45.37 20.31
CA ILE A 165 16.02 45.55 20.30
C ILE A 165 16.42 46.36 19.07
N TYR A 166 17.29 47.35 19.29
CA TYR A 166 17.76 48.18 18.20
C TYR A 166 19.29 48.28 18.29
N GLU A 167 19.95 47.77 17.25
CA GLU A 167 21.40 47.74 17.11
C GLU A 167 22.14 47.15 18.30
N GLY A 168 21.71 45.93 18.68
CA GLY A 168 22.31 45.16 19.76
C GLY A 168 21.79 45.48 21.16
N TYR A 169 20.97 46.52 21.29
CA TYR A 169 20.50 46.94 22.59
C TYR A 169 19.00 46.84 22.79
N ALA A 170 18.62 46.20 23.90
CA ALA A 170 17.24 46.09 24.34
C ALA A 170 16.74 47.48 24.68
N LEU A 171 15.44 47.71 24.49
CA LEU A 171 14.80 48.99 24.77
C LEU A 171 13.97 48.76 26.02
N PRO A 172 14.54 48.96 27.22
CA PRO A 172 13.86 48.60 28.46
C PRO A 172 12.48 49.16 28.71
N HIS A 173 12.21 50.39 28.24
CA HIS A 173 10.89 51.01 28.43
C HIS A 173 9.78 50.27 27.69
N ALA A 174 10.11 49.62 26.57
CA ALA A 174 9.11 48.93 25.77
C ALA A 174 9.03 47.42 26.03
N ILE A 175 9.78 46.89 27.01
CA ILE A 175 9.76 45.47 27.33
C ILE A 175 8.43 45.08 28.02
N MET A 176 7.80 44.00 27.52
CA MET A 176 6.55 43.49 28.11
C MET A 176 6.83 42.16 28.82
N ARG A 177 6.19 41.94 29.97
CA ARG A 177 6.32 40.69 30.73
C ARG A 177 4.92 40.10 30.91
N LEU A 178 4.78 38.82 30.57
CA LEU A 178 3.53 38.12 30.69
C LEU A 178 3.82 36.94 31.61
N ASP A 179 3.17 36.90 32.80
CA ASP A 179 3.41 35.81 33.73
C ASP A 179 2.51 34.65 33.33
N LEU A 180 2.86 34.01 32.23
CA LEU A 180 2.10 32.93 31.61
C LEU A 180 3.04 32.34 30.60
N ALA A 181 3.40 31.09 30.78
CA ALA A 181 4.31 30.38 29.87
C ALA A 181 3.95 28.86 29.90
N GLY A 182 4.79 27.96 29.37
CA GLY A 182 4.54 26.52 29.30
C GLY A 182 4.01 25.87 30.55
N ARG A 183 4.52 26.23 31.74
CA ARG A 183 4.06 25.58 32.97
C ARG A 183 2.59 25.81 33.19
N ASP A 184 2.11 27.06 32.97
CA ASP A 184 0.71 27.42 33.09
C ASP A 184 -0.12 26.71 32.06
N LEU A 185 0.40 26.51 30.84
CA LEU A 185 -0.30 25.79 29.78
C LEU A 185 -0.49 24.31 30.11
N THR A 186 0.48 23.70 30.79
CA THR A 186 0.37 22.30 31.19
C THR A 186 -0.67 22.20 32.31
N ASP A 187 -0.68 23.15 33.26
CA ASP A 187 -1.68 23.15 34.34
C ASP A 187 -3.07 23.34 33.76
N TYR A 188 -3.20 24.21 32.74
CA TYR A 188 -4.44 24.46 32.06
C TYR A 188 -4.87 23.25 31.30
N LEU A 189 -3.94 22.54 30.65
CA LEU A 189 -4.25 21.31 29.92
C LEU A 189 -4.75 20.26 30.89
N MET A 190 -4.16 20.15 32.11
CA MET A 190 -4.61 19.23 33.18
C MET A 190 -6.02 19.60 33.60
N LYS A 191 -6.29 20.91 33.75
CA LYS A 191 -7.61 21.42 34.10
C LYS A 191 -8.66 21.05 33.03
N ILE A 192 -8.48 21.45 31.76
CA ILE A 192 -9.46 21.17 30.70
C ILE A 192 -9.56 19.68 30.33
N LEU A 193 -8.57 18.84 30.65
CA LEU A 193 -8.67 17.39 30.42
C LEU A 193 -9.72 16.75 31.35
N THR A 194 -10.04 17.40 32.50
CA THR A 194 -11.08 16.96 33.46
C THR A 194 -12.45 16.93 32.76
N GLU A 195 -12.62 17.82 31.76
CA GLU A 195 -13.90 17.99 31.02
C GLU A 195 -14.16 16.80 30.07
N ARG A 196 -13.24 15.85 29.97
CA ARG A 196 -13.37 14.57 29.26
C ARG A 196 -13.45 13.38 30.24
N GLY A 197 -13.47 13.62 31.55
CA GLY A 197 -13.48 12.56 32.55
C GLY A 197 -12.10 12.11 33.01
N TYR A 198 -11.04 12.72 32.48
CA TYR A 198 -9.66 12.40 32.83
C TYR A 198 -9.18 13.14 34.05
N SER A 199 -8.39 12.48 34.89
CA SER A 199 -7.87 13.10 36.09
C SER A 199 -6.33 13.07 36.14
N PHE A 200 -5.73 14.26 36.09
CA PHE A 200 -4.27 14.45 36.18
C PHE A 200 -4.12 15.52 37.25
N VAL A 201 -3.60 15.17 38.44
CA VAL A 201 -3.47 16.15 39.53
C VAL A 201 -2.06 16.19 40.12
N THR A 202 -1.38 15.04 40.21
CA THR A 202 -0.05 14.95 40.81
C THR A 202 1.09 15.59 39.95
N THR A 203 2.30 15.71 40.53
CA THR A 203 3.52 16.19 39.89
C THR A 203 3.92 15.21 38.78
N ALA A 204 3.82 13.90 39.04
CA ALA A 204 4.12 12.89 38.04
C ALA A 204 3.13 12.96 36.88
N GLU A 205 1.82 13.15 37.18
CA GLU A 205 0.78 13.29 36.16
C GLU A 205 0.95 14.58 35.35
N ARG A 206 1.44 15.66 36.00
CA ARG A 206 1.76 16.94 35.35
C ARG A 206 2.77 16.71 34.21
N GLU A 207 3.75 15.83 34.44
CA GLU A 207 4.78 15.50 33.45
C GLU A 207 4.25 14.73 32.26
N ILE A 208 3.24 13.89 32.48
CA ILE A 208 2.55 13.16 31.42
C ILE A 208 1.79 14.16 30.55
N VAL A 209 1.08 15.13 31.19
CA VAL A 209 0.33 16.16 30.50
C VAL A 209 1.25 17.14 29.77
N ARG A 210 2.45 17.39 30.28
CA ARG A 210 3.43 18.22 29.61
C ARG A 210 3.87 17.52 28.30
N ASP A 211 4.08 16.19 28.37
CA ASP A 211 4.43 15.43 27.19
C ASP A 211 3.29 15.45 26.16
N ILE A 212 2.01 15.31 26.61
CA ILE A 212 0.85 15.37 25.72
C ILE A 212 0.81 16.75 25.05
N LYS A 213 1.03 17.82 25.83
CA LYS A 213 1.04 19.19 25.36
C LYS A 213 2.08 19.38 24.23
N GLU A 214 3.30 18.90 24.46
CA GLU A 214 4.38 19.04 23.49
C GLU A 214 4.22 18.21 22.25
N LYS A 215 3.48 17.12 22.31
CA LYS A 215 3.33 16.22 21.19
C LYS A 215 2.10 16.44 20.38
N LEU A 216 0.99 16.80 21.04
CA LEU A 216 -0.30 16.90 20.37
C LEU A 216 -0.89 18.29 20.27
N CYS A 217 -0.42 19.28 21.02
CA CYS A 217 -0.98 20.64 20.92
C CYS A 217 -0.52 21.39 19.68
N TYR A 218 -1.32 22.31 19.22
CA TYR A 218 -1.04 23.19 18.10
C TYR A 218 -1.88 24.48 18.22
N VAL A 219 -1.48 25.54 17.54
CA VAL A 219 -2.23 26.79 17.55
C VAL A 219 -3.15 26.86 16.32
N ALA A 220 -4.46 27.05 16.55
CA ALA A 220 -5.43 27.16 15.46
C ALA A 220 -5.36 28.56 14.85
N LEU A 221 -5.43 28.63 13.51
CA LEU A 221 -5.40 29.90 12.78
C LEU A 221 -6.66 30.70 13.08
N ASP A 222 -7.81 30.03 13.11
CA ASP A 222 -9.10 30.62 13.45
C ASP A 222 -9.62 29.77 14.59
N PHE A 223 -9.61 30.30 15.82
CA PHE A 223 -10.03 29.53 16.98
C PHE A 223 -11.50 29.11 16.95
N GLU A 224 -12.42 30.07 16.69
CA GLU A 224 -13.85 29.74 16.66
C GLU A 224 -14.20 28.68 15.62
N ASN A 225 -13.66 28.78 14.40
CA ASN A 225 -13.92 27.78 13.37
CA ASN A 225 -13.96 27.79 13.39
C ASN A 225 -13.34 26.42 13.73
N GLU A 226 -12.19 26.41 14.43
CA GLU A 226 -11.57 25.15 14.86
C GLU A 226 -12.41 24.49 15.95
N MET A 227 -12.94 25.31 16.88
CA MET A 227 -13.83 24.83 17.94
C MET A 227 -15.09 24.23 17.33
N ALA A 228 -15.63 24.89 16.26
CA ALA A 228 -16.81 24.43 15.56
C ALA A 228 -16.55 23.13 14.80
N THR A 229 -15.37 22.99 14.23
CA THR A 229 -14.98 21.77 13.52
C THR A 229 -14.84 20.63 14.53
N ALA A 230 -14.18 20.87 15.68
CA ALA A 230 -14.04 19.84 16.72
C ALA A 230 -15.39 19.44 17.34
N ALA A 231 -16.37 20.37 17.34
CA ALA A 231 -17.71 20.13 17.89
C ALA A 231 -18.56 19.26 16.99
N SER A 232 -18.28 19.21 15.69
CA SER A 232 -19.12 18.49 14.73
C SER A 232 -18.45 17.26 14.10
N SER A 233 -17.18 16.96 14.45
CA SER A 233 -16.50 15.79 13.90
C SER A 233 -15.32 15.38 14.76
N SER A 234 -14.87 14.13 14.59
CA SER A 234 -13.72 13.63 15.32
C SER A 234 -12.40 13.80 14.54
N SER A 235 -12.40 14.56 13.42
CA SER A 235 -11.25 14.77 12.55
C SER A 235 -10.02 15.37 13.23
N LEU A 236 -10.21 16.19 14.28
CA LEU A 236 -9.09 16.79 14.99
C LEU A 236 -8.62 15.96 16.21
N GLU A 237 -9.21 14.79 16.45
CA GLU A 237 -8.85 13.98 17.61
C GLU A 237 -7.57 13.19 17.44
N LYS A 238 -6.89 12.94 18.55
CA LYS A 238 -5.63 12.20 18.61
C LYS A 238 -5.61 11.26 19.80
N SER A 239 -4.87 10.17 19.67
CA SER A 239 -4.72 9.22 20.76
C SER A 239 -3.37 9.37 21.43
N TYR A 240 -3.31 9.02 22.71
CA TYR A 240 -2.09 9.10 23.46
C TYR A 240 -2.01 7.94 24.43
N GLU A 241 -0.90 7.19 24.38
CA GLU A 241 -0.69 6.07 25.26
C GLU A 241 -0.03 6.54 26.55
N LEU A 242 -0.72 6.39 27.69
CA LEU A 242 -0.15 6.75 28.99
C LEU A 242 0.91 5.70 29.37
N PRO A 243 1.84 6.00 30.32
CA PRO A 243 2.87 5.01 30.69
C PRO A 243 2.34 3.60 30.98
N ASP A 244 1.18 3.48 31.64
CA ASP A 244 0.57 2.18 31.96
C ASP A 244 -0.16 1.48 30.80
N GLY A 245 0.01 1.99 29.59
CA GLY A 245 -0.61 1.42 28.39
C GLY A 245 -2.06 1.81 28.13
N GLN A 246 -2.68 2.59 29.03
CA GLN A 246 -4.04 3.08 28.81
C GLN A 246 -4.01 4.17 27.73
N VAL A 247 -4.77 3.99 26.65
CA VAL A 247 -4.83 4.97 25.58
C VAL A 247 -5.98 5.96 25.81
N ILE A 248 -5.69 7.27 25.82
CA ILE A 248 -6.70 8.32 25.97
C ILE A 248 -6.92 9.10 24.66
N THR A 249 -8.04 9.81 24.57
CA THR A 249 -8.37 10.59 23.39
C THR A 249 -8.44 12.08 23.74
N ILE A 250 -7.73 12.88 22.95
CA ILE A 250 -7.61 14.35 23.09
C ILE A 250 -8.31 14.94 21.86
N GLY A 251 -9.08 16.01 22.06
CA GLY A 251 -9.81 16.64 20.97
C GLY A 251 -9.51 18.11 20.88
N ASN A 252 -10.46 18.96 21.25
CA ASN A 252 -10.26 20.41 21.16
C ASN A 252 -9.20 20.96 22.12
N GLU A 253 -8.82 20.19 23.14
CA GLU A 253 -7.78 20.58 24.08
C GLU A 253 -6.43 20.77 23.37
N ARG A 254 -6.22 20.10 22.22
CA ARG A 254 -5.04 20.23 21.40
C ARG A 254 -4.77 21.72 21.05
N PHE A 255 -5.81 22.50 20.71
CA PHE A 255 -5.60 23.90 20.35
C PHE A 255 -6.09 24.91 21.41
N ARG A 256 -7.00 24.47 22.30
CA ARG A 256 -7.50 25.31 23.37
C ARG A 256 -6.40 25.61 24.38
N CYS A 257 -5.51 24.64 24.64
CA CYS A 257 -4.39 24.83 25.54
C CYS A 257 -3.46 26.01 25.08
N PRO A 258 -2.79 25.95 23.90
CA PRO A 258 -1.98 27.10 23.46
C PRO A 258 -2.79 28.37 23.15
N GLU A 259 -4.11 28.26 22.98
CA GLU A 259 -4.97 29.42 22.74
C GLU A 259 -4.90 30.45 23.86
N THR A 260 -4.61 29.99 25.08
CA THR A 260 -4.39 30.80 26.27
C THR A 260 -3.30 31.84 26.04
N LEU A 261 -2.29 31.54 25.21
CA LEU A 261 -1.25 32.52 24.89
C LEU A 261 -1.84 33.77 24.23
N PHE A 262 -2.87 33.60 23.41
CA PHE A 262 -3.55 34.70 22.72
C PHE A 262 -4.72 35.27 23.55
N GLN A 263 -5.35 34.41 24.37
CA GLN A 263 -6.46 34.77 25.21
C GLN A 263 -6.17 34.36 26.67
N PRO A 264 -5.37 35.15 27.41
CA PRO A 264 -5.05 34.79 28.79
C PRO A 264 -6.25 34.73 29.73
N SER A 265 -7.41 35.20 29.30
CA SER A 265 -8.64 35.12 30.09
C SER A 265 -9.07 33.65 30.29
N PHE A 266 -8.59 32.71 29.43
CA PHE A 266 -8.84 31.27 29.54
C PHE A 266 -8.38 30.76 30.89
N ILE A 267 -7.30 31.34 31.47
CA ILE A 267 -6.81 30.97 32.80
C ILE A 267 -7.10 32.05 33.87
N GLY A 268 -8.03 32.96 33.61
CA GLY A 268 -8.41 33.97 34.57
C GLY A 268 -7.55 35.22 34.60
N MET A 269 -6.61 35.34 33.67
CA MET A 269 -5.76 36.51 33.60
C MET A 269 -6.40 37.64 32.80
N GLU A 270 -6.38 38.85 33.37
CA GLU A 270 -6.91 40.03 32.68
C GLU A 270 -5.85 40.74 31.81
N SER A 271 -4.80 40.00 31.42
CA SER A 271 -3.69 40.45 30.59
C SER A 271 -4.02 40.29 29.11
N ALA A 272 -3.33 41.05 28.27
CA ALA A 272 -3.48 40.97 26.83
C ALA A 272 -2.69 39.76 26.31
N GLY A 273 -3.11 39.20 25.18
CA GLY A 273 -2.45 38.08 24.54
C GLY A 273 -1.12 38.44 23.93
N ILE A 274 -0.31 37.41 23.56
CA ILE A 274 1.04 37.59 23.03
C ILE A 274 1.08 38.44 21.76
N HIS A 275 0.02 38.43 20.97
CA HIS A 275 -0.07 39.25 19.76
C HIS A 275 -0.29 40.74 20.14
N GLU A 276 -1.06 40.99 21.20
CA GLU A 276 -1.35 42.34 21.66
C GLU A 276 -0.15 42.93 22.32
N THR A 277 0.56 42.16 23.16
CA THR A 277 1.76 42.64 23.83
C THR A 277 2.89 42.91 22.85
N THR A 278 2.95 42.14 21.73
CA THR A 278 3.97 42.37 20.70
C THR A 278 3.69 43.71 20.02
N TYR A 279 2.41 43.95 19.68
CA TYR A 279 1.96 45.19 19.04
C TYR A 279 2.21 46.38 20.00
N ASN A 280 1.81 46.23 21.26
CA ASN A 280 1.99 47.26 22.28
C ASN A 280 3.46 47.57 22.52
N SER A 281 4.34 46.57 22.40
CA SER A 281 5.77 46.79 22.56
C SER A 281 6.31 47.62 21.39
N ILE A 282 5.97 47.24 20.16
CA ILE A 282 6.36 47.97 18.97
C ILE A 282 5.87 49.42 19.01
N MET A 283 4.63 49.63 19.46
CA MET A 283 4.05 50.97 19.53
C MET A 283 4.71 51.90 20.57
N LYS A 284 5.36 51.34 21.62
CA LYS A 284 6.09 52.17 22.58
C LYS A 284 7.50 52.53 22.10
N CYS A 285 7.84 52.19 20.85
CA CYS A 285 9.14 52.44 20.28
C CYS A 285 9.02 53.58 19.29
N ASP A 286 10.14 54.20 18.97
CA ASP A 286 10.19 55.31 18.02
C ASP A 286 9.68 54.87 16.64
N ILE A 287 8.76 55.64 16.05
CA ILE A 287 8.15 55.40 14.71
C ILE A 287 9.18 54.96 13.67
N ASP A 288 10.36 55.59 13.70
CA ASP A 288 11.45 55.35 12.77
C ASP A 288 12.01 53.94 12.78
N ILE A 289 11.79 53.18 13.87
CA ILE A 289 12.29 51.81 13.96
C ILE A 289 11.19 50.75 13.89
N ARG A 290 9.91 51.15 13.99
CA ARG A 290 8.76 50.25 13.98
C ARG A 290 8.70 49.32 12.77
N LYS A 291 9.00 49.82 11.57
CA LYS A 291 9.05 49.04 10.33
C LYS A 291 10.08 47.90 10.44
N ASP A 292 11.19 48.15 11.14
CA ASP A 292 12.27 47.19 11.39
C ASP A 292 11.90 46.18 12.46
N LEU A 293 11.04 46.56 13.43
CA LEU A 293 10.61 45.64 14.48
C LEU A 293 9.57 44.70 13.87
N TYR A 294 8.57 45.26 13.15
CA TYR A 294 7.50 44.50 12.49
C TYR A 294 8.01 43.46 11.51
N ALA A 295 9.11 43.76 10.82
CA ALA A 295 9.68 42.83 9.84
C ALA A 295 10.69 41.86 10.43
N ASN A 296 10.97 41.93 11.74
CA ASN A 296 11.95 41.07 12.38
C ASN A 296 11.42 40.60 13.72
N ASN A 297 10.24 40.00 13.69
CA ASN A 297 9.63 39.44 14.88
C ASN A 297 10.19 38.04 15.06
N VAL A 298 11.03 37.83 16.09
CA VAL A 298 11.66 36.54 16.34
C VAL A 298 10.99 35.78 17.49
N MET A 299 10.63 34.49 17.26
CA MET A 299 10.09 33.67 18.33
C MET A 299 11.21 32.85 18.92
N SER A 300 11.25 32.77 20.23
CA SER A 300 12.22 31.94 20.92
C SER A 300 11.60 31.32 22.15
N GLY A 301 12.17 30.23 22.60
CA GLY A 301 11.67 29.51 23.76
C GLY A 301 10.82 28.31 23.38
N GLY A 302 10.69 27.39 24.31
CA GLY A 302 9.94 26.17 24.09
C GLY A 302 8.46 26.38 23.89
N THR A 303 7.87 27.39 24.55
CA THR A 303 6.43 27.64 24.43
C THR A 303 6.05 28.31 23.08
N THR A 304 7.03 28.64 22.21
CA THR A 304 6.69 29.09 20.85
C THR A 304 6.79 27.93 19.85
N MET A 305 7.02 26.69 20.31
CA MET A 305 7.21 25.55 19.43
C MET A 305 5.96 25.00 18.78
N TYR A 306 4.79 25.40 19.26
CA TYR A 306 3.52 24.90 18.73
C TYR A 306 3.35 25.10 17.26
N PRO A 307 2.98 24.03 16.53
CA PRO A 307 2.66 24.21 15.10
C PRO A 307 1.56 25.25 14.92
N GLY A 308 1.71 26.10 13.92
CA GLY A 308 0.72 27.13 13.65
C GLY A 308 0.86 28.43 14.42
N ILE A 309 1.75 28.53 15.41
CA ILE A 309 1.91 29.75 16.19
C ILE A 309 2.43 30.95 15.35
N ALA A 310 3.31 30.71 14.36
CA ALA A 310 3.83 31.79 13.52
C ALA A 310 2.79 32.29 12.56
N ASP A 311 1.97 31.41 12.00
CA ASP A 311 0.90 31.82 11.10
C ASP A 311 -0.18 32.58 11.85
N ARG A 312 -0.50 32.14 13.04
CA ARG A 312 -1.49 32.80 13.87
C ARG A 312 -0.96 34.17 14.28
N MET A 313 0.31 34.27 14.68
CA MET A 313 0.94 35.53 15.05
C MET A 313 1.00 36.50 13.87
N GLN A 314 1.36 36.00 12.68
CA GLN A 314 1.39 36.79 11.46
C GLN A 314 0.03 37.48 11.23
N LYS A 315 -1.07 36.70 11.33
CA LYS A 315 -2.44 37.12 11.14
C LYS A 315 -2.89 38.13 12.21
N GLU A 316 -2.59 37.85 13.49
CA GLU A 316 -2.98 38.73 14.57
C GLU A 316 -2.24 40.07 14.51
N ILE A 317 -0.94 40.06 14.18
CA ILE A 317 -0.15 41.30 14.04
C ILE A 317 -0.64 42.07 12.82
N THR A 318 -0.95 41.37 11.72
CA THR A 318 -1.47 41.99 10.50
C THR A 318 -2.78 42.74 10.74
N ALA A 319 -3.65 42.22 11.62
CA ALA A 319 -4.93 42.88 11.93
C ALA A 319 -4.76 44.11 12.82
N LEU A 320 -3.66 44.17 13.60
CA LEU A 320 -3.38 45.27 14.51
C LEU A 320 -2.57 46.40 13.86
N ALA A 321 -1.55 46.03 13.07
CA ALA A 321 -0.64 46.93 12.38
C ALA A 321 -1.31 47.67 11.20
N PRO A 322 -0.70 48.80 10.74
CA PRO A 322 -1.26 49.51 9.58
C PRO A 322 -1.28 48.61 8.34
N SER A 323 -2.31 48.75 7.51
CA SER A 323 -2.56 47.97 6.28
C SER A 323 -1.33 47.68 5.41
N THR A 324 -0.44 48.65 5.23
CA THR A 324 0.71 48.46 4.36
C THR A 324 1.98 48.04 5.10
N MET A 325 1.87 47.67 6.38
CA MET A 325 3.03 47.31 7.17
C MET A 325 3.48 45.90 6.81
N LYS A 326 4.79 45.75 6.50
CA LYS A 326 5.31 44.43 6.18
C LYS A 326 5.69 43.67 7.45
N ILE A 327 4.94 42.60 7.75
CA ILE A 327 5.12 41.77 8.92
C ILE A 327 5.82 40.46 8.60
N LYS A 328 6.85 40.13 9.40
CA LYS A 328 7.58 38.90 9.22
C LYS A 328 7.82 38.22 10.57
N ILE A 329 7.42 36.96 10.68
CA ILE A 329 7.62 36.16 11.89
C ILE A 329 8.73 35.14 11.58
N ILE A 330 9.80 35.18 12.37
CA ILE A 330 10.95 34.31 12.24
C ILE A 330 10.93 33.35 13.41
N ALA A 331 10.60 32.08 13.11
CA ALA A 331 10.52 31.04 14.10
C ALA A 331 11.48 29.94 13.69
N PRO A 332 12.76 30.05 14.09
CA PRO A 332 13.75 29.03 13.70
C PRO A 332 13.49 27.67 14.33
N PRO A 333 13.85 26.57 13.63
CA PRO A 333 13.58 25.22 14.19
C PRO A 333 14.23 24.94 15.56
N GLU A 334 15.37 25.53 15.79
CA GLU A 334 16.11 25.41 17.06
C GLU A 334 15.75 26.54 18.05
N ARG A 335 14.55 27.18 17.91
CA ARG A 335 14.22 28.32 18.76
C ARG A 335 14.11 27.99 20.24
N LYS A 336 14.04 26.71 20.59
CA LYS A 336 14.06 26.28 21.99
C LYS A 336 15.50 26.50 22.60
N TYR A 337 16.52 26.66 21.75
CA TYR A 337 17.92 26.82 22.12
C TYR A 337 18.58 28.12 21.63
N SER A 338 17.81 29.01 21.00
CA SER A 338 18.24 30.32 20.51
C SER A 338 19.01 31.16 21.53
N VAL A 339 18.54 31.18 22.81
CA VAL A 339 19.21 31.94 23.87
C VAL A 339 20.61 31.39 24.07
N TRP A 340 20.73 30.04 24.20
CA TRP A 340 22.01 29.40 24.39
C TRP A 340 22.91 29.64 23.18
N ILE A 341 22.38 29.46 21.96
CA ILE A 341 23.15 29.64 20.73
C ILE A 341 23.71 31.04 20.63
N GLY A 342 22.87 32.02 20.99
CA GLY A 342 23.23 33.43 20.99
C GLY A 342 24.39 33.71 21.90
N GLY A 343 24.36 33.13 23.10
CA GLY A 343 25.42 33.25 24.08
C GLY A 343 26.71 32.65 23.58
N SER A 344 26.63 31.46 22.95
CA SER A 344 27.78 30.81 22.36
C SER A 344 28.36 31.69 21.23
N ILE A 345 27.52 32.28 20.38
CA ILE A 345 28.01 33.19 19.32
C ILE A 345 28.70 34.40 19.95
N LEU A 346 28.05 35.00 20.95
CA LEU A 346 28.58 36.19 21.60
C LEU A 346 29.93 35.94 22.27
N ALA A 347 29.98 34.98 23.21
CA ALA A 347 31.20 34.67 23.94
C ALA A 347 32.32 34.09 23.07
N SER A 348 32.02 33.63 21.85
CA SER A 348 33.06 33.08 20.97
C SER A 348 33.71 34.14 20.05
N LEU A 349 33.19 35.38 20.06
CA LEU A 349 33.74 36.45 19.26
C LEU A 349 34.96 37.03 19.92
N SER A 350 36.07 37.05 19.18
CA SER A 350 37.33 37.66 19.67
C SER A 350 37.08 39.07 20.19
N THR A 351 36.40 39.89 19.41
CA THR A 351 36.23 41.31 19.82
C THR A 351 35.23 41.42 20.98
N PHE A 352 34.88 40.30 21.62
CA PHE A 352 34.02 40.36 22.83
C PHE A 352 34.93 40.05 24.01
N GLN A 353 36.05 39.38 23.71
CA GLN A 353 37.03 39.08 24.75
C GLN A 353 37.53 40.31 25.54
N GLN A 354 37.11 41.51 25.16
CA GLN A 354 37.43 42.72 25.89
C GLN A 354 36.18 43.37 26.54
N MET A 355 35.13 42.58 26.80
CA MET A 355 33.88 43.01 27.45
C MET A 355 33.62 42.18 28.75
N TRP A 356 34.35 41.06 28.93
CA TRP A 356 34.24 40.22 30.11
C TRP A 356 34.64 41.04 31.33
N ILE A 357 33.92 40.86 32.43
CA ILE A 357 34.27 41.50 33.68
C ILE A 357 35.31 40.53 34.27
N THR A 358 36.57 40.97 34.42
CA THR A 358 37.62 40.06 34.94
C THR A 358 37.58 39.97 36.48
N LYS A 359 38.18 38.91 37.03
CA LYS A 359 38.27 38.75 38.49
C LYS A 359 39.05 39.92 39.12
N GLN A 360 40.03 40.49 38.38
CA GLN A 360 40.80 41.65 38.81
C GLN A 360 39.85 42.84 39.00
N GLU A 361 39.03 43.15 37.98
CA GLU A 361 38.05 44.23 38.02
C GLU A 361 37.00 44.02 39.13
N TYR A 362 36.65 42.76 39.42
CA TYR A 362 35.70 42.47 40.48
C TYR A 362 36.31 42.74 41.86
N ASP A 363 37.54 42.27 42.09
CA ASP A 363 38.21 42.49 43.39
C ASP A 363 38.34 43.97 43.72
N GLU A 364 38.55 44.81 42.68
CA GLU A 364 38.71 46.24 42.84
C GLU A 364 37.43 47.04 42.96
N ALA A 365 36.38 46.70 42.16
CA ALA A 365 35.14 47.46 42.16
C ALA A 365 33.97 46.85 42.94
N GLY A 366 33.96 45.54 43.07
CA GLY A 366 32.88 44.82 43.73
C GLY A 366 31.75 44.46 42.79
N PRO A 367 30.63 43.91 43.30
CA PRO A 367 29.52 43.51 42.42
C PRO A 367 28.90 44.60 41.53
N SER A 368 29.16 45.88 41.80
CA SER A 368 28.65 46.99 41.00
C SER A 368 29.24 47.06 39.58
N ILE A 369 30.38 46.36 39.33
CA ILE A 369 31.08 46.36 38.04
C ILE A 369 30.20 45.84 36.89
N VAL A 370 29.25 44.94 37.19
CA VAL A 370 28.32 44.36 36.21
C VAL A 370 27.40 45.45 35.56
N HIS A 371 27.32 46.66 36.16
CA HIS A 371 26.54 47.78 35.63
C HIS A 371 27.49 48.89 35.15
N LYS B 16 21.55 23.44 -8.91
CA LYS B 16 21.96 22.05 -9.17
C LYS B 16 22.94 21.55 -8.08
N THR B 17 23.97 22.36 -7.79
CA THR B 17 25.00 22.08 -6.82
C THR B 17 24.58 22.54 -5.42
N TYR B 18 24.89 21.72 -4.40
CA TYR B 18 24.62 22.10 -3.02
C TYR B 18 25.79 22.96 -2.60
N GLN B 19 25.52 24.20 -2.22
CA GLN B 19 26.56 25.11 -1.76
C GLN B 19 26.14 25.75 -0.46
N SER B 20 26.99 25.62 0.55
CA SER B 20 26.77 26.22 1.85
C SER B 20 28.14 26.42 2.44
N ARG B 21 28.56 27.70 2.60
CA ARG B 21 29.88 28.04 3.12
C ARG B 21 31.01 27.31 2.30
N ASP B 22 31.86 26.48 2.94
CA ASP B 22 32.93 25.74 2.27
C ASP B 22 32.52 24.34 1.77
N LEU B 23 31.24 24.00 1.86
CA LEU B 23 30.75 22.70 1.44
C LEU B 23 30.11 22.77 0.06
N VAL B 24 30.68 22.06 -0.91
CA VAL B 24 30.15 22.03 -2.26
C VAL B 24 29.92 20.59 -2.68
N LEU B 25 28.69 20.24 -3.07
CA LEU B 25 28.40 18.89 -3.52
C LEU B 25 27.85 18.92 -4.94
N GLU B 26 28.42 18.08 -5.80
CA GLU B 26 27.98 17.97 -7.18
C GLU B 26 26.87 16.92 -7.26
N PRO B 27 25.86 17.13 -8.12
CA PRO B 27 24.80 16.12 -8.26
C PRO B 27 25.34 14.82 -8.81
N ILE B 28 24.91 13.72 -8.21
CA ILE B 28 25.37 12.38 -8.64
C ILE B 28 25.11 12.23 -10.13
N GLN B 29 26.16 11.92 -10.89
CA GLN B 29 26.04 11.76 -12.36
C GLN B 29 25.28 10.47 -12.65
N HIS B 30 25.99 9.34 -12.69
CA HIS B 30 25.34 8.05 -13.03
C HIS B 30 25.07 7.27 -11.75
N PRO B 31 23.79 7.08 -11.37
CA PRO B 31 23.45 6.41 -10.12
C PRO B 31 23.87 4.93 -10.12
N LYS B 32 24.68 4.51 -9.14
CA LYS B 32 25.10 3.10 -9.04
C LYS B 32 24.10 2.34 -8.16
N SER B 33 23.94 1.04 -8.39
CA SER B 33 23.04 0.31 -7.50
C SER B 33 23.88 -0.44 -6.49
N ILE B 34 23.55 -0.31 -5.20
CA ILE B 34 24.33 -0.99 -4.16
C ILE B 34 23.56 -2.16 -3.60
N GLU B 35 24.19 -3.32 -3.63
CA GLU B 35 23.59 -4.52 -3.10
C GLU B 35 23.68 -4.44 -1.56
N LEU B 36 22.52 -4.57 -0.90
CA LEU B 36 22.47 -4.46 0.55
C LEU B 36 21.96 -5.73 1.16
N GLY B 37 22.46 -6.08 2.34
CA GLY B 37 21.99 -7.27 3.03
C GLY B 37 20.67 -7.09 3.73
N MET B 38 20.27 -5.84 4.02
CA MET B 38 19.00 -5.58 4.70
C MET B 38 17.84 -5.86 3.74
N PRO B 39 16.85 -6.67 4.14
CA PRO B 39 15.73 -6.94 3.24
C PRO B 39 14.97 -5.68 2.91
N GLU B 40 14.54 -5.55 1.63
CA GLU B 40 13.82 -4.38 1.11
C GLU B 40 12.65 -3.99 2.00
N VAL B 41 11.97 -4.99 2.55
CA VAL B 41 10.82 -4.80 3.40
C VAL B 41 11.22 -4.11 4.74
N ASP B 42 12.41 -4.43 5.31
CA ASP B 42 12.94 -3.79 6.53
C ASP B 42 13.38 -2.38 6.22
N GLN B 43 13.90 -2.13 4.99
CA GLN B 43 14.25 -0.78 4.56
C GLN B 43 13.01 0.10 4.56
N SER B 44 11.90 -0.43 4.00
CA SER B 44 10.62 0.24 3.97
C SER B 44 10.12 0.57 5.39
N VAL B 45 10.20 -0.38 6.34
CA VAL B 45 9.82 -0.14 7.73
C VAL B 45 10.64 1.01 8.33
N LEU B 46 11.97 0.97 8.16
CA LEU B 46 12.84 2.00 8.68
C LEU B 46 12.62 3.36 8.03
N ALA B 47 12.28 3.39 6.73
CA ALA B 47 11.94 4.65 6.06
C ALA B 47 10.66 5.26 6.71
N GLU B 48 9.72 4.38 7.14
CA GLU B 48 8.50 4.83 7.79
C GLU B 48 8.77 5.30 9.22
N VAL B 49 9.60 4.57 9.98
CA VAL B 49 9.98 4.94 11.35
C VAL B 49 10.65 6.33 11.35
N ALA B 50 11.57 6.55 10.40
CA ALA B 50 12.27 7.82 10.21
C ALA B 50 11.28 8.99 10.06
N GLU B 51 10.22 8.79 9.25
CA GLU B 51 9.19 9.77 9.00
C GLU B 51 8.28 9.97 10.22
N ARG B 52 7.78 8.89 10.81
CA ARG B 52 6.92 8.96 11.99
C ARG B 52 7.58 9.69 13.16
N GLU B 53 8.82 9.28 13.48
CA GLU B 53 9.59 9.79 14.59
C GLU B 53 10.35 11.08 14.32
N ASN B 54 10.47 11.49 13.04
CA ASN B 54 11.20 12.69 12.63
C ASN B 54 12.68 12.60 13.04
N VAL B 55 13.28 11.45 12.74
CA VAL B 55 14.68 11.19 13.04
C VAL B 55 15.37 10.61 11.80
N ILE B 56 16.69 10.78 11.72
CA ILE B 56 17.53 10.17 10.69
C ILE B 56 18.17 8.95 11.35
N ILE B 57 17.95 7.76 10.81
CA ILE B 57 18.47 6.53 11.40
C ILE B 57 19.51 5.92 10.47
N GLY B 58 20.72 5.72 10.95
CA GLY B 58 21.77 5.08 10.18
C GLY B 58 22.01 3.69 10.71
N VAL B 59 22.16 2.70 9.82
CA VAL B 59 22.41 1.29 10.20
C VAL B 59 23.70 0.84 9.51
N ARG B 60 24.59 0.21 10.28
CA ARG B 60 25.87 -0.29 9.79
C ARG B 60 25.64 -1.42 8.76
N PRO B 61 26.67 -1.81 7.95
CA PRO B 61 26.44 -2.81 6.91
C PRO B 61 25.93 -4.16 7.37
N VAL B 62 25.22 -4.79 6.48
CA VAL B 62 24.78 -6.16 6.62
C VAL B 62 25.16 -6.83 5.29
N ASP B 63 25.86 -7.97 5.39
CA ASP B 63 26.32 -8.66 4.20
C ASP B 63 25.14 -9.13 3.37
N GLU B 64 25.22 -8.94 2.05
CA GLU B 64 24.17 -9.33 1.12
C GLU B 64 23.64 -10.74 1.31
N LYS B 65 24.51 -11.69 1.65
CA LYS B 65 24.07 -13.07 1.82
C LYS B 65 23.24 -13.30 3.10
N SER B 66 23.22 -12.33 4.02
CA SER B 66 22.38 -12.44 5.21
C SER B 66 20.92 -12.12 4.92
N LYS B 67 20.62 -11.57 3.71
CA LYS B 67 19.29 -11.09 3.34
C LYS B 67 18.16 -12.07 3.53
N SER B 68 18.25 -13.27 2.92
CA SER B 68 17.19 -14.24 3.02
C SER B 68 17.06 -14.81 4.44
N LEU B 69 18.18 -14.85 5.20
CA LEU B 69 18.12 -15.30 6.59
C LEU B 69 17.28 -14.30 7.42
N ILE B 70 17.50 -12.99 7.24
CA ILE B 70 16.73 -12.00 7.98
C ILE B 70 15.30 -12.00 7.46
N ALA B 71 15.13 -12.04 6.12
CA ALA B 71 13.81 -12.03 5.51
C ALA B 71 12.91 -13.17 6.00
N SER B 72 13.49 -14.35 6.26
CA SER B 72 12.75 -15.51 6.74
C SER B 72 12.07 -15.29 8.09
N LYS B 73 12.65 -14.42 8.94
CA LYS B 73 12.16 -14.11 10.28
C LYS B 73 12.19 -15.30 11.25
N MET B 74 12.98 -16.33 10.94
CA MET B 74 13.13 -17.52 11.77
C MET B 74 14.18 -17.40 12.86
N TYR B 75 15.13 -16.45 12.72
CA TYR B 75 16.27 -16.38 13.61
C TYR B 75 16.34 -15.19 14.57
N SER B 76 16.91 -15.48 15.72
CA SER B 76 17.32 -14.47 16.67
C SER B 76 18.71 -13.98 16.14
N SER B 77 19.15 -12.84 16.63
CA SER B 77 20.43 -12.28 16.23
C SER B 77 21.29 -11.99 17.45
N LYS B 78 22.58 -11.77 17.21
CA LYS B 78 23.58 -11.52 18.24
C LYS B 78 23.54 -10.14 18.90
N GLY B 79 23.51 -10.16 20.23
CA GLY B 79 23.57 -8.94 21.03
C GLY B 79 24.95 -8.72 21.60
N LEU B 80 25.08 -7.80 22.55
CA LEU B 80 26.37 -7.50 23.15
C LEU B 80 27.01 -8.69 23.89
N PHE B 81 26.26 -9.75 24.22
CA PHE B 81 26.84 -10.95 24.87
C PHE B 81 27.45 -11.95 23.88
N VAL B 82 27.28 -11.71 22.57
CA VAL B 82 27.86 -12.54 21.52
C VAL B 82 28.74 -11.62 20.69
N LYS B 83 30.01 -11.47 21.12
CA LYS B 83 30.93 -10.57 20.41
C LYS B 83 31.63 -11.23 19.20
N ALA B 84 31.56 -12.56 19.09
CA ALA B 84 32.08 -13.33 17.97
C ALA B 84 31.45 -12.84 16.66
N LYS B 85 32.24 -12.66 15.61
CA LYS B 85 31.73 -12.17 14.33
C LYS B 85 30.97 -13.19 13.54
N SER B 86 30.08 -12.70 12.68
CA SER B 86 29.38 -13.56 11.74
C SER B 86 30.35 -13.86 10.57
N SER B 87 30.03 -14.86 9.76
CA SER B 87 30.83 -15.16 8.58
C SER B 87 30.18 -14.51 7.36
N ASP B 88 31.01 -14.08 6.41
CA ASP B 88 30.51 -13.52 5.15
C ASP B 88 30.95 -14.38 3.94
N TRP B 89 31.27 -15.66 4.17
CA TRP B 89 31.73 -16.54 3.11
C TRP B 89 31.39 -17.99 3.46
N GLY B 90 31.48 -18.89 2.48
CA GLY B 90 31.20 -20.31 2.68
C GLY B 90 29.77 -20.71 3.00
N PRO B 91 29.57 -21.95 3.42
CA PRO B 91 28.22 -22.39 3.81
C PRO B 91 27.73 -21.76 5.12
N MET B 92 28.65 -21.23 5.93
CA MET B 92 28.32 -20.55 7.19
C MET B 92 28.01 -19.06 7.04
N SER B 93 27.94 -18.56 5.80
CA SER B 93 27.63 -17.18 5.54
C SER B 93 26.30 -16.72 6.20
N GLY B 94 26.39 -15.65 6.97
CA GLY B 94 25.23 -15.13 7.69
C GLY B 94 25.06 -15.69 9.10
N PHE B 95 25.85 -16.74 9.43
CA PHE B 95 25.81 -17.35 10.76
C PHE B 95 27.10 -17.07 11.51
N ILE B 96 27.18 -17.48 12.77
CA ILE B 96 28.31 -17.15 13.62
C ILE B 96 29.11 -18.38 13.96
N PRO B 97 30.19 -18.67 13.21
CA PRO B 97 30.96 -19.90 13.49
C PRO B 97 31.60 -19.92 14.86
N VAL B 98 31.58 -21.07 15.53
CA VAL B 98 32.23 -21.19 16.83
C VAL B 98 33.78 -21.06 16.60
N ASP B 99 34.28 -21.62 15.50
CA ASP B 99 35.67 -21.49 15.09
C ASP B 99 35.72 -20.22 14.22
N GLN B 100 36.16 -19.12 14.83
CA GLN B 100 36.20 -17.80 14.20
C GLN B 100 37.18 -17.66 13.01
N SER B 101 37.97 -18.71 12.72
CA SER B 101 38.79 -18.70 11.50
C SER B 101 37.86 -18.81 10.27
N PHE B 102 36.59 -19.25 10.47
CA PHE B 102 35.58 -19.32 9.43
C PHE B 102 34.66 -18.06 9.41
N ALA B 103 34.96 -17.03 10.22
CA ALA B 103 34.18 -15.80 10.30
C ALA B 103 34.68 -14.72 9.24
N LYS B 104 34.13 -13.48 9.25
CA LYS B 104 34.55 -12.43 8.35
C LYS B 104 36.02 -12.04 8.65
N ALA B 105 36.66 -11.31 7.72
CA ALA B 105 38.08 -10.93 7.83
C ALA B 105 38.49 -10.28 9.15
N SER B 106 37.67 -9.38 9.71
CA SER B 106 38.01 -8.70 10.95
C SER B 106 38.21 -9.66 12.12
N ALA B 107 37.47 -10.78 12.14
CA ALA B 107 37.63 -11.76 13.21
C ALA B 107 38.90 -12.57 13.00
N ARG B 108 39.19 -12.95 11.75
CA ARG B 108 40.41 -13.71 11.42
C ARG B 108 41.69 -12.92 11.75
N ARG B 109 41.64 -11.59 11.66
CA ARG B 109 42.77 -10.73 12.00
C ARG B 109 43.14 -10.78 13.50
N ASP B 110 42.21 -11.21 14.36
CA ASP B 110 42.48 -11.33 15.80
C ASP B 110 41.83 -12.60 16.32
N LEU B 111 42.16 -13.70 15.65
CA LEU B 111 41.67 -15.05 15.88
C LEU B 111 41.58 -15.48 17.34
N GLU B 112 42.59 -15.21 18.15
CA GLU B 112 42.61 -15.62 19.55
C GLU B 112 41.54 -14.93 20.40
N LYS B 113 41.33 -13.64 20.15
CA LYS B 113 40.37 -12.82 20.87
C LYS B 113 38.93 -13.21 20.50
N PHE B 114 38.67 -13.41 19.20
CA PHE B 114 37.34 -13.76 18.72
C PHE B 114 36.98 -15.21 19.04
N ASN B 115 37.98 -16.13 19.10
CA ASN B 115 37.69 -17.51 19.51
C ASN B 115 37.28 -17.51 21.00
N GLU B 116 37.96 -16.69 21.82
CA GLU B 116 37.62 -16.58 23.26
C GLU B 116 36.22 -16.00 23.42
N TYR B 117 35.80 -15.09 22.53
CA TYR B 117 34.46 -14.51 22.58
C TYR B 117 33.43 -15.61 22.36
N ALA B 118 33.59 -16.36 21.24
CA ALA B 118 32.77 -17.48 20.85
C ALA B 118 32.63 -18.50 21.99
N GLU B 119 33.75 -18.94 22.57
CA GLU B 119 33.73 -19.91 23.65
C GLU B 119 33.11 -19.39 24.92
N GLN B 120 33.43 -18.16 25.36
CA GLN B 120 32.88 -17.65 26.60
C GLN B 120 31.39 -17.43 26.50
N SER B 121 30.87 -17.01 25.33
CA SER B 121 29.43 -16.77 25.19
C SER B 121 28.63 -18.07 25.43
N ILE B 122 29.16 -19.20 24.93
CA ILE B 122 28.61 -20.56 25.09
C ILE B 122 28.84 -21.09 26.53
N LEU B 123 30.07 -20.97 27.04
CA LEU B 123 30.38 -21.47 28.37
C LEU B 123 29.66 -20.74 29.49
N SER B 124 29.29 -19.48 29.26
CA SER B 124 28.59 -18.65 30.22
C SER B 124 27.04 -18.83 30.15
N GLY B 125 26.55 -19.50 29.10
CA GLY B 125 25.11 -19.69 28.94
C GLY B 125 24.40 -18.67 28.08
N ASN B 126 25.12 -17.66 27.57
CA ASN B 126 24.50 -16.65 26.68
C ASN B 126 24.36 -17.13 25.21
N ALA B 127 24.70 -18.40 24.92
CA ALA B 127 24.64 -19.03 23.61
C ALA B 127 24.91 -20.54 23.76
N VAL B 128 24.59 -21.35 22.75
CA VAL B 128 24.90 -22.79 22.76
C VAL B 128 25.76 -23.12 21.53
N SER B 129 26.38 -24.30 21.50
CA SER B 129 27.09 -24.75 20.32
C SER B 129 26.07 -25.50 19.52
N ALA B 130 25.74 -25.01 18.33
CA ALA B 130 24.73 -25.64 17.50
C ALA B 130 25.31 -26.16 16.21
N ASN B 131 24.66 -27.17 15.62
CA ASN B 131 25.05 -27.68 14.31
C ASN B 131 24.51 -26.75 13.21
N LEU B 132 25.14 -26.76 12.03
CA LEU B 132 24.71 -25.91 10.92
C LEU B 132 23.98 -26.73 9.88
N TYR B 133 22.68 -26.45 9.70
CA TYR B 133 21.87 -27.09 8.69
C TYR B 133 21.48 -26.06 7.66
N LEU B 134 21.55 -26.41 6.37
CA LEU B 134 21.14 -25.52 5.28
C LEU B 134 20.08 -26.18 4.42
N ASN B 135 19.04 -25.43 4.00
CA ASN B 135 18.04 -26.01 3.09
C ASN B 135 18.51 -25.94 1.63
N GLN B 136 17.78 -26.58 0.70
CA GLN B 136 18.14 -26.61 -0.72
C GLN B 136 18.10 -25.21 -1.33
N VAL B 137 17.17 -24.38 -0.88
CA VAL B 137 16.99 -23.01 -1.36
C VAL B 137 18.22 -22.17 -1.05
N ARG B 138 18.78 -22.35 0.14
CA ARG B 138 19.98 -21.66 0.61
C ARG B 138 21.21 -22.11 -0.15
N ILE B 139 21.35 -23.44 -0.36
CA ILE B 139 22.45 -24.03 -1.11
C ILE B 139 22.42 -23.54 -2.54
N GLU B 140 21.25 -23.56 -3.19
CA GLU B 140 21.11 -23.07 -4.55
C GLU B 140 21.42 -21.57 -4.67
N GLU B 141 21.08 -20.80 -3.63
CA GLU B 141 21.34 -19.36 -3.58
C GLU B 141 22.85 -19.13 -3.47
N LEU B 142 23.54 -19.87 -2.58
CA LEU B 142 24.99 -19.73 -2.43
C LEU B 142 25.77 -20.17 -3.68
N VAL B 143 25.28 -21.19 -4.38
CA VAL B 143 25.92 -21.69 -5.59
C VAL B 143 25.63 -20.79 -6.83
N SER B 144 24.35 -20.59 -7.16
CA SER B 144 23.94 -19.85 -8.35
C SER B 144 23.84 -18.35 -8.20
N LYS B 145 23.21 -17.84 -7.13
CA LYS B 145 23.04 -16.40 -6.94
C LYS B 145 24.33 -15.67 -6.55
N TYR B 146 24.97 -16.04 -5.42
CA TYR B 146 26.16 -15.35 -4.97
C TYR B 146 27.50 -15.99 -5.37
N GLU B 147 27.48 -17.22 -5.93
CA GLU B 147 28.71 -17.95 -6.30
C GLU B 147 29.72 -18.07 -5.16
N SER B 148 29.19 -18.14 -3.94
CA SER B 148 29.89 -18.29 -2.67
C SER B 148 30.36 -19.74 -2.46
N LEU B 149 29.65 -20.72 -3.05
CA LEU B 149 29.98 -22.13 -2.97
C LEU B 149 30.12 -22.68 -4.38
N THR B 150 31.10 -23.56 -4.62
CA THR B 150 31.23 -24.20 -5.93
C THR B 150 30.22 -25.35 -6.03
N PRO B 151 29.78 -25.73 -7.26
CA PRO B 151 28.79 -26.83 -7.40
C PRO B 151 29.14 -28.10 -6.62
N LEU B 152 28.11 -28.78 -6.08
CA LEU B 152 28.33 -29.97 -5.27
C LEU B 152 28.68 -31.22 -6.07
N GLU B 153 29.51 -32.10 -5.49
CA GLU B 153 29.91 -33.36 -6.10
C GLU B 153 29.97 -34.45 -5.06
N LEU B 154 29.42 -35.64 -5.37
CA LEU B 154 29.45 -36.74 -4.40
C LEU B 154 30.90 -37.16 -4.16
N ASP B 155 31.34 -37.04 -2.92
CA ASP B 155 32.71 -37.42 -2.58
C ASP B 155 32.79 -38.93 -2.17
N VAL B 156 33.73 -39.66 -2.81
CA VAL B 156 34.02 -41.09 -2.66
C VAL B 156 34.15 -41.52 -1.17
N ASP B 157 33.36 -42.52 -0.77
CA ASP B 157 33.29 -43.09 0.60
C ASP B 157 32.44 -42.24 1.57
N SER B 158 32.87 -41.01 1.90
CA SER B 158 32.26 -40.02 2.79
C SER B 158 30.73 -40.04 2.74
N GLY B 159 30.18 -40.07 1.55
CA GLY B 159 28.75 -40.10 1.33
C GLY B 159 28.11 -38.73 1.27
N MET B 160 28.88 -37.66 1.48
CA MET B 160 28.36 -36.31 1.45
C MET B 160 28.70 -35.59 0.14
N TYR B 161 28.16 -34.38 -0.03
CA TYR B 161 28.41 -33.58 -1.21
C TYR B 161 29.47 -32.56 -0.93
N LYS B 162 30.61 -32.70 -1.59
CA LYS B 162 31.71 -31.80 -1.42
C LYS B 162 31.49 -30.49 -2.18
N THR B 163 31.83 -29.39 -1.55
CA THR B 163 31.78 -28.04 -2.10
C THR B 163 33.00 -27.28 -1.59
N THR B 164 33.40 -26.22 -2.30
CA THR B 164 34.56 -25.43 -1.88
C THR B 164 34.19 -23.94 -1.74
N ALA B 165 34.91 -23.23 -0.87
CA ALA B 165 34.64 -21.81 -0.64
C ALA B 165 35.93 -21.07 -0.36
N THR B 166 36.02 -19.83 -0.83
CA THR B 166 37.22 -19.02 -0.59
C THR B 166 36.94 -17.89 0.40
N ASN B 167 37.90 -17.61 1.26
CA ASN B 167 37.82 -16.48 2.18
C ASN B 167 38.59 -15.23 1.64
N GLY B 168 39.15 -15.32 0.44
CA GLY B 168 39.96 -14.27 -0.16
C GLY B 168 41.41 -14.73 -0.24
N ASP B 169 41.86 -15.49 0.77
CA ASP B 169 43.24 -15.98 0.82
C ASP B 169 43.38 -17.46 0.52
N GLN B 170 42.43 -18.27 0.99
CA GLN B 170 42.51 -19.71 0.77
C GLN B 170 41.15 -20.36 0.52
N THR B 171 41.16 -21.47 -0.26
CA THR B 171 39.97 -22.22 -0.61
C THR B 171 39.90 -23.41 0.34
N ILE B 172 38.79 -23.54 1.08
CA ILE B 172 38.59 -24.60 2.07
C ILE B 172 37.44 -25.52 1.62
N PRO B 173 37.61 -26.84 1.77
CA PRO B 173 36.52 -27.74 1.38
C PRO B 173 35.48 -27.92 2.49
N PHE B 174 34.21 -28.09 2.11
CA PHE B 174 33.08 -28.33 3.00
C PHE B 174 32.26 -29.49 2.46
N PHE B 175 31.58 -30.21 3.34
CA PHE B 175 30.82 -31.40 2.95
C PHE B 175 29.41 -31.34 3.49
N LEU B 176 28.39 -31.55 2.65
CA LEU B 176 27.00 -31.47 3.11
C LEU B 176 26.34 -32.83 3.18
N ASN B 177 25.89 -33.21 4.36
CA ASN B 177 25.22 -34.49 4.57
C ASN B 177 23.70 -34.31 4.58
N LYS B 178 22.96 -35.09 3.77
CA LYS B 178 21.50 -35.00 3.78
C LYS B 178 21.00 -35.60 5.09
N VAL B 179 20.19 -34.81 5.79
CA VAL B 179 19.66 -35.25 7.10
C VAL B 179 18.19 -34.89 7.14
N THR B 180 17.50 -35.31 8.20
CA THR B 180 16.08 -34.92 8.35
C THR B 180 15.90 -34.46 9.80
N VAL B 181 15.74 -33.15 10.01
CA VAL B 181 15.52 -32.61 11.37
C VAL B 181 14.09 -32.07 11.42
N ASP B 182 13.38 -32.32 12.51
CA ASP B 182 11.97 -31.89 12.60
C ASP B 182 11.28 -32.27 11.29
N ASP B 183 11.55 -33.47 10.78
CA ASP B 183 10.88 -33.96 9.56
C ASP B 183 11.22 -33.14 8.29
N LYS B 184 12.04 -32.08 8.41
CA LYS B 184 12.47 -31.26 7.28
C LYS B 184 13.73 -31.88 6.69
N GLU B 185 13.84 -31.96 5.33
CA GLU B 185 15.07 -32.47 4.72
C GLU B 185 16.07 -31.34 4.58
N LEU B 186 17.22 -31.46 5.24
CA LEU B 186 18.23 -30.42 5.28
C LEU B 186 19.64 -30.96 4.92
N TRP B 187 20.64 -30.07 4.83
CA TRP B 187 22.01 -30.46 4.54
C TRP B 187 22.86 -30.00 5.69
N GLN B 188 23.39 -30.94 6.48
CA GLN B 188 24.22 -30.61 7.61
C GLN B 188 25.62 -30.29 7.11
N VAL B 189 26.18 -29.19 7.57
CA VAL B 189 27.51 -28.77 7.14
C VAL B 189 28.62 -29.43 7.95
N HIS B 190 29.56 -30.03 7.23
CA HIS B 190 30.72 -30.73 7.77
C HIS B 190 32.01 -30.13 7.21
N TYR B 191 33.11 -30.33 7.92
CA TYR B 191 34.41 -29.80 7.52
C TYR B 191 35.55 -30.67 8.07
N LEU B 192 36.75 -30.50 7.54
CA LEU B 192 37.89 -31.27 7.98
C LEU B 192 38.58 -30.64 9.17
N ARG B 193 38.52 -31.33 10.30
CA ARG B 193 39.15 -30.91 11.55
C ARG B 193 40.20 -32.00 11.78
N GLU B 194 41.49 -31.66 11.57
CA GLU B 194 42.61 -32.58 11.68
C GLU B 194 42.50 -33.76 10.69
N GLY B 195 42.13 -33.44 9.45
CA GLY B 195 41.95 -34.44 8.39
C GLY B 195 40.77 -35.37 8.56
N GLU B 196 39.95 -35.12 9.59
CA GLU B 196 38.79 -35.95 9.88
C GLU B 196 37.53 -35.12 9.75
N LEU B 197 36.48 -35.71 9.16
CA LEU B 197 35.16 -35.11 9.00
C LEU B 197 34.61 -34.72 10.38
N ALA B 198 34.09 -33.51 10.49
CA ALA B 198 33.57 -33.02 11.76
C ALA B 198 32.33 -32.15 11.49
N PRO B 199 31.31 -32.23 12.36
CA PRO B 199 30.12 -31.35 12.14
C PRO B 199 30.52 -29.89 12.42
N PHE B 200 30.13 -28.99 11.52
CA PHE B 200 30.43 -27.58 11.66
C PHE B 200 29.59 -26.98 12.82
N LYS B 201 30.22 -26.21 13.71
CA LYS B 201 29.50 -25.58 14.80
C LYS B 201 29.31 -24.09 14.62
N VAL B 202 28.09 -23.63 14.85
CA VAL B 202 27.75 -22.21 14.87
C VAL B 202 27.12 -21.84 16.24
N ILE B 203 27.10 -20.55 16.57
CA ILE B 203 26.54 -20.05 17.80
C ILE B 203 25.03 -20.01 17.70
N GLY B 204 24.37 -20.73 18.62
CA GLY B 204 22.92 -20.80 18.69
C GLY B 204 22.37 -20.00 19.86
N ASP B 205 21.09 -19.67 19.82
CA ASP B 205 20.37 -18.91 20.83
C ASP B 205 20.30 -19.71 22.13
N PRO B 206 20.53 -19.07 23.30
CA PRO B 206 20.56 -19.82 24.57
C PRO B 206 19.24 -20.45 25.02
N VAL B 207 18.13 -20.06 24.40
CA VAL B 207 16.81 -20.55 24.76
C VAL B 207 16.30 -21.49 23.66
N SER B 208 16.29 -21.05 22.40
CA SER B 208 15.77 -21.88 21.32
C SER B 208 16.78 -22.86 20.74
N LYS B 209 18.09 -22.66 21.02
CA LYS B 209 19.20 -23.47 20.49
C LYS B 209 19.41 -23.28 18.97
N GLN B 210 18.71 -22.35 18.34
CA GLN B 210 18.83 -22.13 16.90
C GLN B 210 19.95 -21.17 16.55
N PRO B 211 20.68 -21.42 15.44
CA PRO B 211 21.76 -20.51 15.05
C PRO B 211 21.33 -19.06 14.94
N MET B 212 22.11 -18.12 15.49
CA MET B 212 21.79 -16.71 15.41
C MET B 212 22.41 -16.09 14.14
N THR B 213 21.82 -15.00 13.68
CA THR B 213 22.31 -14.26 12.53
C THR B 213 22.98 -12.95 13.04
N ALA B 214 23.53 -12.15 12.12
CA ALA B 214 24.03 -10.83 12.45
C ALA B 214 22.82 -9.95 12.88
N ASP B 215 23.11 -8.90 13.65
CA ASP B 215 22.10 -7.94 14.09
C ASP B 215 22.09 -6.71 13.16
N TYR B 216 21.21 -5.75 13.45
CA TYR B 216 21.25 -4.46 12.79
C TYR B 216 21.92 -3.60 13.81
N ASP B 217 23.09 -3.08 13.47
CA ASP B 217 23.78 -2.17 14.38
C ASP B 217 23.48 -0.75 13.99
N LEU B 218 22.82 0.03 14.87
CA LEU B 218 22.60 1.46 14.60
C LEU B 218 23.95 2.14 14.55
N LEU B 219 24.24 2.84 13.46
CA LEU B 219 25.45 3.61 13.32
C LEU B 219 25.25 4.94 14.09
N THR B 220 24.14 5.59 13.87
CA THR B 220 23.78 6.85 14.53
C THR B 220 22.29 7.12 14.37
N VAL B 221 21.76 8.01 15.22
CA VAL B 221 20.39 8.47 15.16
C VAL B 221 20.47 10.01 15.31
N MET B 222 20.06 10.76 14.28
CA MET B 222 20.07 12.21 14.29
C MET B 222 18.66 12.74 14.54
N TYR B 223 18.47 13.34 15.68
CA TYR B 223 17.15 13.86 16.07
C TYR B 223 17.11 15.35 15.74
N THR B 224 15.94 15.91 15.68
CA THR B 224 15.75 17.33 15.35
C THR B 224 16.18 18.19 16.55
N TYR B 225 16.75 19.33 16.25
CA TYR B 225 17.20 20.30 17.25
C TYR B 225 16.06 20.69 18.23
N GLY B 226 14.86 20.95 17.71
CA GLY B 226 13.68 21.26 18.51
C GLY B 226 13.23 20.19 19.47
N ASP B 227 13.69 18.94 19.26
CA ASP B 227 13.39 17.78 20.10
C ASP B 227 14.50 17.51 21.14
N LEU B 228 15.66 18.20 21.06
CA LEU B 228 16.77 18.02 22.01
C LEU B 228 16.32 18.30 23.43
N GLY B 229 16.67 17.44 24.36
CA GLY B 229 16.31 17.63 25.75
C GLY B 229 17.02 16.67 26.66
N PRO B 230 16.56 16.56 27.92
CA PRO B 230 17.19 15.62 28.87
C PRO B 230 17.19 14.16 28.42
N GLN B 231 16.30 13.78 27.52
CA GLN B 231 16.27 12.38 27.00
C GLN B 231 17.45 12.05 26.09
N ASP B 232 18.26 13.04 25.73
CA ASP B 232 19.42 12.85 24.86
C ASP B 232 20.72 12.61 25.61
N LYS B 233 20.69 12.68 26.96
CA LYS B 233 21.89 12.42 27.75
C LYS B 233 22.25 10.94 27.62
N VAL B 234 23.42 10.67 27.05
CA VAL B 234 23.92 9.32 26.91
C VAL B 234 24.44 8.91 28.27
N LYS B 235 23.97 7.76 28.76
CA LYS B 235 24.31 7.32 30.11
C LYS B 235 24.98 5.98 30.12
N GLN B 236 25.95 5.85 31.03
CA GLN B 236 26.72 4.64 31.28
C GLN B 236 25.77 3.57 31.77
N PRO B 237 26.01 2.29 31.41
CA PRO B 237 25.13 1.23 31.90
C PRO B 237 25.17 1.14 33.42
N LEU B 238 24.02 0.89 34.01
CA LEU B 238 23.96 0.76 35.46
C LEU B 238 23.68 -0.68 35.83
N THR B 239 24.15 -1.09 37.01
CA THR B 239 23.84 -2.42 37.51
C THR B 239 22.40 -2.41 38.01
N TRP B 240 21.77 -3.58 38.10
CA TRP B 240 20.39 -3.72 38.59
C TRP B 240 20.17 -3.00 39.93
N GLU B 241 21.18 -3.07 40.83
CA GLU B 241 21.15 -2.41 42.12
C GLU B 241 21.27 -0.89 42.00
N GLN B 242 22.27 -0.40 41.23
CA GLN B 242 22.50 1.02 40.98
C GLN B 242 21.27 1.69 40.36
N TRP B 243 20.58 0.96 39.47
CA TRP B 243 19.38 1.45 38.81
C TRP B 243 18.16 1.46 39.74
N LYS B 244 18.00 0.44 40.59
CA LYS B 244 16.87 0.39 41.53
C LYS B 244 16.96 1.54 42.54
N GLU B 245 18.19 1.88 42.97
CA GLU B 245 18.43 2.96 43.91
C GLU B 245 18.14 4.32 43.28
N SER B 246 18.50 4.49 41.99
CA SER B 246 18.31 5.76 41.29
C SER B 246 16.85 6.09 40.91
N VAL B 247 15.98 5.08 40.76
CA VAL B 247 14.58 5.33 40.35
C VAL B 247 13.56 5.27 41.51
N THR B 248 12.34 5.80 41.26
CA THR B 248 11.20 5.78 42.16
C THR B 248 10.24 4.76 41.54
N TYR B 249 10.00 3.62 42.23
CA TYR B 249 9.16 2.52 41.73
C TYR B 249 7.82 2.92 41.14
N GLU B 250 7.07 3.79 41.83
CA GLU B 250 5.73 4.24 41.42
C GLU B 250 5.72 4.97 40.06
N ASP B 251 6.80 5.68 39.75
CA ASP B 251 6.93 6.41 38.48
C ASP B 251 7.28 5.51 37.28
N LEU B 252 7.73 4.27 37.53
CA LEU B 252 8.10 3.34 36.47
C LEU B 252 6.87 2.75 35.80
N SER B 253 6.92 2.61 34.46
CA SER B 253 5.86 1.98 33.68
C SER B 253 5.84 0.43 33.94
N PRO B 254 4.82 -0.35 33.52
CA PRO B 254 4.86 -1.80 33.79
C PRO B 254 6.12 -2.49 33.23
N LYS B 255 6.64 -1.98 32.12
CA LYS B 255 7.86 -2.47 31.48
C LYS B 255 9.09 -2.31 32.40
N TYR B 256 9.25 -1.13 33.01
CA TYR B 256 10.37 -0.87 33.91
C TYR B 256 10.14 -1.43 35.33
N LYS B 257 8.87 -1.60 35.74
CA LYS B 257 8.53 -2.19 37.03
C LYS B 257 8.91 -3.68 37.03
N ALA B 258 8.74 -4.37 35.88
CA ALA B 258 9.09 -5.78 35.72
C ALA B 258 10.59 -5.98 35.86
N ARG B 259 11.41 -5.04 35.36
CA ARG B 259 12.87 -5.08 35.45
C ARG B 259 13.36 -4.81 36.88
N TYR B 260 12.64 -3.97 37.62
CA TYR B 260 12.89 -3.66 39.03
C TYR B 260 12.60 -4.92 39.90
N ASP B 261 11.61 -5.74 39.49
CA ASP B 261 11.19 -6.95 40.18
C ASP B 261 11.90 -8.23 39.71
N ASN B 262 12.61 -8.19 38.57
CA ASN B 262 13.32 -9.37 38.06
C ASN B 262 14.72 -9.01 37.53
N GLN B 263 15.77 -9.35 38.29
CA GLN B 263 17.15 -9.05 37.90
C GLN B 263 17.55 -9.61 36.53
N ALA B 264 17.14 -10.85 36.22
CA ALA B 264 17.45 -11.46 34.93
C ALA B 264 16.80 -10.70 33.78
N LEU B 265 15.58 -10.22 34.00
CA LEU B 265 14.84 -9.45 33.00
C LEU B 265 15.51 -8.10 32.71
N TYR B 266 16.01 -7.42 33.76
CA TYR B 266 16.72 -6.15 33.61
C TYR B 266 18.03 -6.39 32.86
N GLU B 267 18.76 -7.44 33.22
CA GLU B 267 20.08 -7.68 32.63
C GLU B 267 20.01 -8.16 31.17
N LYS B 268 18.88 -8.73 30.75
CA LYS B 268 18.71 -9.24 29.39
C LYS B 268 18.19 -8.15 28.43
N GLN B 269 17.37 -7.22 28.95
CA GLN B 269 16.75 -6.20 28.11
C GLN B 269 17.24 -4.77 28.36
N ASP B 270 18.08 -4.56 29.36
CA ASP B 270 18.53 -3.24 29.77
C ASP B 270 19.96 -3.36 30.33
N GLY B 271 20.42 -2.37 31.11
CA GLY B 271 21.73 -2.39 31.74
C GLY B 271 22.88 -2.46 30.79
N ALA B 272 23.84 -3.34 31.08
CA ALA B 272 25.04 -3.51 30.27
C ALA B 272 24.77 -4.00 28.85
N SER B 273 23.62 -4.65 28.62
CA SER B 273 23.29 -5.20 27.31
C SER B 273 22.99 -4.16 26.22
N LEU B 274 22.68 -2.94 26.64
CA LEU B 274 22.40 -1.84 25.74
C LEU B 274 23.63 -1.02 25.42
N GLY B 275 24.65 -1.04 26.29
CA GLY B 275 25.83 -0.22 26.12
C GLY B 275 25.54 1.21 26.54
N MET B 276 26.14 2.17 25.86
CA MET B 276 25.94 3.57 26.16
C MET B 276 24.74 4.06 25.37
N VAL B 277 23.69 4.40 26.06
CA VAL B 277 22.44 4.80 25.44
C VAL B 277 21.79 6.00 26.13
N SER B 278 20.96 6.71 25.39
CA SER B 278 20.14 7.79 25.90
C SER B 278 18.70 7.25 26.02
N ASP B 279 17.82 7.98 26.73
CA ASP B 279 16.42 7.53 26.87
C ASP B 279 15.71 7.54 25.53
N ARG B 280 16.00 8.53 24.67
CA ARG B 280 15.43 8.58 23.32
C ARG B 280 15.79 7.32 22.51
N LEU B 281 17.03 6.88 22.64
CA LEU B 281 17.46 5.74 21.88
C LEU B 281 16.89 4.46 22.39
N LYS B 282 16.72 4.29 23.72
CA LYS B 282 16.12 3.09 24.29
C LYS B 282 14.68 2.93 23.73
N GLU B 283 13.95 4.04 23.64
CA GLU B 283 12.59 4.11 23.12
C GLU B 283 12.54 3.85 21.62
N LEU B 284 13.41 4.51 20.84
CA LEU B 284 13.46 4.31 19.39
C LEU B 284 13.85 2.88 19.03
N LYS B 285 14.69 2.24 19.86
CA LYS B 285 15.07 0.84 19.67
C LYS B 285 13.83 -0.05 19.77
N ASP B 286 12.92 0.30 20.69
CA ASP B 286 11.66 -0.42 20.87
C ASP B 286 10.76 -0.18 19.69
N VAL B 287 10.62 1.05 19.25
CA VAL B 287 9.81 1.41 18.08
C VAL B 287 10.29 0.65 16.83
N ILE B 288 11.59 0.60 16.59
CA ILE B 288 12.16 -0.10 15.43
C ILE B 288 11.85 -1.60 15.51
N ASN B 289 12.09 -2.20 16.68
CA ASN B 289 11.86 -3.63 16.89
C ASN B 289 10.42 -3.99 16.75
N THR B 290 9.52 -3.14 17.25
CA THR B 290 8.08 -3.34 17.15
C THR B 290 7.65 -3.16 15.70
N SER B 291 8.11 -2.11 15.00
CA SER B 291 7.75 -1.89 13.60
C SER B 291 8.25 -2.98 12.67
N LEU B 292 9.35 -3.63 13.02
CA LEU B 292 9.86 -4.74 12.20
C LEU B 292 9.06 -6.05 12.43
N GLY B 293 8.18 -6.08 13.44
CA GLY B 293 7.45 -7.26 13.87
C GLY B 293 8.44 -8.22 14.55
N ARG B 294 9.49 -7.67 15.19
CA ARG B 294 10.50 -8.49 15.82
C ARG B 294 10.60 -8.31 17.31
N THR B 295 9.85 -9.12 18.06
CA THR B 295 9.83 -9.13 19.51
C THR B 295 9.88 -10.60 20.01
N ASP B 296 10.12 -10.75 21.33
CA ASP B 296 10.18 -12.03 22.01
C ASP B 296 11.32 -12.87 21.49
N GLY B 297 12.51 -12.35 21.65
CA GLY B 297 13.72 -13.06 21.27
C GLY B 297 14.22 -12.84 19.86
N LEU B 298 13.38 -12.38 18.91
CA LEU B 298 13.81 -12.25 17.53
C LEU B 298 14.21 -10.85 17.11
N GLU B 299 14.26 -9.87 18.05
CA GLU B 299 14.70 -8.47 17.83
C GLU B 299 15.99 -8.39 17.01
N MET B 300 16.08 -7.40 16.13
CA MET B 300 17.28 -7.20 15.31
C MET B 300 18.20 -6.12 15.91
N VAL B 301 17.61 -5.12 16.61
CA VAL B 301 18.38 -4.04 17.24
C VAL B 301 18.51 -4.37 18.74
N HIS B 302 19.74 -4.56 19.22
CA HIS B 302 19.95 -5.01 20.60
C HIS B 302 20.56 -4.02 21.54
N HIS B 303 21.20 -2.97 21.00
CA HIS B 303 21.97 -2.06 21.83
C HIS B 303 22.01 -0.62 21.22
N GLY B 304 22.74 0.28 21.88
CA GLY B 304 22.89 1.67 21.47
C GLY B 304 23.66 1.83 20.17
N ALA B 305 23.71 3.08 19.68
CA ALA B 305 24.35 3.41 18.43
C ALA B 305 25.89 3.41 18.47
N ASP B 306 26.52 3.21 17.29
CA ASP B 306 27.96 3.22 17.14
C ASP B 306 28.56 4.57 17.53
N ASP B 307 27.76 5.67 17.52
CA ASP B 307 28.24 7.01 17.91
C ASP B 307 28.66 7.06 19.39
N ALA B 308 28.18 6.11 20.22
CA ALA B 308 28.57 6.06 21.62
C ALA B 308 29.32 4.78 21.96
N ASN B 309 29.85 4.08 20.97
CA ASN B 309 30.61 2.85 21.11
C ASN B 309 32.09 3.20 21.18
N PRO B 310 32.72 3.02 22.37
CA PRO B 310 34.16 3.30 22.48
C PRO B 310 35.08 2.36 21.70
N TYR B 311 34.54 1.23 21.18
CA TYR B 311 35.32 0.25 20.42
C TYR B 311 34.97 0.28 18.92
N ALA B 312 34.49 1.42 18.42
CA ALA B 312 34.06 1.58 17.06
C ALA B 312 35.16 1.36 16.06
N VAL B 313 34.86 0.63 14.99
CA VAL B 313 35.82 0.43 13.90
C VAL B 313 35.19 1.09 12.67
N MET B 314 35.66 2.27 12.31
CA MET B 314 35.13 3.04 11.19
C MET B 314 35.11 2.30 9.89
N ALA B 315 36.15 1.51 9.64
CA ALA B 315 36.28 0.70 8.43
C ALA B 315 35.08 -0.27 8.25
N ASP B 316 34.52 -0.75 9.38
CA ASP B 316 33.40 -1.67 9.44
C ASP B 316 32.02 -1.00 9.52
N ASN B 317 31.95 0.30 9.28
CA ASN B 317 30.70 1.07 9.34
C ASN B 317 30.08 1.38 7.98
N PHE B 318 30.73 0.98 6.85
CA PHE B 318 30.22 1.26 5.50
C PHE B 318 30.19 0.02 4.60
N PRO B 319 29.26 -0.06 3.61
CA PRO B 319 28.17 0.89 3.31
C PRO B 319 27.08 0.89 4.39
N ALA B 320 26.64 2.08 4.75
CA ALA B 320 25.61 2.29 5.76
C ALA B 320 24.29 2.66 5.07
N THR B 321 23.15 2.26 5.66
CA THR B 321 21.86 2.62 5.11
C THR B 321 21.24 3.68 6.01
N PHE B 322 20.92 4.86 5.47
CA PHE B 322 20.31 5.91 6.26
C PHE B 322 18.88 6.11 5.87
N PHE B 323 18.05 6.30 6.86
CA PHE B 323 16.63 6.49 6.69
C PHE B 323 16.31 7.91 7.17
N VAL B 324 15.64 8.70 6.32
CA VAL B 324 15.40 10.10 6.64
C VAL B 324 13.94 10.45 6.60
N PRO B 325 13.51 11.53 7.30
CA PRO B 325 12.13 12.01 7.13
C PRO B 325 11.89 12.37 5.64
N LYS B 326 10.67 12.15 5.14
CA LYS B 326 10.31 12.30 3.73
C LYS B 326 10.54 13.69 3.12
N HIS B 327 10.51 14.77 3.92
CA HIS B 327 10.73 16.12 3.39
C HIS B 327 12.08 16.26 2.70
N PHE B 328 13.07 15.42 3.07
CA PHE B 328 14.41 15.41 2.47
C PHE B 328 14.34 15.07 0.99
N PHE B 329 13.34 14.25 0.59
CA PHE B 329 13.10 13.86 -0.80
C PHE B 329 12.40 14.92 -1.64
N ASP B 330 11.82 15.96 -1.01
CA ASP B 330 11.11 17.03 -1.70
C ASP B 330 12.09 17.95 -2.46
N ASP B 331 11.57 18.73 -3.45
CA ASP B 331 12.31 19.65 -4.34
C ASP B 331 13.34 20.53 -3.65
N ASP B 332 13.02 21.08 -2.48
CA ASP B 332 13.99 21.86 -1.71
C ASP B 332 13.93 21.37 -0.27
N GLY B 333 14.06 20.06 -0.10
CA GLY B 333 13.99 19.40 1.19
C GLY B 333 15.15 19.71 2.08
N LEU B 334 16.34 19.93 1.47
CA LEU B 334 17.53 20.27 2.23
C LEU B 334 17.64 21.77 2.60
N GLY B 335 16.66 22.57 2.17
CA GLY B 335 16.63 24.00 2.36
C GLY B 335 16.44 24.72 1.03
N GLU B 336 16.08 26.01 1.08
CA GLU B 336 15.85 26.78 -0.13
C GLU B 336 17.09 26.90 -1.00
N GLY B 337 16.96 26.50 -2.25
CA GLY B 337 18.05 26.44 -3.22
C GLY B 337 19.05 25.32 -2.95
N LYS B 338 18.78 24.45 -1.96
CA LYS B 338 19.69 23.38 -1.60
C LYS B 338 19.34 22.01 -2.23
N GLY B 339 18.16 21.88 -2.83
CA GLY B 339 17.76 20.67 -3.51
C GLY B 339 17.31 19.54 -2.61
N SER B 340 17.28 18.34 -3.17
CA SER B 340 16.83 17.15 -2.48
C SER B 340 18.01 16.20 -2.18
N ILE B 341 17.87 15.37 -1.15
CA ILE B 341 18.92 14.45 -0.75
C ILE B 341 19.32 13.47 -1.89
N GLN B 342 18.36 13.02 -2.73
CA GLN B 342 18.61 12.11 -3.87
C GLN B 342 19.51 12.72 -4.93
N THR B 343 19.61 14.04 -4.98
CA THR B 343 20.45 14.71 -5.95
C THR B 343 21.93 14.44 -5.67
N TYR B 344 22.31 14.34 -4.37
CA TYR B 344 23.70 14.24 -3.91
C TYR B 344 24.09 12.91 -3.35
N PHE B 345 23.11 12.11 -2.92
CA PHE B 345 23.40 10.80 -2.35
C PHE B 345 22.52 9.75 -3.03
N ASN B 346 23.04 8.52 -3.11
CA ASN B 346 22.31 7.42 -3.74
C ASN B 346 21.17 6.96 -2.88
N VAL B 347 19.95 7.15 -3.36
CA VAL B 347 18.77 6.74 -2.63
C VAL B 347 18.12 5.62 -3.42
N ASN B 348 17.94 4.44 -2.81
CA ASN B 348 17.32 3.32 -3.52
C ASN B 348 15.77 3.40 -3.51
N GLU B 349 15.12 2.41 -4.13
CA GLU B 349 13.67 2.34 -4.29
C GLU B 349 12.89 2.39 -2.99
N GLN B 350 13.48 1.92 -1.89
CA GLN B 350 12.82 1.90 -0.58
C GLN B 350 13.02 3.21 0.23
N GLY B 351 13.81 4.14 -0.28
CA GLY B 351 14.09 5.38 0.44
C GLY B 351 15.36 5.35 1.25
N ALA B 352 16.13 4.25 1.16
CA ALA B 352 17.39 4.17 1.90
C ALA B 352 18.47 4.97 1.17
N VAL B 353 19.13 5.88 1.89
CA VAL B 353 20.24 6.67 1.41
C VAL B 353 21.48 5.81 1.72
N VAL B 354 22.20 5.37 0.70
CA VAL B 354 23.37 4.52 0.91
C VAL B 354 24.66 5.31 0.97
N ILE B 355 25.26 5.34 2.16
CA ILE B 355 26.50 6.07 2.41
C ILE B 355 27.64 5.06 2.34
N GLN B 356 28.56 5.26 1.39
CA GLN B 356 29.62 4.31 1.06
C GLN B 356 30.94 4.44 1.80
N ASN B 357 31.29 5.62 2.31
CA ASN B 357 32.61 5.82 2.94
C ASN B 357 32.57 6.98 3.98
N PRO B 358 33.65 7.15 4.79
CA PRO B 358 33.64 8.23 5.79
C PRO B 358 33.50 9.64 5.23
N GLN B 359 34.04 9.89 4.02
CA GLN B 359 33.95 11.23 3.42
C GLN B 359 32.51 11.52 3.06
N GLU B 360 31.82 10.55 2.45
CA GLU B 360 30.42 10.71 2.10
C GLU B 360 29.55 10.84 3.37
N PHE B 361 29.91 10.12 4.46
CA PHE B 361 29.21 10.18 5.75
C PHE B 361 29.36 11.58 6.36
N SER B 362 30.57 12.16 6.25
CA SER B 362 30.86 13.49 6.73
C SER B 362 30.00 14.52 5.98
N ASN B 363 29.91 14.40 4.64
CA ASN B 363 29.08 15.29 3.80
C ASN B 363 27.60 15.13 4.15
N PHE B 364 27.14 13.88 4.31
CA PHE B 364 25.77 13.57 4.66
C PHE B 364 25.41 14.21 6.01
N GLN B 365 26.28 14.04 7.03
CA GLN B 365 26.05 14.60 8.36
C GLN B 365 25.99 16.14 8.32
N GLN B 366 26.86 16.79 7.53
CA GLN B 366 26.84 18.25 7.43
C GLN B 366 25.51 18.76 6.82
N VAL B 367 25.01 18.08 5.81
CA VAL B 367 23.74 18.46 5.17
C VAL B 367 22.60 18.36 6.16
N ALA B 368 22.58 17.24 6.93
CA ALA B 368 21.57 16.93 7.93
C ALA B 368 21.64 17.92 9.11
N ILE B 369 22.85 18.29 9.52
CA ILE B 369 23.06 19.26 10.58
C ILE B 369 22.51 20.63 10.14
N ASN B 370 22.81 21.01 8.88
CA ASN B 370 22.33 22.23 8.26
C ASN B 370 20.79 22.24 8.19
N ALA B 371 20.15 21.08 8.01
CA ALA B 371 18.69 21.00 7.99
C ALA B 371 18.06 20.84 9.41
N SER B 372 18.82 21.10 10.47
CA SER B 372 18.41 21.10 11.88
C SER B 372 18.45 19.76 12.59
N TYR B 373 19.10 18.74 12.03
CA TYR B 373 19.19 17.43 12.70
C TYR B 373 20.56 17.29 13.36
N ARG B 374 20.57 16.95 14.65
CA ARG B 374 21.76 16.86 15.49
C ARG B 374 22.57 15.60 15.37
N ALA B 375 23.88 15.75 15.14
CA ALA B 375 24.80 14.63 15.12
C ALA B 375 25.36 14.36 16.53
N SER B 376 25.77 13.12 16.77
CA SER B 376 26.45 12.64 17.96
C SER B 376 27.75 12.10 17.37
N LEU B 377 28.87 12.76 17.68
CA LEU B 377 30.15 12.36 17.08
C LEU B 377 30.94 11.42 17.95
N ASN B 378 31.53 10.42 17.34
CA ASN B 378 32.40 9.50 18.03
C ASN B 378 33.82 9.86 17.58
N ASP B 379 34.73 10.08 18.53
CA ASP B 379 36.12 10.36 18.19
C ASP B 379 36.75 9.17 17.45
N LYS B 380 36.31 7.93 17.79
CA LYS B 380 36.75 6.69 17.15
C LYS B 380 36.47 6.67 15.65
N TRP B 381 35.52 7.47 15.17
CA TRP B 381 35.24 7.59 13.75
C TRP B 381 36.36 8.23 12.97
N ASN B 382 37.25 8.99 13.65
CA ASN B 382 38.37 9.64 13.01
C ASN B 382 39.60 8.72 12.83
N SER B 383 39.60 7.54 13.43
CA SER B 383 40.70 6.59 13.31
C SER B 383 40.80 6.06 11.89
N GLY B 384 41.98 6.28 11.30
CA GLY B 384 42.28 5.86 9.94
C GLY B 384 42.02 6.92 8.90
N LEU B 385 41.53 8.09 9.34
CA LEU B 385 41.20 9.16 8.45
C LEU B 385 42.37 10.04 8.24
N ASP B 386 42.51 10.53 6.99
CA ASP B 386 43.55 11.46 6.61
C ASP B 386 43.39 12.77 7.41
N SER B 387 42.14 13.15 7.72
CA SER B 387 41.78 14.36 8.46
C SER B 387 40.68 13.99 9.47
N PRO B 388 40.62 14.65 10.65
CA PRO B 388 39.56 14.35 11.61
C PRO B 388 38.25 15.06 11.24
N LEU B 389 37.43 14.44 10.38
CA LEU B 389 36.18 15.02 9.91
C LEU B 389 35.09 15.14 10.97
N PHE B 390 35.07 14.19 11.90
CA PHE B 390 34.05 14.04 12.92
C PHE B 390 34.42 14.70 14.24
N THR B 391 34.55 16.02 14.20
CA THR B 391 34.87 16.80 15.40
C THR B 391 33.80 17.86 15.54
N THR B 392 33.56 18.31 16.78
CA THR B 392 32.63 19.38 17.12
C THR B 392 32.79 20.63 16.22
N LYS B 393 34.02 21.11 16.04
CA LYS B 393 34.28 22.30 15.23
C LYS B 393 34.02 22.13 13.72
N ARG B 394 34.42 20.99 13.14
CA ARG B 394 34.22 20.74 11.71
C ARG B 394 32.75 20.52 11.31
N LYS B 395 31.94 20.06 12.27
CA LYS B 395 30.53 19.76 12.02
C LYS B 395 29.59 20.86 12.50
N LEU B 396 30.12 22.08 12.82
CA LEU B 396 29.26 23.16 13.26
C LEU B 396 28.22 23.50 12.21
N SER B 397 27.01 23.80 12.67
CA SER B 397 25.89 24.14 11.80
C SER B 397 26.25 25.38 10.97
N HIS B 398 25.90 25.39 9.67
CA HIS B 398 26.19 26.55 8.85
C HIS B 398 25.30 27.73 9.21
N ASP B 399 24.16 27.50 9.90
CA ASP B 399 23.31 28.57 10.43
C ASP B 399 23.98 29.22 11.61
N TYR B 400 24.71 28.44 12.42
CA TYR B 400 25.42 28.96 13.56
C TYR B 400 26.60 29.80 13.07
N LEU B 401 27.37 29.25 12.10
CA LEU B 401 28.54 29.93 11.56
C LEU B 401 28.12 31.21 10.84
N ASP B 402 27.08 31.15 10.01
CA ASP B 402 26.56 32.33 9.29
C ASP B 402 26.01 33.42 10.21
N ALA B 403 25.27 33.05 11.28
CA ALA B 403 24.74 34.06 12.20
C ALA B 403 25.86 34.75 12.95
N ARG B 404 26.93 34.01 13.31
CA ARG B 404 28.08 34.59 13.99
C ARG B 404 28.79 35.57 13.06
N ASP B 405 28.89 35.24 11.76
CA ASP B 405 29.54 36.14 10.80
C ASP B 405 28.77 37.43 10.67
N GLU B 406 27.44 37.33 10.58
CA GLU B 406 26.53 38.46 10.48
C GLU B 406 26.55 39.35 11.72
N VAL B 407 26.54 38.73 12.92
CA VAL B 407 26.50 39.43 14.19
C VAL B 407 27.85 40.11 14.47
N ALA B 408 28.97 39.45 14.14
CA ALA B 408 30.28 40.06 14.33
C ALA B 408 30.42 41.33 13.45
N LYS B 409 29.87 41.29 12.24
CA LYS B 409 29.88 42.39 11.31
C LYS B 409 29.00 43.55 11.81
N LYS B 410 27.79 43.25 12.32
CA LYS B 410 26.86 44.26 12.79
C LYS B 410 27.27 44.93 14.10
N LEU B 411 27.77 44.14 15.05
CA LEU B 411 28.07 44.69 16.39
C LEU B 411 29.48 45.28 16.41
N GLY B 412 30.22 45.11 15.32
CA GLY B 412 31.59 45.63 15.25
C GLY B 412 32.56 44.75 16.01
N LEU B 413 32.27 43.45 16.10
CA LEU B 413 33.23 42.51 16.74
C LEU B 413 33.70 41.50 15.70
N GLU C 4 -45.14 -19.81 -10.08
CA GLU C 4 -44.67 -19.54 -8.72
C GLU C 4 -43.78 -18.26 -8.64
N THR C 5 -43.87 -17.53 -7.50
CA THR C 5 -43.09 -16.33 -7.24
C THR C 5 -41.75 -16.87 -6.74
N THR C 6 -40.81 -16.96 -7.69
CA THR C 6 -39.48 -17.55 -7.54
C THR C 6 -38.76 -17.20 -6.23
N ALA C 7 -38.10 -18.19 -5.60
CA ALA C 7 -37.33 -17.94 -4.39
C ALA C 7 -35.99 -17.24 -4.73
N LEU C 8 -35.53 -16.37 -3.85
CA LEU C 8 -34.26 -15.67 -4.02
C LEU C 8 -33.15 -16.39 -3.24
N VAL C 9 -31.91 -16.33 -3.74
CA VAL C 9 -30.75 -16.93 -3.09
C VAL C 9 -29.67 -15.85 -2.92
N CYS C 10 -29.29 -15.54 -1.66
CA CYS C 10 -28.29 -14.51 -1.40
C CYS C 10 -27.10 -15.01 -0.59
N ASP C 11 -25.92 -15.10 -1.22
CA ASP C 11 -24.69 -15.51 -0.56
C ASP C 11 -23.93 -14.27 -0.06
N ASN C 12 -23.96 -14.06 1.25
CA ASN C 12 -23.36 -12.89 1.87
C ASN C 12 -21.88 -13.13 2.18
N GLY C 13 -21.02 -12.91 1.20
CA GLY C 13 -19.60 -13.13 1.37
C GLY C 13 -18.88 -12.00 2.07
N SER C 14 -17.76 -12.31 2.72
CA SER C 14 -16.96 -11.28 3.39
C SER C 14 -16.37 -10.25 2.43
N GLY C 15 -16.19 -10.63 1.17
CA GLY C 15 -15.70 -9.73 0.14
C GLY C 15 -16.71 -9.48 -0.97
N LEU C 16 -17.43 -10.53 -1.40
CA LEU C 16 -18.43 -10.42 -2.48
C LEU C 16 -19.79 -11.00 -2.13
N VAL C 17 -20.85 -10.32 -2.56
CA VAL C 17 -22.20 -10.82 -2.43
C VAL C 17 -22.55 -11.47 -3.78
N LYS C 18 -23.14 -12.68 -3.72
CA LYS C 18 -23.62 -13.39 -4.92
C LYS C 18 -25.12 -13.56 -4.73
N ALA C 19 -25.92 -12.95 -5.59
CA ALA C 19 -27.38 -13.02 -5.45
C ALA C 19 -28.04 -13.40 -6.76
N GLY C 20 -29.14 -14.13 -6.65
CA GLY C 20 -29.89 -14.55 -7.81
C GLY C 20 -31.17 -15.26 -7.47
N PHE C 21 -31.68 -16.03 -8.42
CA PHE C 21 -32.94 -16.75 -8.27
C PHE C 21 -32.72 -18.24 -8.15
N ALA C 22 -33.45 -18.91 -7.24
CA ALA C 22 -33.41 -20.37 -7.11
C ALA C 22 -33.90 -20.98 -8.44
N GLY C 23 -33.26 -22.05 -8.88
CA GLY C 23 -33.60 -22.65 -10.16
C GLY C 23 -32.62 -22.25 -11.24
N ASP C 24 -31.89 -21.14 -11.03
CA ASP C 24 -30.84 -20.71 -11.94
C ASP C 24 -29.51 -21.40 -11.59
N ASP C 25 -28.65 -21.64 -12.60
CA ASP C 25 -27.35 -22.29 -12.40
C ASP C 25 -26.20 -21.33 -12.09
N ALA C 26 -26.50 -20.02 -11.95
CA ALA C 26 -25.51 -19.00 -11.61
C ALA C 26 -26.21 -17.79 -11.02
N PRO C 27 -25.57 -17.05 -10.11
CA PRO C 27 -26.18 -15.79 -9.63
C PRO C 27 -26.26 -14.76 -10.76
N ARG C 28 -27.26 -13.87 -10.70
CA ARG C 28 -27.38 -12.79 -11.70
C ARG C 28 -26.55 -11.59 -11.23
N ALA C 29 -26.35 -11.42 -9.91
CA ALA C 29 -25.59 -10.30 -9.38
C ALA C 29 -24.41 -10.73 -8.52
N VAL C 30 -23.21 -10.21 -8.82
CA VAL C 30 -21.99 -10.46 -8.06
C VAL C 30 -21.34 -9.10 -7.85
N PHE C 31 -21.34 -8.57 -6.63
CA PHE C 31 -20.80 -7.23 -6.36
C PHE C 31 -20.08 -7.18 -5.00
N PRO C 32 -19.17 -6.22 -4.76
CA PRO C 32 -18.43 -6.20 -3.48
C PRO C 32 -19.26 -5.82 -2.26
N SER C 33 -19.03 -6.50 -1.12
CA SER C 33 -19.74 -6.21 0.14
C SER C 33 -19.12 -4.97 0.79
N ILE C 34 -19.39 -3.80 0.21
CA ILE C 34 -18.86 -2.55 0.72
C ILE C 34 -19.92 -1.47 0.74
N VAL C 35 -19.86 -0.59 1.73
CA VAL C 35 -20.71 0.60 1.84
C VAL C 35 -19.76 1.81 1.94
N GLY C 36 -19.96 2.78 1.07
CA GLY C 36 -19.16 3.99 1.03
C GLY C 36 -20.00 5.17 1.46
N ARG C 37 -19.58 5.87 2.50
CA ARG C 37 -20.25 7.08 2.98
C ARG C 37 -19.45 8.31 2.39
N PRO C 38 -20.04 9.52 2.19
CA PRO C 38 -19.27 10.61 1.53
C PRO C 38 -18.26 11.30 2.45
N ARG C 39 -17.02 11.41 1.97
CA ARG C 39 -15.93 12.02 2.77
C ARG C 39 -16.33 13.45 3.13
N HIS C 40 -16.70 14.24 2.13
CA HIS C 40 -17.20 15.62 2.39
C HIS C 40 -18.36 15.88 1.45
N GLN C 41 -19.59 15.74 1.93
CA GLN C 41 -20.79 15.94 1.09
C GLN C 41 -21.01 17.43 0.87
N GLY C 42 -21.40 17.83 -0.35
CA GLY C 42 -21.59 19.27 -0.65
C GLY C 42 -22.94 19.80 -0.20
N VAL C 43 -22.96 21.07 0.21
CA VAL C 43 -24.22 21.68 0.73
C VAL C 43 -25.06 22.19 -0.44
N MET C 44 -24.46 22.31 -1.63
CA MET C 44 -25.24 22.88 -2.71
C MET C 44 -26.04 21.84 -3.51
N VAL C 45 -27.16 22.29 -4.11
CA VAL C 45 -28.09 21.49 -4.90
C VAL C 45 -27.48 21.11 -6.26
N GLN C 49 -25.00 13.98 -4.54
CA GLN C 49 -25.27 14.28 -3.13
C GLN C 49 -25.86 13.07 -2.38
N LYS C 50 -25.49 11.84 -2.82
CA LYS C 50 -26.01 10.62 -2.21
C LYS C 50 -25.49 10.38 -0.79
N ASP C 51 -26.35 9.84 0.08
CA ASP C 51 -25.97 9.60 1.47
C ASP C 51 -25.05 8.38 1.60
N SER C 52 -25.30 7.36 0.78
CA SER C 52 -24.44 6.16 0.80
C SER C 52 -24.43 5.41 -0.53
N TYR C 53 -23.31 4.76 -0.82
CA TYR C 53 -23.15 3.93 -2.02
C TYR C 53 -22.84 2.49 -1.62
N VAL C 54 -23.39 1.52 -2.35
CA VAL C 54 -23.16 0.10 -2.07
C VAL C 54 -22.59 -0.59 -3.33
N GLY C 55 -21.81 -1.65 -3.12
CA GLY C 55 -21.26 -2.44 -4.21
C GLY C 55 -20.38 -1.70 -5.19
N ASP C 56 -20.64 -1.90 -6.49
CA ASP C 56 -19.88 -1.31 -7.59
C ASP C 56 -19.75 0.19 -7.55
N GLU C 57 -20.83 0.90 -7.18
CA GLU C 57 -20.79 2.36 -7.12
C GLU C 57 -19.86 2.87 -6.03
N ALA C 58 -19.80 2.16 -4.89
CA ALA C 58 -18.91 2.53 -3.79
C ALA C 58 -17.44 2.35 -4.20
N GLN C 59 -17.14 1.28 -4.92
CA GLN C 59 -15.80 0.99 -5.40
C GLN C 59 -15.39 1.97 -6.49
N SER C 60 -16.31 2.30 -7.40
CA SER C 60 -16.05 3.21 -8.51
C SER C 60 -15.74 4.63 -8.01
N LYS C 61 -16.50 5.08 -7.00
CA LYS C 61 -16.33 6.40 -6.41
C LYS C 61 -15.40 6.34 -5.18
N ARG C 62 -14.35 5.50 -5.22
CA ARG C 62 -13.38 5.32 -4.13
C ARG C 62 -12.80 6.64 -3.56
N GLY C 63 -12.36 7.52 -4.44
CA GLY C 63 -11.74 8.81 -4.10
C GLY C 63 -12.54 9.77 -3.24
N ILE C 64 -13.87 9.72 -3.32
CA ILE C 64 -14.72 10.62 -2.52
C ILE C 64 -15.47 9.90 -1.38
N LEU C 65 -15.18 8.59 -1.14
CA LEU C 65 -15.87 7.81 -0.12
C LEU C 65 -14.96 7.09 0.88
N THR C 66 -15.50 6.80 2.07
CA THR C 66 -14.84 6.04 3.13
C THR C 66 -15.46 4.63 3.03
N LEU C 67 -14.69 3.63 2.63
CA LEU C 67 -15.21 2.28 2.42
C LEU C 67 -15.25 1.42 3.65
N LYS C 68 -16.38 0.75 3.90
CA LYS C 68 -16.55 -0.14 5.04
C LYS C 68 -17.05 -1.53 4.62
N TYR C 69 -16.45 -2.58 5.19
CA TYR C 69 -16.84 -3.97 4.94
C TYR C 69 -17.77 -4.39 6.09
N PRO C 70 -19.08 -4.58 5.86
CA PRO C 70 -19.97 -4.99 6.95
C PRO C 70 -19.81 -6.43 7.43
N ILE C 71 -19.10 -7.27 6.65
CA ILE C 71 -18.89 -8.67 7.01
C ILE C 71 -17.43 -8.92 7.27
N GLU C 72 -16.95 -8.57 8.46
CA GLU C 72 -15.56 -8.82 8.85
C GLU C 72 -15.42 -10.30 9.22
N HIS C 73 -14.59 -11.03 8.46
CA HIS C 73 -14.23 -12.43 8.72
C HIS C 73 -15.42 -13.40 8.69
N GLY C 74 -16.35 -13.17 7.77
CA GLY C 74 -17.51 -14.03 7.61
C GLY C 74 -18.70 -13.69 8.48
N ILE C 75 -18.49 -12.92 9.56
CA ILE C 75 -19.57 -12.55 10.47
C ILE C 75 -20.05 -11.11 10.24
N ILE C 76 -21.39 -10.90 10.12
CA ILE C 76 -21.97 -9.55 9.97
C ILE C 76 -21.79 -8.73 11.25
N THR C 77 -21.03 -7.63 11.15
CA THR C 77 -20.75 -6.79 12.30
C THR C 77 -21.51 -5.45 12.26
N ASN C 78 -21.81 -4.92 11.06
CA ASN C 78 -22.55 -3.66 10.92
C ASN C 78 -23.91 -3.91 10.29
N TRP C 79 -24.96 -3.86 11.11
CA TRP C 79 -26.31 -4.13 10.65
C TRP C 79 -26.93 -2.98 9.86
N ASP C 80 -26.50 -1.72 10.11
CA ASP C 80 -27.00 -0.59 9.32
C ASP C 80 -26.49 -0.72 7.88
N ASP C 81 -25.20 -1.01 7.74
CA ASP C 81 -24.55 -1.22 6.45
C ASP C 81 -25.03 -2.50 5.77
N MET C 82 -25.36 -3.54 6.55
CA MET C 82 -25.87 -4.79 5.99
C MET C 82 -27.28 -4.60 5.41
N GLU C 83 -28.11 -3.76 6.04
CA GLU C 83 -29.44 -3.45 5.50
C GLU C 83 -29.32 -2.74 4.16
N LYS C 84 -28.31 -1.85 4.03
CA LYS C 84 -28.02 -1.12 2.80
C LYS C 84 -27.65 -2.13 1.71
N ILE C 85 -26.84 -3.15 2.04
CA ILE C 85 -26.42 -4.20 1.11
C ILE C 85 -27.64 -5.02 0.66
N TRP C 86 -28.44 -5.48 1.61
CA TRP C 86 -29.64 -6.23 1.28
C TRP C 86 -30.63 -5.42 0.45
N HIS C 87 -30.80 -4.12 0.76
CA HIS C 87 -31.68 -3.24 0.01
C HIS C 87 -31.17 -3.08 -1.43
N HIS C 88 -29.85 -2.88 -1.58
CA HIS C 88 -29.20 -2.75 -2.88
C HIS C 88 -29.40 -4.02 -3.70
N THR C 89 -29.27 -5.18 -3.05
CA THR C 89 -29.44 -6.50 -3.65
C THR C 89 -30.86 -6.64 -4.21
N PHE C 90 -31.88 -6.33 -3.41
CA PHE C 90 -33.26 -6.48 -3.82
C PHE C 90 -33.67 -5.47 -4.88
N TYR C 91 -33.56 -4.18 -4.55
CA TYR C 91 -34.06 -3.12 -5.40
C TYR C 91 -33.19 -2.75 -6.60
N ASN C 92 -31.86 -2.63 -6.44
CA ASN C 92 -31.01 -2.23 -7.57
C ASN C 92 -30.48 -3.41 -8.39
N GLU C 93 -30.09 -4.49 -7.71
CA GLU C 93 -29.47 -5.62 -8.41
C GLU C 93 -30.48 -6.59 -9.01
N LEU C 94 -31.33 -7.21 -8.17
CA LEU C 94 -32.31 -8.17 -8.65
C LEU C 94 -33.57 -7.53 -9.23
N ARG C 95 -33.83 -6.23 -8.92
CA ARG C 95 -35.02 -5.48 -9.35
C ARG C 95 -36.30 -6.26 -8.98
N VAL C 96 -36.40 -6.70 -7.72
CA VAL C 96 -37.52 -7.47 -7.23
C VAL C 96 -38.16 -6.77 -6.01
N ALA C 97 -39.38 -7.16 -5.67
CA ALA C 97 -40.03 -6.67 -4.46
C ALA C 97 -39.83 -7.77 -3.42
N PRO C 98 -39.00 -7.55 -2.38
CA PRO C 98 -38.71 -8.63 -1.42
C PRO C 98 -39.93 -9.27 -0.79
N GLU C 99 -41.02 -8.51 -0.64
CA GLU C 99 -42.26 -9.02 -0.05
C GLU C 99 -42.97 -10.07 -0.93
N GLU C 100 -42.52 -10.27 -2.17
CA GLU C 100 -43.09 -11.25 -3.08
C GLU C 100 -42.30 -12.57 -3.13
N HIS C 101 -41.01 -12.54 -2.77
CA HIS C 101 -40.16 -13.74 -2.91
C HIS C 101 -39.62 -14.31 -1.63
N PRO C 102 -39.79 -15.63 -1.41
CA PRO C 102 -39.11 -16.27 -0.27
C PRO C 102 -37.59 -16.15 -0.46
N THR C 103 -36.81 -15.96 0.62
CA THR C 103 -35.38 -15.69 0.48
C THR C 103 -34.47 -16.59 1.29
N LEU C 104 -33.57 -17.30 0.59
CA LEU C 104 -32.58 -18.12 1.26
C LEU C 104 -31.36 -17.25 1.41
N LEU C 105 -30.89 -17.08 2.64
CA LEU C 105 -29.67 -16.35 2.93
C LEU C 105 -28.62 -17.36 3.39
N THR C 106 -27.34 -17.09 3.11
CA THR C 106 -26.26 -17.96 3.57
C THR C 106 -25.63 -17.38 4.83
N GLU C 107 -25.01 -18.24 5.62
CA GLU C 107 -24.30 -17.83 6.81
C GLU C 107 -22.97 -18.60 6.95
N ALA C 108 -22.01 -17.97 7.62
CA ALA C 108 -20.72 -18.57 7.85
C ALA C 108 -20.87 -19.70 8.84
N PRO C 109 -20.02 -20.75 8.75
CA PRO C 109 -20.02 -21.78 9.80
C PRO C 109 -19.70 -21.13 11.15
N LEU C 110 -20.39 -21.57 12.22
CA LEU C 110 -20.24 -21.04 13.59
C LEU C 110 -20.84 -19.66 13.78
N ASN C 111 -21.83 -19.30 12.96
CA ASN C 111 -22.47 -18.00 13.06
C ASN C 111 -23.31 -17.98 14.34
N PRO C 112 -23.11 -16.96 15.20
CA PRO C 112 -23.85 -16.91 16.48
C PRO C 112 -25.37 -16.91 16.29
N LYS C 113 -26.10 -17.52 17.25
CA LYS C 113 -27.57 -17.58 17.24
C LYS C 113 -28.17 -16.17 17.18
N ALA C 114 -27.59 -15.22 17.93
CA ALA C 114 -28.07 -13.83 17.94
C ALA C 114 -27.88 -13.15 16.59
N ASN C 115 -26.83 -13.53 15.85
CA ASN C 115 -26.53 -12.98 14.54
C ASN C 115 -27.58 -13.41 13.54
N ARG C 116 -27.93 -14.71 13.49
CA ARG C 116 -28.96 -15.15 12.54
C ARG C 116 -30.36 -14.70 12.95
N GLU C 117 -30.59 -14.47 14.25
CA GLU C 117 -31.88 -13.93 14.71
C GLU C 117 -32.01 -12.50 14.23
N LYS C 118 -30.92 -11.71 14.27
CA LYS C 118 -30.95 -10.34 13.81
C LYS C 118 -31.18 -10.28 12.29
N MET C 119 -30.54 -11.19 11.52
CA MET C 119 -30.77 -11.20 10.07
C MET C 119 -32.19 -11.71 9.73
N THR C 120 -32.77 -12.57 10.58
CA THR C 120 -34.15 -13.04 10.38
C THR C 120 -35.12 -11.90 10.70
N GLN C 121 -34.85 -11.13 11.76
CA GLN C 121 -35.65 -9.97 12.15
C GLN C 121 -35.62 -8.91 11.05
N ILE C 122 -34.46 -8.67 10.43
CA ILE C 122 -34.35 -7.70 9.35
C ILE C 122 -35.08 -8.17 8.10
N MET C 123 -34.99 -9.47 7.79
CA MET C 123 -35.68 -10.01 6.61
C MET C 123 -37.19 -9.82 6.69
N PHE C 124 -37.78 -10.16 7.83
CA PHE C 124 -39.21 -10.05 8.03
C PHE C 124 -39.74 -8.65 8.37
N GLU C 125 -39.08 -7.94 9.30
CA GLU C 125 -39.55 -6.62 9.71
C GLU C 125 -39.14 -5.48 8.79
N THR C 126 -37.94 -5.54 8.20
CA THR C 126 -37.48 -4.47 7.30
C THR C 126 -37.89 -4.71 5.86
N PHE C 127 -37.65 -5.91 5.33
CA PHE C 127 -37.95 -6.21 3.92
C PHE C 127 -39.29 -6.92 3.70
N ASN C 128 -39.90 -7.44 4.78
CA ASN C 128 -41.20 -8.09 4.74
C ASN C 128 -41.28 -9.29 3.78
N VAL C 129 -40.32 -10.20 3.88
CA VAL C 129 -40.29 -11.37 3.01
C VAL C 129 -41.40 -12.38 3.35
N PRO C 130 -41.92 -13.11 2.35
CA PRO C 130 -42.98 -14.10 2.64
C PRO C 130 -42.47 -15.26 3.48
N ALA C 131 -41.24 -15.67 3.22
CA ALA C 131 -40.57 -16.77 3.88
C ALA C 131 -39.05 -16.59 3.76
N MET C 132 -38.28 -17.24 4.65
CA MET C 132 -36.83 -17.17 4.59
C MET C 132 -36.20 -18.34 5.26
N TYR C 133 -35.01 -18.73 4.77
CA TYR C 133 -34.24 -19.84 5.31
C TYR C 133 -32.76 -19.43 5.41
N VAL C 134 -32.05 -19.87 6.48
CA VAL C 134 -30.64 -19.54 6.63
C VAL C 134 -29.77 -20.80 6.55
N ALA C 135 -28.98 -20.94 5.47
CA ALA C 135 -28.15 -22.12 5.28
C ALA C 135 -26.64 -21.90 5.47
N ILE C 136 -25.93 -22.90 6.02
CA ILE C 136 -24.49 -22.82 6.18
C ILE C 136 -23.83 -22.90 4.80
N GLN C 137 -22.96 -21.94 4.50
CA GLN C 137 -22.29 -21.83 3.21
C GLN C 137 -21.61 -23.11 2.76
N ALA C 138 -20.83 -23.72 3.64
CA ALA C 138 -20.13 -24.97 3.31
C ALA C 138 -21.07 -26.11 2.93
N VAL C 139 -22.21 -26.24 3.61
CA VAL C 139 -23.19 -27.29 3.33
C VAL C 139 -23.74 -27.14 1.91
N LEU C 140 -24.02 -25.90 1.49
CA LEU C 140 -24.52 -25.63 0.15
C LEU C 140 -23.50 -26.05 -0.91
N SER C 141 -22.20 -25.84 -0.66
CA SER C 141 -21.12 -26.22 -1.57
C SER C 141 -21.04 -27.69 -1.79
N LEU C 142 -21.27 -28.48 -0.72
CA LEU C 142 -21.30 -29.94 -0.81
C LEU C 142 -22.51 -30.35 -1.66
N TYR C 143 -23.68 -29.72 -1.44
CA TYR C 143 -24.88 -30.02 -2.23
C TYR C 143 -24.65 -29.74 -3.70
N ALA C 144 -23.92 -28.65 -4.01
CA ALA C 144 -23.63 -28.28 -5.39
C ALA C 144 -22.74 -29.31 -6.08
N SER C 145 -22.05 -30.17 -5.34
CA SER C 145 -21.25 -31.26 -5.94
C SER C 145 -22.03 -32.59 -6.05
N GLY C 146 -23.33 -32.56 -5.73
CA GLY C 146 -24.22 -33.72 -5.71
C GLY C 146 -24.01 -34.60 -4.51
N ARG C 147 -23.47 -34.04 -3.41
CA ARG C 147 -23.17 -34.85 -2.21
C ARG C 147 -23.84 -34.32 -0.97
N THR C 148 -24.07 -35.22 0.01
CA THR C 148 -24.58 -34.86 1.34
C THR C 148 -23.59 -35.24 2.47
N THR C 149 -22.49 -35.93 2.12
CA THR C 149 -21.45 -36.31 3.07
C THR C 149 -20.09 -35.91 2.48
N GLY C 150 -19.21 -35.44 3.34
CA GLY C 150 -17.87 -35.04 2.96
C GLY C 150 -17.38 -33.84 3.77
N ILE C 151 -16.13 -33.47 3.56
CA ILE C 151 -15.58 -32.31 4.25
C ILE C 151 -15.30 -31.18 3.25
N VAL C 152 -15.78 -29.98 3.57
CA VAL C 152 -15.61 -28.83 2.69
C VAL C 152 -14.51 -27.92 3.21
N LEU C 153 -13.61 -27.48 2.29
CA LEU C 153 -12.62 -26.47 2.61
C LEU C 153 -13.17 -25.26 1.90
N ASP C 154 -13.70 -24.28 2.64
CA ASP C 154 -14.25 -23.08 2.03
C ASP C 154 -13.33 -21.91 2.36
N SER C 155 -12.60 -21.38 1.34
CA SER C 155 -11.70 -20.26 1.54
C SER C 155 -12.15 -19.09 0.68
N GLY C 156 -12.64 -18.05 1.34
CA GLY C 156 -13.14 -16.89 0.65
C GLY C 156 -12.19 -15.73 0.70
N ASP C 157 -12.70 -14.56 1.09
CA ASP C 157 -11.92 -13.34 1.16
C ASP C 157 -11.45 -13.03 2.59
N GLY C 158 -12.33 -13.22 3.57
CA GLY C 158 -12.02 -12.86 4.95
C GLY C 158 -11.87 -13.98 5.94
N VAL C 159 -12.25 -15.21 5.55
CA VAL C 159 -12.16 -16.37 6.44
C VAL C 159 -12.09 -17.67 5.63
N THR C 160 -11.48 -18.69 6.22
CA THR C 160 -11.37 -20.04 5.69
C THR C 160 -11.99 -21.01 6.73
N HIS C 161 -12.78 -21.97 6.27
CA HIS C 161 -13.42 -22.93 7.14
C HIS C 161 -13.22 -24.36 6.66
N ASN C 162 -13.19 -25.28 7.62
CA ASN C 162 -13.17 -26.71 7.36
C ASN C 162 -14.45 -27.20 7.97
N VAL C 163 -15.36 -27.73 7.14
CA VAL C 163 -16.67 -28.19 7.64
C VAL C 163 -16.98 -29.62 7.27
N PRO C 164 -16.91 -30.55 8.27
CA PRO C 164 -17.27 -31.94 8.00
C PRO C 164 -18.78 -32.11 8.08
N ILE C 165 -19.34 -32.85 7.13
CA ILE C 165 -20.79 -32.98 6.97
C ILE C 165 -21.14 -34.44 6.77
N TYR C 166 -22.17 -34.89 7.50
CA TYR C 166 -22.64 -36.25 7.39
C TYR C 166 -24.13 -36.26 7.21
N GLU C 167 -24.58 -36.76 6.05
CA GLU C 167 -25.96 -36.87 5.63
C GLU C 167 -26.74 -35.57 5.74
N GLY C 168 -26.20 -34.53 5.13
CA GLY C 168 -26.81 -33.21 5.06
C GLY C 168 -26.55 -32.30 6.26
N TYR C 169 -25.92 -32.82 7.30
CA TYR C 169 -25.68 -32.07 8.52
C TYR C 169 -24.22 -31.83 8.87
N ALA C 170 -23.90 -30.54 9.10
CA ALA C 170 -22.57 -30.14 9.55
C ALA C 170 -22.35 -30.69 10.94
N LEU C 171 -21.09 -30.99 11.28
CA LEU C 171 -20.72 -31.52 12.59
C LEU C 171 -20.01 -30.39 13.31
N PRO C 172 -20.77 -29.56 14.06
CA PRO C 172 -20.20 -28.33 14.65
C PRO C 172 -18.96 -28.47 15.51
N HIS C 173 -18.83 -29.56 16.26
CA HIS C 173 -17.66 -29.76 17.13
C HIS C 173 -16.37 -29.89 16.32
N ALA C 174 -16.45 -30.41 15.09
CA ALA C 174 -15.26 -30.61 14.28
C ALA C 174 -14.97 -29.49 13.26
N ILE C 175 -15.76 -28.41 13.28
CA ILE C 175 -15.54 -27.30 12.35
C ILE C 175 -14.29 -26.49 12.71
N MET C 176 -13.43 -26.25 11.72
CA MET C 176 -12.21 -25.47 11.92
C MET C 176 -12.35 -24.09 11.27
N ARG C 177 -11.82 -23.05 11.93
CA ARG C 177 -11.83 -21.69 11.41
CA ARG C 177 -11.82 -21.68 11.41
C ARG C 177 -10.39 -21.20 11.30
N LEU C 178 -10.00 -20.71 10.14
CA LEU C 178 -8.67 -20.20 9.92
C LEU C 178 -8.88 -18.75 9.52
N ASP C 179 -8.39 -17.80 10.34
CA ASP C 179 -8.56 -16.38 9.99
C ASP C 179 -7.45 -15.99 9.05
N LEU C 180 -7.57 -16.45 7.81
CA LEU C 180 -6.57 -16.29 6.76
C LEU C 180 -7.28 -16.73 5.51
N ALA C 181 -7.46 -15.81 4.57
CA ALA C 181 -8.13 -16.11 3.32
C ALA C 181 -7.53 -15.14 2.22
N GLY C 182 -8.16 -15.00 1.04
CA GLY C 182 -7.67 -14.18 -0.04
C GLY C 182 -7.20 -12.79 0.31
N ARG C 183 -7.90 -12.07 1.21
CA ARG C 183 -7.49 -10.71 1.57
C ARG C 183 -6.09 -10.68 2.15
N ASP C 184 -5.79 -11.64 3.05
CA ASP C 184 -4.48 -11.77 3.68
C ASP C 184 -3.42 -12.14 2.65
N LEU C 185 -3.76 -12.98 1.67
CA LEU C 185 -2.82 -13.37 0.61
C LEU C 185 -2.45 -12.20 -0.30
N THR C 186 -3.40 -11.29 -0.54
CA THR C 186 -3.13 -10.09 -1.33
C THR C 186 -2.20 -9.17 -0.55
N ASP C 187 -2.44 -9.01 0.77
CA ASP C 187 -1.58 -8.17 1.61
C ASP C 187 -0.16 -8.73 1.67
N TYR C 188 -0.06 -10.06 1.72
CA TYR C 188 1.21 -10.74 1.73
C TYR C 188 1.91 -10.57 0.39
N LEU C 189 1.17 -10.65 -0.71
CA LEU C 189 1.74 -10.47 -2.04
C LEU C 189 2.28 -9.04 -2.17
N MET C 190 1.57 -8.04 -1.62
CA MET C 190 2.02 -6.64 -1.59
C MET C 190 3.34 -6.53 -0.80
N LYS C 191 3.40 -7.22 0.33
CA LYS C 191 4.59 -7.25 1.17
C LYS C 191 5.81 -7.85 0.42
N ILE C 192 5.72 -9.10 -0.09
CA ILE C 192 6.85 -9.74 -0.78
C ILE C 192 7.20 -9.11 -2.15
N LEU C 193 6.27 -8.34 -2.76
CA LEU C 193 6.61 -7.62 -4.01
C LEU C 193 7.62 -6.46 -3.77
N THR C 194 7.73 -5.99 -2.51
CA THR C 194 8.69 -4.97 -2.10
C THR C 194 10.11 -5.49 -2.32
N GLU C 195 10.32 -6.83 -2.17
CA GLU C 195 11.59 -7.50 -2.36
C GLU C 195 12.15 -7.45 -3.81
N ARG C 196 11.36 -6.89 -4.75
CA ARG C 196 11.73 -6.65 -6.15
C ARG C 196 11.84 -5.13 -6.44
N GLY C 197 11.68 -4.27 -5.45
CA GLY C 197 11.71 -2.82 -5.62
C GLY C 197 10.35 -2.21 -5.90
N TYR C 198 9.28 -3.04 -5.95
CA TYR C 198 7.92 -2.57 -6.22
C TYR C 198 7.25 -2.09 -4.96
N SER C 199 6.47 -1.02 -5.06
CA SER C 199 5.75 -0.49 -3.90
C SER C 199 4.23 -0.47 -4.13
N PHE C 200 3.49 -1.27 -3.37
CA PHE C 200 2.04 -1.32 -3.40
C PHE C 200 1.62 -1.18 -1.94
N VAL C 201 1.02 -0.05 -1.54
CA VAL C 201 0.63 0.15 -0.14
C VAL C 201 -0.84 0.58 0.01
N THR C 202 -1.36 1.38 -0.94
CA THR C 202 -2.72 1.92 -0.88
C THR C 202 -3.83 0.87 -1.15
N THR C 203 -5.12 1.25 -0.93
CA THR C 203 -6.32 0.45 -1.20
C THR C 203 -6.42 0.23 -2.72
N ALA C 204 -6.13 1.26 -3.54
CA ALA C 204 -6.16 1.13 -4.98
C ALA C 204 -5.07 0.16 -5.45
N GLU C 205 -3.87 0.26 -4.86
CA GLU C 205 -2.76 -0.62 -5.19
C GLU C 205 -3.03 -2.06 -4.76
N ARG C 206 -3.75 -2.24 -3.64
CA ARG C 206 -4.17 -3.53 -3.11
C ARG C 206 -5.01 -4.27 -4.18
N GLU C 207 -5.87 -3.54 -4.91
CA GLU C 207 -6.70 -4.09 -5.96
C GLU C 207 -5.92 -4.55 -7.17
N ILE C 208 -4.82 -3.87 -7.47
CA ILE C 208 -3.93 -4.23 -8.57
C ILE C 208 -3.23 -5.54 -8.21
N VAL C 209 -2.77 -5.65 -6.95
CA VAL C 209 -2.08 -6.84 -6.44
C VAL C 209 -3.05 -8.03 -6.32
N ARG C 210 -4.33 -7.77 -6.04
CA ARG C 210 -5.34 -8.82 -6.01
C ARG C 210 -5.52 -9.38 -7.42
N ASP C 211 -5.53 -8.50 -8.43
CA ASP C 211 -5.63 -8.94 -9.81
C ASP C 211 -4.41 -9.78 -10.22
N ILE C 212 -3.19 -9.35 -9.82
CA ILE C 212 -1.95 -10.08 -10.10
C ILE C 212 -2.03 -11.46 -9.44
N LYS C 213 -2.49 -11.51 -8.19
CA LYS C 213 -2.66 -12.75 -7.43
C LYS C 213 -3.59 -13.74 -8.16
N GLU C 214 -4.74 -13.26 -8.62
CA GLU C 214 -5.71 -14.10 -9.30
C GLU C 214 -5.29 -14.55 -10.68
N LYS C 215 -4.41 -13.80 -11.34
CA LYS C 215 -4.02 -14.13 -12.69
C LYS C 215 -2.76 -14.91 -12.78
N LEU C 216 -1.79 -14.65 -11.88
CA LEU C 216 -0.47 -15.27 -11.98
C LEU C 216 -0.07 -16.21 -10.87
N CYS C 217 -0.78 -16.21 -9.73
CA CYS C 217 -0.41 -17.13 -8.64
C CYS C 217 -0.85 -18.58 -8.89
N TYR C 218 -0.14 -19.51 -8.29
CA TYR C 218 -0.41 -20.95 -8.34
C TYR C 218 0.20 -21.64 -7.11
N VAL C 219 -0.29 -22.83 -6.76
CA VAL C 219 0.26 -23.59 -5.66
C VAL C 219 1.30 -24.61 -6.16
N ALA C 220 2.53 -24.54 -5.61
CA ALA C 220 3.58 -25.46 -5.99
C ALA C 220 3.36 -26.81 -5.31
N LEU C 221 3.58 -27.92 -6.04
CA LEU C 221 3.44 -29.26 -5.51
C LEU C 221 4.52 -29.52 -4.46
N ASP C 222 5.76 -29.10 -4.74
CA ASP C 222 6.89 -29.19 -3.83
C ASP C 222 7.40 -27.78 -3.71
N PHE C 223 7.18 -27.12 -2.56
CA PHE C 223 7.58 -25.73 -2.40
C PHE C 223 9.09 -25.51 -2.46
N GLU C 224 9.89 -26.30 -1.72
CA GLU C 224 11.34 -26.14 -1.73
C GLU C 224 11.95 -26.32 -3.11
N ASN C 225 11.52 -27.35 -3.86
CA ASN C 225 12.01 -27.59 -5.21
C ASN C 225 11.62 -26.45 -6.16
N GLU C 226 10.41 -25.87 -5.97
CA GLU C 226 9.95 -24.76 -6.81
C GLU C 226 10.78 -23.51 -6.52
N MET C 227 11.08 -23.26 -5.22
CA MET C 227 11.92 -22.14 -4.80
C MET C 227 13.33 -22.30 -5.42
N ALA C 228 13.86 -23.54 -5.44
CA ALA C 228 15.17 -23.85 -6.01
C ALA C 228 15.17 -23.69 -7.54
N THR C 229 14.06 -24.02 -8.19
CA THR C 229 13.92 -23.84 -9.64
C THR C 229 13.88 -22.35 -9.96
N ALA C 230 13.10 -21.55 -9.18
CA ALA C 230 13.02 -20.11 -9.38
C ALA C 230 14.38 -19.41 -9.09
N ALA C 231 15.20 -20.00 -8.20
CA ALA C 231 16.51 -19.46 -7.85
C ALA C 231 17.57 -19.69 -8.93
N SER C 232 17.39 -20.69 -9.80
CA SER C 232 18.38 -21.04 -10.80
C SER C 232 17.96 -20.77 -12.24
N SER C 233 16.74 -20.22 -12.47
CA SER C 233 16.28 -19.90 -13.82
C SER C 233 15.10 -18.94 -13.80
N SER C 234 14.88 -18.26 -14.92
CA SER C 234 13.75 -17.34 -15.06
C SER C 234 12.50 -18.03 -15.67
N SER C 235 12.50 -19.38 -15.78
CA SER C 235 11.40 -20.18 -16.36
C SER C 235 10.04 -19.98 -15.70
N LEU C 236 10.01 -19.67 -14.40
CA LEU C 236 8.74 -19.46 -13.71
C LEU C 236 8.28 -17.98 -13.70
N GLU C 237 9.01 -17.08 -14.36
CA GLU C 237 8.66 -15.66 -14.35
C GLU C 237 7.54 -15.30 -15.30
N LYS C 238 6.77 -14.26 -14.95
CA LYS C 238 5.64 -13.75 -15.72
C LYS C 238 5.63 -12.22 -15.72
N SER C 239 5.04 -11.63 -16.77
CA SER C 239 4.92 -10.19 -16.86
C SER C 239 3.51 -9.73 -16.59
N TYR C 240 3.37 -8.50 -16.11
CA TYR C 240 2.05 -7.94 -15.81
C TYR C 240 2.04 -6.44 -16.12
N GLU C 241 1.06 -6.00 -16.91
CA GLU C 241 0.93 -4.60 -17.25
C GLU C 241 0.07 -3.89 -16.21
N LEU C 242 0.65 -2.92 -15.49
CA LEU C 242 -0.10 -2.13 -14.51
C LEU C 242 -1.04 -1.16 -15.25
N PRO C 243 -2.09 -0.61 -14.59
CA PRO C 243 -3.00 0.31 -15.30
C PRO C 243 -2.31 1.41 -16.11
N ASP C 244 -1.22 2.01 -15.58
CA ASP C 244 -0.47 3.08 -16.24
C ASP C 244 0.48 2.61 -17.37
N GLY C 245 0.38 1.34 -17.78
CA GLY C 245 1.20 0.79 -18.85
C GLY C 245 2.58 0.30 -18.45
N GLN C 246 2.98 0.50 -17.19
CA GLN C 246 4.27 0.00 -16.72
C GLN C 246 4.20 -1.52 -16.56
N VAL C 247 5.10 -2.25 -17.24
CA VAL C 247 5.13 -3.71 -17.14
C VAL C 247 6.09 -4.16 -16.04
N ILE C 248 5.59 -4.98 -15.10
CA ILE C 248 6.40 -5.53 -14.01
C ILE C 248 6.67 -7.04 -14.18
N THR C 249 7.69 -7.55 -13.48
CA THR C 249 8.02 -8.97 -13.55
C THR C 249 7.86 -9.62 -12.19
N ILE C 250 7.15 -10.76 -12.17
CA ILE C 250 6.80 -11.55 -10.99
C ILE C 250 7.54 -12.89 -11.13
N GLY C 251 8.12 -13.38 -10.05
CA GLY C 251 8.87 -14.63 -10.08
C GLY C 251 8.37 -15.63 -9.06
N ASN C 252 9.16 -15.88 -8.01
CA ASN C 252 8.76 -16.84 -6.97
C ASN C 252 7.52 -16.42 -6.16
N GLU C 253 7.16 -15.13 -6.20
CA GLU C 253 5.97 -14.62 -5.52
C GLU C 253 4.69 -15.30 -6.04
N ARG C 254 4.72 -15.81 -7.30
CA ARG C 254 3.60 -16.52 -7.89
C ARG C 254 3.16 -17.70 -7.02
N PHE C 255 4.10 -18.45 -6.43
CA PHE C 255 3.72 -19.60 -5.60
C PHE C 255 3.93 -19.38 -4.09
N ARG C 256 4.78 -18.42 -3.73
CA ARG C 256 5.04 -18.09 -2.34
C ARG C 256 3.79 -17.48 -1.69
N CYS C 257 3.03 -16.69 -2.46
CA CYS C 257 1.81 -16.09 -1.96
C CYS C 257 0.78 -17.17 -1.50
N PRO C 258 0.24 -18.06 -2.39
CA PRO C 258 -0.69 -19.11 -1.91
C PRO C 258 -0.05 -20.14 -0.97
N GLU C 259 1.29 -20.21 -0.91
CA GLU C 259 1.99 -21.12 0.02
C GLU C 259 1.63 -20.86 1.48
N THR C 260 1.26 -19.60 1.79
CA THR C 260 0.79 -19.15 3.10
C THR C 260 -0.42 -19.98 3.57
N LEU C 261 -1.26 -20.45 2.65
CA LEU C 261 -2.40 -21.30 3.00
C LEU C 261 -1.94 -22.59 3.70
N PHE C 262 -0.80 -23.14 3.26
CA PHE C 262 -0.20 -24.35 3.84
C PHE C 262 0.76 -24.03 5.00
N GLN C 263 1.40 -22.87 4.94
CA GLN C 263 2.35 -22.41 5.94
C GLN C 263 1.96 -21.02 6.43
N PRO C 264 0.95 -20.92 7.34
CA PRO C 264 0.53 -19.58 7.82
C PRO C 264 1.61 -18.82 8.57
N SER C 265 2.74 -19.46 8.91
CA SER C 265 3.86 -18.78 9.55
C SER C 265 4.49 -17.73 8.60
N PHE C 266 4.24 -17.84 7.26
CA PHE C 266 4.70 -16.87 6.27
C PHE C 266 4.19 -15.49 6.58
N ILE C 267 2.98 -15.37 7.18
CA ILE C 267 2.41 -14.09 7.60
C ILE C 267 2.41 -13.90 9.15
N GLY C 268 3.21 -14.67 9.86
CA GLY C 268 3.32 -14.53 11.31
C GLY C 268 2.28 -15.26 12.13
N MET C 269 1.43 -16.05 11.48
CA MET C 269 0.42 -16.83 12.19
C MET C 269 0.96 -18.15 12.69
N GLU C 270 0.74 -18.46 13.98
CA GLU C 270 1.18 -19.74 14.55
C GLU C 270 0.12 -20.85 14.40
N SER C 271 -0.77 -20.69 13.39
CA SER C 271 -1.84 -21.60 13.04
C SER C 271 -1.35 -22.69 12.10
N ALA C 272 -2.07 -23.81 12.05
CA ALA C 272 -1.74 -24.89 11.16
C ALA C 272 -2.27 -24.58 9.74
N GLY C 273 -1.62 -25.13 8.72
CA GLY C 273 -2.03 -24.95 7.34
C GLY C 273 -3.33 -25.64 7.00
N ILE C 274 -3.93 -25.32 5.83
CA ILE C 274 -5.22 -25.85 5.38
C ILE C 274 -5.25 -27.39 5.27
N HIS C 275 -4.09 -28.00 5.00
CA HIS C 275 -4.01 -29.45 4.94
C HIS C 275 -4.07 -30.07 6.36
N GLU C 276 -3.47 -29.38 7.36
CA GLU C 276 -3.46 -29.82 8.72
C GLU C 276 -4.81 -29.64 9.34
N THR C 277 -5.48 -28.52 9.10
CA THR C 277 -6.81 -28.27 9.64
C THR C 277 -7.85 -29.23 9.04
N THR C 278 -7.65 -29.66 7.77
CA THR C 278 -8.55 -30.61 7.14
C THR C 278 -8.41 -31.96 7.84
N TYR C 279 -7.15 -32.38 8.08
CA TYR C 279 -6.82 -33.62 8.77
C TYR C 279 -7.36 -33.58 10.22
N ASN C 280 -7.11 -32.48 10.93
CA ASN C 280 -7.57 -32.29 12.29
C ASN C 280 -9.09 -32.30 12.40
N SER C 281 -9.78 -31.81 11.37
CA SER C 281 -11.24 -31.81 11.35
C SER C 281 -11.74 -33.24 11.20
N ILE C 282 -11.19 -34.00 10.23
CA ILE C 282 -11.56 -35.40 10.02
C ILE C 282 -11.29 -36.24 11.28
N MET C 283 -10.17 -35.99 11.97
CA MET C 283 -9.82 -36.74 13.18
C MET C 283 -10.74 -36.47 14.38
N LYS C 284 -11.41 -35.31 14.44
CA LYS C 284 -12.38 -35.06 15.51
C LYS C 284 -13.77 -35.66 15.22
N CYS C 285 -13.90 -36.41 14.14
CA CYS C 285 -15.13 -37.05 13.73
C CYS C 285 -15.08 -38.53 14.05
N ASP C 286 -16.24 -39.15 14.13
CA ASP C 286 -16.34 -40.58 14.43
C ASP C 286 -15.60 -41.40 13.36
N ILE C 287 -14.74 -42.35 13.80
CA ILE C 287 -13.94 -43.27 12.97
C ILE C 287 -14.73 -43.84 11.80
N ASP C 288 -16.00 -44.20 12.06
CA ASP C 288 -16.90 -44.80 11.11
C ASP C 288 -17.19 -43.96 9.88
N ILE C 289 -17.01 -42.64 9.97
CA ILE C 289 -17.30 -41.74 8.85
C ILE C 289 -16.04 -41.13 8.21
N ARG C 290 -14.87 -41.29 8.84
CA ARG C 290 -13.60 -40.75 8.37
C ARG C 290 -13.25 -41.14 6.93
N LYS C 291 -13.46 -42.42 6.56
CA LYS C 291 -13.23 -42.94 5.20
C LYS C 291 -14.08 -42.16 4.16
N ASP C 292 -15.29 -41.77 4.55
CA ASP C 292 -16.22 -41.00 3.73
C ASP C 292 -15.86 -39.52 3.64
N LEU C 293 -15.19 -38.99 4.67
CA LEU C 293 -14.76 -37.59 4.66
C LEU C 293 -13.54 -37.48 3.76
N TYR C 294 -12.54 -38.39 3.97
CA TYR C 294 -11.29 -38.44 3.21
C TYR C 294 -11.52 -38.59 1.71
N ALA C 295 -12.56 -39.35 1.31
CA ALA C 295 -12.84 -39.57 -0.10
C ALA C 295 -13.76 -38.51 -0.73
N ASN C 296 -14.21 -37.52 0.04
CA ASN C 296 -15.12 -36.50 -0.44
C ASN C 296 -14.69 -35.13 0.08
N ASN C 297 -13.44 -34.78 -0.17
CA ASN C 297 -12.90 -33.50 0.23
C ASN C 297 -13.28 -32.50 -0.87
N VAL C 298 -14.18 -31.56 -0.58
CA VAL C 298 -14.64 -30.58 -1.56
C VAL C 298 -14.04 -29.21 -1.33
N MET C 299 -13.45 -28.61 -2.40
CA MET C 299 -12.93 -27.26 -2.29
C MET C 299 -13.96 -26.28 -2.80
N SER C 300 -14.15 -25.20 -2.08
CA SER C 300 -15.05 -24.14 -2.49
C SER C 300 -14.48 -22.78 -2.10
N GLY C 301 -14.92 -21.76 -2.80
CA GLY C 301 -14.47 -20.40 -2.54
C GLY C 301 -13.42 -19.97 -3.52
N GLY C 302 -13.27 -18.66 -3.64
CA GLY C 302 -12.30 -18.07 -4.55
C GLY C 302 -10.86 -18.36 -4.22
N THR C 303 -10.51 -18.47 -2.91
CA THR C 303 -9.14 -18.70 -2.52
C THR C 303 -8.71 -20.19 -2.74
N THR C 304 -9.61 -21.08 -3.21
CA THR C 304 -9.20 -22.43 -3.61
C THR C 304 -9.00 -22.51 -5.13
N MET C 305 -9.08 -21.37 -5.85
CA MET C 305 -8.99 -21.35 -7.31
C MET C 305 -7.61 -21.52 -7.88
N TYR C 306 -6.57 -21.40 -7.04
CA TYR C 306 -5.20 -21.51 -7.51
C TYR C 306 -4.89 -22.79 -8.21
N PRO C 307 -4.29 -22.72 -9.41
CA PRO C 307 -3.85 -23.96 -10.08
C PRO C 307 -2.91 -24.74 -9.18
N GLY C 308 -3.06 -26.05 -9.13
CA GLY C 308 -2.20 -26.90 -8.32
C GLY C 308 -2.62 -27.10 -6.87
N ILE C 309 -3.64 -26.37 -6.37
CA ILE C 309 -4.06 -26.51 -4.97
C ILE C 309 -4.65 -27.91 -4.65
N ALA C 310 -5.34 -28.55 -5.62
CA ALA C 310 -5.93 -29.87 -5.38
C ALA C 310 -4.86 -30.96 -5.37
N ASP C 311 -3.86 -30.84 -6.23
CA ASP C 311 -2.76 -31.80 -6.24
C ASP C 311 -1.91 -31.68 -4.98
N ARG C 312 -1.67 -30.45 -4.54
CA ARG C 312 -0.91 -30.19 -3.34
C ARG C 312 -1.69 -30.71 -2.12
N MET C 313 -2.99 -30.45 -2.07
CA MET C 313 -3.86 -30.92 -0.99
C MET C 313 -3.91 -32.45 -0.95
N GLN C 314 -4.03 -33.10 -2.13
CA GLN C 314 -4.03 -34.56 -2.24
C GLN C 314 -2.78 -35.15 -1.57
N LYS C 315 -1.61 -34.60 -1.90
CA LYS C 315 -0.31 -34.99 -1.40
C LYS C 315 -0.15 -34.75 0.11
N GLU C 316 -0.56 -33.57 0.58
CA GLU C 316 -0.45 -33.25 2.00
C GLU C 316 -1.38 -34.10 2.86
N ILE C 317 -2.62 -34.36 2.40
CA ILE C 317 -3.55 -35.22 3.13
C ILE C 317 -3.04 -36.67 3.10
N THR C 318 -2.49 -37.12 1.96
CA THR C 318 -1.92 -38.45 1.83
C THR C 318 -0.78 -38.71 2.83
N ALA C 319 0.05 -37.68 3.12
CA ALA C 319 1.14 -37.83 4.07
C ALA C 319 0.66 -37.86 5.53
N LEU C 320 -0.52 -37.27 5.81
CA LEU C 320 -1.08 -37.22 7.16
C LEU C 320 -1.96 -38.43 7.50
N ALA C 321 -2.78 -38.85 6.54
CA ALA C 321 -3.73 -39.96 6.65
C ALA C 321 -3.04 -41.32 6.68
N PRO C 322 -3.75 -42.37 7.17
CA PRO C 322 -3.17 -43.73 7.15
C PRO C 322 -2.85 -44.18 5.72
N SER C 323 -1.76 -44.93 5.56
CA SER C 323 -1.23 -45.43 4.29
C SER C 323 -2.26 -45.96 3.28
N THR C 324 -3.26 -46.70 3.75
CA THR C 324 -4.26 -47.28 2.85
C THR C 324 -5.54 -46.46 2.71
N MET C 325 -5.53 -45.21 3.19
CA MET C 325 -6.70 -44.36 3.14
C MET C 325 -6.87 -43.80 1.75
N LYS C 326 -8.08 -43.95 1.18
CA LYS C 326 -8.34 -43.40 -0.14
C LYS C 326 -8.77 -41.93 -0.07
N ILE C 327 -7.91 -41.04 -0.57
CA ILE C 327 -8.11 -39.61 -0.57
C ILE C 327 -8.57 -39.07 -1.93
N LYS C 328 -9.61 -38.25 -1.92
CA LYS C 328 -10.11 -37.65 -3.14
C LYS C 328 -10.42 -36.17 -2.93
N ILE C 329 -9.84 -35.31 -3.78
CA ILE C 329 -10.07 -33.87 -3.72
C ILE C 329 -10.97 -33.50 -4.91
N ILE C 330 -12.11 -32.88 -4.62
CA ILE C 330 -13.09 -32.45 -5.61
C ILE C 330 -13.07 -30.95 -5.65
N ALA C 331 -12.52 -30.41 -6.75
CA ALA C 331 -12.39 -28.98 -6.96
C ALA C 331 -13.10 -28.63 -8.27
N PRO C 332 -14.41 -28.37 -8.21
CA PRO C 332 -15.14 -28.05 -9.46
C PRO C 332 -14.74 -26.71 -10.07
N PRO C 333 -14.81 -26.55 -11.40
CA PRO C 333 -14.38 -25.27 -12.02
C PRO C 333 -15.14 -24.02 -11.56
N GLU C 334 -16.40 -24.20 -11.19
CA GLU C 334 -17.24 -23.12 -10.70
C GLU C 334 -17.23 -23.06 -9.15
N ARG C 335 -16.18 -23.60 -8.47
CA ARG C 335 -16.15 -23.64 -7.02
C ARG C 335 -16.20 -22.25 -6.34
N LYS C 336 -15.95 -21.18 -7.09
CA LYS C 336 -16.09 -19.82 -6.59
C LYS C 336 -17.61 -19.50 -6.34
N TYR C 337 -18.52 -20.27 -6.97
CA TYR C 337 -19.97 -20.09 -6.93
C TYR C 337 -20.74 -21.27 -6.35
N SER C 338 -20.06 -22.32 -5.90
CA SER C 338 -20.62 -23.52 -5.26
C SER C 338 -21.63 -23.23 -4.15
N VAL C 339 -21.34 -22.22 -3.28
CA VAL C 339 -22.25 -21.86 -2.18
C VAL C 339 -23.57 -21.38 -2.78
N TRP C 340 -23.47 -20.44 -3.76
CA TRP C 340 -24.64 -19.90 -4.41
C TRP C 340 -25.41 -21.01 -5.15
N ILE C 341 -24.71 -21.85 -5.93
CA ILE C 341 -25.31 -22.94 -6.69
C ILE C 341 -26.06 -23.88 -5.79
N GLY C 342 -25.45 -24.22 -4.63
CA GLY C 342 -26.01 -25.09 -3.62
C GLY C 342 -27.32 -24.56 -3.08
N GLY C 343 -27.34 -23.26 -2.81
CA GLY C 343 -28.54 -22.57 -2.34
C GLY C 343 -29.64 -22.60 -3.39
N SER C 344 -29.29 -22.36 -4.64
CA SER C 344 -30.23 -22.43 -5.76
C SER C 344 -30.79 -23.87 -5.89
N ILE C 345 -29.94 -24.90 -5.78
CA ILE C 345 -30.40 -26.30 -5.83
C ILE C 345 -31.36 -26.58 -4.64
N LEU C 346 -30.96 -26.16 -3.44
CA LEU C 346 -31.75 -26.37 -2.25
C LEU C 346 -33.13 -25.69 -2.32
N ALA C 347 -33.17 -24.37 -2.50
CA ALA C 347 -34.39 -23.61 -2.56
C ALA C 347 -35.28 -23.95 -3.76
N SER C 348 -34.74 -24.63 -4.79
CA SER C 348 -35.54 -24.98 -5.97
C SER C 348 -36.23 -26.35 -5.85
N LEU C 349 -35.92 -27.13 -4.81
CA LEU C 349 -36.60 -28.42 -4.59
C LEU C 349 -37.96 -28.05 -3.96
N SER C 350 -38.93 -27.54 -4.77
CA SER C 350 -40.14 -26.95 -4.22
C SER C 350 -41.01 -27.96 -3.43
N THR C 351 -41.69 -28.88 -4.14
CA THR C 351 -42.58 -29.85 -3.47
C THR C 351 -41.76 -30.93 -2.68
N PHE C 352 -40.40 -30.82 -2.68
CA PHE C 352 -39.52 -31.71 -1.96
C PHE C 352 -39.00 -31.04 -0.66
N GLN C 353 -38.94 -29.70 -0.63
CA GLN C 353 -38.45 -28.99 0.54
C GLN C 353 -39.48 -28.02 1.09
N GLN C 354 -40.02 -28.37 2.27
CA GLN C 354 -40.97 -27.49 2.93
C GLN C 354 -40.51 -27.11 4.31
N MET C 355 -39.37 -26.40 4.33
CA MET C 355 -38.74 -25.95 5.56
C MET C 355 -38.55 -24.45 5.67
N TRP C 356 -39.12 -23.66 4.76
CA TRP C 356 -39.05 -22.19 4.84
C TRP C 356 -39.76 -21.72 6.11
N ILE C 357 -39.17 -20.74 6.80
CA ILE C 357 -39.80 -20.15 7.97
C ILE C 357 -40.72 -19.10 7.36
N THR C 358 -42.05 -19.26 7.51
CA THR C 358 -43.00 -18.30 6.92
C THR C 358 -43.16 -17.05 7.78
N LYS C 359 -43.66 -15.95 7.18
CA LYS C 359 -43.93 -14.71 7.92
C LYS C 359 -44.95 -14.96 9.04
N GLN C 360 -45.91 -15.89 8.81
CA GLN C 360 -46.90 -16.28 9.80
C GLN C 360 -46.20 -16.88 11.04
N GLU C 361 -45.29 -17.84 10.82
CA GLU C 361 -44.52 -18.48 11.89
C GLU C 361 -43.62 -17.48 12.62
N TYR C 362 -43.11 -16.45 11.91
CA TYR C 362 -42.28 -15.43 12.54
C TYR C 362 -43.11 -14.53 13.45
N ASP C 363 -44.28 -14.07 12.98
CA ASP C 363 -45.14 -13.20 13.79
C ASP C 363 -45.56 -13.89 15.09
N GLU C 364 -45.74 -15.21 15.06
CA GLU C 364 -46.15 -15.99 16.22
C GLU C 364 -45.02 -16.39 17.17
N ALA C 365 -43.84 -16.77 16.65
CA ALA C 365 -42.74 -17.23 17.50
C ALA C 365 -41.60 -16.22 17.73
N GLY C 366 -41.42 -15.30 16.81
CA GLY C 366 -40.33 -14.32 16.90
C GLY C 366 -39.04 -14.83 16.28
N PRO C 367 -37.94 -14.06 16.39
CA PRO C 367 -36.66 -14.49 15.78
C PRO C 367 -36.10 -15.85 16.20
N SER C 368 -36.60 -16.44 17.30
CA SER C 368 -36.16 -17.74 17.78
C SER C 368 -36.56 -18.91 16.85
N ILE C 369 -37.52 -18.69 15.94
CA ILE C 369 -38.03 -19.70 15.01
C ILE C 369 -36.93 -20.28 14.10
N VAL C 370 -35.91 -19.46 13.78
CA VAL C 370 -34.76 -19.87 12.94
C VAL C 370 -33.94 -21.03 13.58
N HIS C 371 -34.14 -21.32 14.88
CA HIS C 371 -33.47 -22.41 15.58
C HIS C 371 -34.50 -23.49 15.93
N SER D 14 -11.40 -39.96 -33.71
CA SER D 14 -12.56 -39.75 -32.84
C SER D 14 -13.89 -39.80 -33.61
N HIS D 15 -14.63 -40.90 -33.44
CA HIS D 15 -15.93 -41.05 -34.09
C HIS D 15 -17.02 -41.39 -33.04
N LYS D 16 -16.93 -40.78 -31.84
CA LYS D 16 -17.91 -41.03 -30.79
C LYS D 16 -19.01 -39.98 -30.72
N THR D 17 -20.15 -40.36 -30.13
CA THR D 17 -21.31 -39.50 -29.97
C THR D 17 -21.21 -38.71 -28.66
N TYR D 18 -21.61 -37.42 -28.71
CA TYR D 18 -21.63 -36.60 -27.52
C TYR D 18 -22.95 -36.90 -26.83
N GLN D 19 -22.89 -37.37 -25.59
CA GLN D 19 -24.11 -37.65 -24.84
C GLN D 19 -24.04 -37.03 -23.45
N SER D 20 -25.03 -36.21 -23.11
CA SER D 20 -25.13 -35.59 -21.80
C SER D 20 -26.59 -35.32 -21.57
N ARG D 21 -27.20 -36.02 -20.57
CA ARG D 21 -28.64 -35.91 -20.28
C ARG D 21 -29.48 -36.13 -21.59
N ASP D 22 -30.31 -35.16 -22.02
CA ASP D 22 -31.14 -35.27 -23.23
C ASP D 22 -30.47 -34.77 -24.50
N LEU D 23 -29.18 -34.39 -24.44
CA LEU D 23 -28.47 -33.87 -25.58
C LEU D 23 -27.61 -34.94 -26.24
N VAL D 24 -27.90 -35.27 -27.50
CA VAL D 24 -27.14 -36.28 -28.23
C VAL D 24 -26.67 -35.69 -29.54
N LEU D 25 -25.36 -35.69 -29.79
CA LEU D 25 -24.83 -35.18 -31.05
C LEU D 25 -24.06 -36.25 -31.79
N GLU D 26 -24.35 -36.39 -33.08
CA GLU D 26 -23.66 -37.34 -33.94
C GLU D 26 -22.46 -36.67 -34.58
N PRO D 27 -21.35 -37.39 -34.74
CA PRO D 27 -20.17 -36.79 -35.39
C PRO D 27 -20.48 -36.40 -36.85
N ILE D 28 -20.07 -35.19 -37.24
CA ILE D 28 -20.27 -34.61 -38.58
C ILE D 28 -19.91 -35.56 -39.70
N GLN D 29 -20.93 -35.95 -40.47
CA GLN D 29 -20.73 -36.80 -41.63
C GLN D 29 -20.68 -35.86 -42.82
N HIS D 30 -19.59 -35.94 -43.62
CA HIS D 30 -19.37 -35.08 -44.78
C HIS D 30 -19.33 -33.59 -44.38
N PRO D 31 -18.13 -33.07 -44.04
CA PRO D 31 -18.03 -31.66 -43.67
C PRO D 31 -17.90 -30.72 -44.88
N LYS D 32 -18.80 -29.75 -44.97
CA LYS D 32 -18.80 -28.77 -46.05
C LYS D 32 -17.93 -27.56 -45.73
N SER D 33 -17.27 -26.98 -46.74
CA SER D 33 -16.46 -25.77 -46.54
C SER D 33 -17.35 -24.54 -46.74
N ILE D 34 -17.28 -23.57 -45.83
CA ILE D 34 -18.14 -22.40 -45.91
C ILE D 34 -17.37 -21.14 -46.32
N GLU D 35 -17.85 -20.45 -47.32
CA GLU D 35 -17.25 -19.19 -47.76
C GLU D 35 -17.57 -18.08 -46.74
N LEU D 36 -16.54 -17.40 -46.22
CA LEU D 36 -16.75 -16.35 -45.23
C LEU D 36 -16.15 -15.04 -45.71
N GLY D 37 -16.78 -13.92 -45.36
CA GLY D 37 -16.26 -12.60 -45.69
C GLY D 37 -15.14 -12.14 -44.79
N MET D 38 -14.98 -12.75 -43.59
CA MET D 38 -13.91 -12.38 -42.65
C MET D 38 -12.58 -12.88 -43.21
N PRO D 39 -11.56 -12.01 -43.34
CA PRO D 39 -10.27 -12.47 -43.89
C PRO D 39 -9.71 -13.57 -43.01
N GLU D 40 -9.12 -14.63 -43.62
CA GLU D 40 -8.49 -15.76 -42.93
C GLU D 40 -7.53 -15.31 -41.84
N VAL D 41 -6.82 -14.22 -42.10
CA VAL D 41 -5.84 -13.67 -41.18
C VAL D 41 -6.53 -13.10 -39.91
N ASP D 42 -7.73 -12.48 -40.04
CA ASP D 42 -8.53 -12.01 -38.89
C ASP D 42 -9.13 -13.16 -38.11
N GLN D 43 -9.47 -14.28 -38.82
CA GLN D 43 -9.92 -15.50 -38.13
C GLN D 43 -8.82 -16.03 -37.24
N SER D 44 -7.60 -16.08 -37.75
CA SER D 44 -6.42 -16.50 -37.00
C SER D 44 -6.19 -15.62 -35.75
N VAL D 45 -6.27 -14.27 -35.88
CA VAL D 45 -6.18 -13.34 -34.75
C VAL D 45 -7.23 -13.68 -33.69
N LEU D 46 -8.50 -13.86 -34.09
CA LEU D 46 -9.59 -14.16 -33.17
C LEU D 46 -9.44 -15.52 -32.51
N ALA D 47 -8.90 -16.52 -33.24
CA ALA D 47 -8.60 -17.82 -32.62
C ALA D 47 -7.55 -17.66 -31.50
N GLU D 48 -6.60 -16.73 -31.69
CA GLU D 48 -5.57 -16.45 -30.68
C GLU D 48 -6.13 -15.66 -29.51
N VAL D 49 -6.99 -14.66 -29.76
CA VAL D 49 -7.64 -13.88 -28.70
C VAL D 49 -8.47 -14.82 -27.80
N ALA D 50 -9.23 -15.74 -28.41
CA ALA D 50 -10.06 -16.71 -27.70
C ALA D 50 -9.19 -17.52 -26.70
N GLU D 51 -8.00 -17.96 -27.15
CA GLU D 51 -7.06 -18.72 -26.34
C GLU D 51 -6.42 -17.88 -25.25
N ARG D 52 -5.92 -16.69 -25.59
CA ARG D 52 -5.29 -15.81 -24.60
C ARG D 52 -6.24 -15.43 -23.48
N GLU D 53 -7.46 -15.00 -23.85
CA GLU D 53 -8.47 -14.51 -22.93
C GLU D 53 -9.32 -15.57 -22.29
N ASN D 54 -9.27 -16.82 -22.79
CA ASN D 54 -10.06 -17.93 -22.29
C ASN D 54 -11.55 -17.65 -22.40
N VAL D 55 -11.96 -17.18 -23.60
CA VAL D 55 -13.34 -16.86 -23.90
C VAL D 55 -13.71 -17.47 -25.24
N ILE D 56 -15.01 -17.70 -25.45
CA ILE D 56 -15.58 -18.14 -26.72
C ILE D 56 -16.17 -16.89 -27.36
N ILE D 57 -15.71 -16.52 -28.54
CA ILE D 57 -16.16 -15.31 -29.21
C ILE D 57 -16.94 -15.69 -30.47
N GLY D 58 -18.19 -15.26 -30.58
CA GLY D 58 -18.98 -15.47 -31.77
C GLY D 58 -19.11 -14.18 -32.54
N VAL D 59 -18.98 -14.22 -33.89
CA VAL D 59 -19.09 -13.04 -34.76
C VAL D 59 -20.15 -13.32 -35.80
N ARG D 60 -21.07 -12.36 -36.01
CA ARG D 60 -22.14 -12.48 -36.98
C ARG D 60 -21.55 -12.50 -38.45
N PRO D 61 -22.36 -12.93 -39.45
CA PRO D 61 -21.83 -13.04 -40.84
C PRO D 61 -21.27 -11.77 -41.45
N VAL D 62 -20.36 -11.93 -42.38
CA VAL D 62 -19.80 -10.84 -43.18
C VAL D 62 -19.81 -11.34 -44.65
N ASP D 63 -20.33 -10.55 -45.57
CA ASP D 63 -20.43 -10.96 -46.98
C ASP D 63 -19.06 -11.19 -47.57
N GLU D 64 -18.89 -12.28 -48.34
CA GLU D 64 -17.64 -12.66 -48.96
C GLU D 64 -16.97 -11.53 -49.72
N LYS D 65 -17.73 -10.64 -50.41
CA LYS D 65 -17.14 -9.55 -51.18
C LYS D 65 -16.59 -8.42 -50.31
N SER D 66 -16.88 -8.42 -49.01
CA SER D 66 -16.30 -7.44 -48.10
C SER D 66 -14.87 -7.84 -47.72
N LYS D 67 -14.41 -9.08 -48.04
CA LYS D 67 -13.14 -9.64 -47.62
C LYS D 67 -11.93 -8.80 -47.95
N SER D 68 -11.76 -8.40 -49.22
CA SER D 68 -10.61 -7.63 -49.61
C SER D 68 -10.69 -6.18 -49.10
N LEU D 69 -11.92 -5.64 -48.86
CA LEU D 69 -12.05 -4.29 -48.28
C LEU D 69 -11.49 -4.34 -46.84
N ILE D 70 -11.85 -5.39 -46.06
CA ILE D 70 -11.33 -5.53 -44.71
C ILE D 70 -9.83 -5.83 -44.76
N ALA D 71 -9.42 -6.75 -45.61
CA ALA D 71 -8.03 -7.13 -45.73
C ALA D 71 -7.12 -5.97 -46.08
N SER D 72 -7.58 -5.00 -46.87
CA SER D 72 -6.81 -3.81 -47.27
C SER D 72 -6.41 -2.93 -46.08
N LYS D 73 -7.23 -2.92 -45.03
CA LYS D 73 -7.04 -2.12 -43.83
C LYS D 73 -7.14 -0.61 -44.06
N MET D 74 -7.77 -0.18 -45.16
CA MET D 74 -7.92 1.22 -45.52
C MET D 74 -9.15 1.90 -44.95
N TYR D 75 -10.17 1.11 -44.56
CA TYR D 75 -11.46 1.71 -44.18
C TYR D 75 -11.88 1.62 -42.74
N SER D 76 -12.63 2.65 -42.31
CA SER D 76 -13.35 2.65 -41.06
C SER D 76 -14.68 1.89 -41.37
N SER D 77 -15.36 1.45 -40.33
CA SER D 77 -16.59 0.69 -40.48
C SER D 77 -17.71 1.32 -39.66
N LYS D 78 -18.96 0.92 -39.93
CA LYS D 78 -20.17 1.44 -39.30
C LYS D 78 -20.42 0.99 -37.88
N GLY D 79 -20.65 1.97 -37.02
CA GLY D 79 -21.00 1.74 -35.63
C GLY D 79 -22.50 1.89 -35.42
N LEU D 80 -22.92 1.96 -34.16
CA LEU D 80 -24.34 2.07 -33.82
C LEU D 80 -25.05 3.30 -34.36
N PHE D 81 -24.29 4.36 -34.68
CA PHE D 81 -24.90 5.56 -35.22
C PHE D 81 -25.14 5.49 -36.72
N VAL D 82 -24.70 4.42 -37.40
CA VAL D 82 -24.96 4.19 -38.82
C VAL D 82 -25.76 2.89 -38.91
N LYS D 83 -27.11 3.01 -38.82
CA LYS D 83 -27.96 1.82 -38.87
C LYS D 83 -28.30 1.36 -40.28
N ALA D 84 -28.08 2.20 -41.29
CA ALA D 84 -28.23 1.90 -42.71
C ALA D 84 -27.40 0.65 -43.05
N LYS D 85 -27.97 -0.28 -43.82
CA LYS D 85 -27.26 -1.51 -44.19
C LYS D 85 -26.22 -1.31 -45.25
N SER D 86 -25.25 -2.21 -45.26
CA SER D 86 -24.27 -2.26 -46.31
C SER D 86 -24.93 -2.95 -47.53
N SER D 87 -24.29 -2.82 -48.70
CA SER D 87 -24.77 -3.50 -49.89
C SER D 87 -23.98 -4.80 -50.08
N ASP D 88 -24.63 -5.83 -50.59
CA ASP D 88 -23.95 -7.09 -50.91
C ASP D 88 -23.98 -7.38 -52.42
N TRP D 89 -24.14 -6.34 -53.26
CA TRP D 89 -24.21 -6.49 -54.71
C TRP D 89 -23.74 -5.22 -55.40
N GLY D 90 -23.49 -5.29 -56.71
CA GLY D 90 -23.09 -4.15 -57.52
C GLY D 90 -21.73 -3.53 -57.25
N PRO D 91 -21.48 -2.35 -57.80
CA PRO D 91 -20.19 -1.69 -57.51
C PRO D 91 -20.09 -1.15 -56.07
N MET D 92 -21.23 -1.02 -55.38
CA MET D 92 -21.30 -0.58 -53.99
C MET D 92 -21.19 -1.72 -52.98
N SER D 93 -20.90 -2.97 -53.45
CA SER D 93 -20.75 -4.11 -52.56
CA SER D 93 -20.68 -4.16 -52.61
C SER D 93 -19.69 -3.89 -51.48
N GLY D 94 -20.09 -4.09 -50.23
CA GLY D 94 -19.19 -3.87 -49.10
C GLY D 94 -19.24 -2.45 -48.56
N PHE D 95 -19.93 -1.51 -49.26
CA PHE D 95 -20.10 -0.12 -48.84
C PHE D 95 -21.55 0.16 -48.44
N ILE D 96 -21.83 1.35 -47.92
CA ILE D 96 -23.15 1.65 -47.40
C ILE D 96 -23.85 2.71 -48.22
N PRO D 97 -24.70 2.31 -49.17
CA PRO D 97 -25.32 3.30 -50.05
C PRO D 97 -26.24 4.26 -49.31
N VAL D 98 -26.21 5.54 -49.69
CA VAL D 98 -27.13 6.52 -49.09
C VAL D 98 -28.58 6.17 -49.53
N ASP D 99 -28.75 5.72 -50.78
CA ASP D 99 -30.02 5.26 -51.28
C ASP D 99 -30.04 3.75 -50.97
N GLN D 100 -30.75 3.39 -49.90
CA GLN D 100 -30.81 2.02 -49.39
C GLN D 100 -31.52 1.03 -50.32
N SER D 101 -32.10 1.50 -51.45
CA SER D 101 -32.62 0.56 -52.45
C SER D 101 -31.42 -0.21 -53.11
N PHE D 102 -30.19 0.33 -52.97
CA PHE D 102 -28.97 -0.30 -53.46
C PHE D 102 -28.26 -1.13 -52.35
N ALA D 103 -28.86 -1.29 -51.15
CA ALA D 103 -28.30 -2.04 -50.02
C ALA D 103 -28.69 -3.57 -50.08
N LYS D 104 -28.35 -4.39 -49.06
CA LYS D 104 -28.69 -5.79 -49.00
C LYS D 104 -30.24 -5.94 -48.89
N ALA D 105 -30.76 -7.16 -49.15
CA ALA D 105 -32.19 -7.43 -49.17
C ALA D 105 -32.98 -6.94 -47.94
N SER D 106 -32.45 -7.13 -46.73
CA SER D 106 -33.12 -6.72 -45.51
C SER D 106 -33.45 -5.23 -45.50
N ALA D 107 -32.56 -4.39 -46.08
CA ALA D 107 -32.81 -2.96 -46.13
C ALA D 107 -33.88 -2.62 -47.18
N ARG D 108 -33.83 -3.26 -48.34
CA ARG D 108 -34.82 -3.06 -49.40
C ARG D 108 -36.25 -3.44 -48.95
N ARG D 109 -36.38 -4.42 -48.07
CA ARG D 109 -37.67 -4.85 -47.53
C ARG D 109 -38.34 -3.75 -46.69
N ASP D 110 -37.58 -2.79 -46.17
CA ASP D 110 -38.13 -1.69 -45.36
C ASP D 110 -37.44 -0.41 -45.75
N LEU D 111 -37.47 -0.15 -47.04
CA LEU D 111 -36.87 0.99 -47.71
C LEU D 111 -37.03 2.34 -47.02
N GLU D 112 -38.21 2.67 -46.55
CA GLU D 112 -38.47 3.95 -45.90
C GLU D 112 -37.72 4.13 -44.58
N LYS D 113 -37.64 3.07 -43.80
CA LYS D 113 -36.98 3.07 -42.50
C LYS D 113 -35.44 3.16 -42.66
N PHE D 114 -34.88 2.40 -43.60
CA PHE D 114 -33.45 2.39 -43.85
C PHE D 114 -32.98 3.64 -44.57
N ASN D 115 -33.83 4.27 -45.41
CA ASN D 115 -33.46 5.55 -46.04
C ASN D 115 -33.42 6.62 -44.96
N GLU D 116 -34.35 6.61 -43.98
CA GLU D 116 -34.35 7.55 -42.86
C GLU D 116 -33.11 7.37 -42.00
N TYR D 117 -32.61 6.12 -41.86
CA TYR D 117 -31.41 5.83 -41.10
C TYR D 117 -30.24 6.50 -41.78
N ALA D 118 -30.06 6.24 -43.09
CA ALA D 118 -29.02 6.78 -43.94
C ALA D 118 -28.99 8.32 -43.86
N GLU D 119 -30.14 8.97 -44.04
CA GLU D 119 -30.24 10.42 -43.97
C GLU D 119 -29.98 10.99 -42.61
N GLN D 120 -30.55 10.40 -41.53
CA GLN D 120 -30.35 10.92 -40.19
C GLN D 120 -28.92 10.79 -39.73
N SER D 121 -28.21 9.71 -40.11
CA SER D 121 -26.82 9.56 -39.70
C SER D 121 -25.94 10.68 -40.26
N ILE D 122 -26.22 11.11 -41.50
CA ILE D 122 -25.54 12.21 -42.19
C ILE D 122 -26.00 13.57 -41.64
N LEU D 123 -27.31 13.76 -41.50
CA LEU D 123 -27.86 15.04 -41.03
C LEU D 123 -27.51 15.36 -39.59
N SER D 124 -27.25 14.32 -38.78
CA SER D 124 -26.88 14.47 -37.39
C SER D 124 -25.34 14.64 -37.20
N GLY D 125 -24.54 14.41 -38.25
CA GLY D 125 -23.09 14.56 -38.16
C GLY D 125 -22.32 13.29 -37.89
N ASN D 126 -23.02 12.16 -37.70
CA ASN D 126 -22.37 10.86 -37.45
C ASN D 126 -21.87 10.17 -38.72
N ALA D 127 -21.96 10.85 -39.90
CA ALA D 127 -21.53 10.34 -41.20
C ALA D 127 -21.63 11.48 -42.20
N VAL D 128 -21.00 11.34 -43.38
CA VAL D 128 -21.12 12.34 -44.44
C VAL D 128 -21.66 11.63 -45.71
N SER D 129 -22.12 12.41 -46.71
CA SER D 129 -22.48 11.83 -47.98
C SER D 129 -21.20 11.86 -48.79
N ALA D 130 -20.71 10.70 -49.17
CA ALA D 130 -19.45 10.60 -49.91
C ALA D 130 -19.66 10.01 -51.28
N ASN D 131 -18.76 10.35 -52.21
CA ASN D 131 -18.76 9.75 -53.54
C ASN D 131 -18.11 8.34 -53.46
N LEU D 132 -18.46 7.46 -54.40
CA LEU D 132 -17.90 6.10 -54.41
C LEU D 132 -16.83 5.95 -55.47
N TYR D 133 -15.59 5.73 -55.05
CA TYR D 133 -14.49 5.52 -55.97
C TYR D 133 -14.01 4.09 -55.83
N LEU D 134 -13.76 3.42 -56.95
CA LEU D 134 -13.26 2.04 -56.95
C LEU D 134 -11.94 1.95 -57.69
N ASN D 135 -10.97 1.19 -57.17
CA ASN D 135 -9.71 1.00 -57.88
C ASN D 135 -9.83 -0.14 -58.92
N GLN D 136 -8.82 -0.32 -59.77
CA GLN D 136 -8.85 -1.35 -60.79
C GLN D 136 -8.86 -2.75 -60.20
N VAL D 137 -8.20 -2.94 -59.07
CA VAL D 137 -8.11 -4.22 -58.37
C VAL D 137 -9.50 -4.69 -57.92
N ARG D 138 -10.30 -3.73 -57.41
CA ARG D 138 -11.66 -3.97 -56.95
C ARG D 138 -12.59 -4.28 -58.10
N ILE D 139 -12.48 -3.50 -59.21
CA ILE D 139 -13.29 -3.68 -60.41
C ILE D 139 -13.00 -5.05 -60.99
N GLU D 140 -11.72 -5.43 -61.11
CA GLU D 140 -11.34 -6.73 -61.65
C GLU D 140 -11.87 -7.87 -60.78
N GLU D 141 -11.88 -7.67 -59.46
CA GLU D 141 -12.36 -8.67 -58.51
C GLU D 141 -13.88 -8.85 -58.68
N LEU D 142 -14.64 -7.73 -58.79
CA LEU D 142 -16.08 -7.80 -58.95
C LEU D 142 -16.47 -8.42 -60.29
N VAL D 143 -15.69 -8.17 -61.35
CA VAL D 143 -15.97 -8.71 -62.68
C VAL D 143 -15.53 -10.19 -62.81
N SER D 144 -14.26 -10.49 -62.56
CA SER D 144 -13.69 -11.83 -62.72
C SER D 144 -13.87 -12.78 -61.57
N LYS D 145 -13.60 -12.34 -60.32
CA LYS D 145 -13.70 -13.23 -59.16
C LYS D 145 -15.13 -13.55 -58.75
N TYR D 146 -15.94 -12.53 -58.38
CA TYR D 146 -17.30 -12.78 -57.91
C TYR D 146 -18.39 -12.68 -58.98
N GLU D 147 -18.06 -12.19 -60.20
CA GLU D 147 -19.06 -12.01 -61.28
C GLU D 147 -20.27 -11.17 -60.84
N SER D 148 -20.01 -10.23 -59.92
CA SER D 148 -20.94 -9.27 -59.35
C SER D 148 -21.22 -8.13 -60.35
N LEU D 149 -20.28 -7.83 -61.25
CA LEU D 149 -20.41 -6.79 -62.26
C LEU D 149 -20.15 -7.44 -63.61
N THR D 150 -20.91 -7.06 -64.63
CA THR D 150 -20.67 -7.57 -65.98
C THR D 150 -19.50 -6.79 -66.61
N PRO D 151 -18.76 -7.38 -67.57
CA PRO D 151 -17.63 -6.65 -68.21
C PRO D 151 -17.96 -5.21 -68.66
N LEU D 152 -16.99 -4.31 -68.55
CA LEU D 152 -17.21 -2.90 -68.88
C LEU D 152 -17.22 -2.64 -70.39
N GLU D 153 -17.97 -1.63 -70.83
CA GLU D 153 -18.07 -1.24 -72.23
C GLU D 153 -18.14 0.27 -72.32
N LEU D 154 -17.37 0.93 -73.22
CA LEU D 154 -17.46 2.39 -73.37
C LEU D 154 -18.83 2.75 -73.87
N ASP D 155 -19.53 3.56 -73.09
CA ASP D 155 -20.89 4.01 -73.47
C ASP D 155 -21.00 5.48 -73.14
N VAL D 156 -22.19 5.93 -72.72
CA VAL D 156 -22.35 7.39 -72.50
C VAL D 156 -21.62 8.11 -73.62
N ASP D 157 -22.06 7.97 -74.87
CA ASP D 157 -21.28 8.55 -76.00
C ASP D 157 -19.87 8.03 -75.78
N SER D 158 -18.98 8.90 -75.31
CA SER D 158 -17.64 8.41 -74.88
C SER D 158 -17.74 8.30 -73.35
N GLY D 159 -18.24 9.35 -72.71
CA GLY D 159 -18.47 9.37 -71.25
C GLY D 159 -17.71 8.30 -70.47
N MET D 160 -18.44 7.37 -69.87
CA MET D 160 -17.78 6.42 -68.94
C MET D 160 -17.89 4.97 -69.40
N TYR D 161 -17.63 4.04 -68.48
CA TYR D 161 -17.70 2.60 -68.79
C TYR D 161 -18.93 2.01 -68.13
N LYS D 162 -19.83 1.49 -68.95
CA LYS D 162 -21.06 0.90 -68.48
C LYS D 162 -20.84 -0.54 -68.00
N THR D 163 -21.49 -0.87 -66.88
CA THR D 163 -21.50 -2.20 -66.28
C THR D 163 -22.89 -2.45 -65.71
N THR D 164 -23.29 -3.72 -65.54
CA THR D 164 -24.61 -4.04 -64.99
C THR D 164 -24.48 -4.95 -63.77
N ALA D 165 -25.46 -4.88 -62.87
CA ALA D 165 -25.45 -5.68 -61.64
C ALA D 165 -26.85 -6.09 -61.25
N THR D 166 -27.00 -7.30 -60.70
CA THR D 166 -28.31 -7.78 -60.26
C THR D 166 -28.41 -7.83 -58.74
N ASN D 167 -29.58 -7.49 -58.22
CA ASN D 167 -29.86 -7.61 -56.78
C ASN D 167 -30.65 -8.90 -56.46
N GLY D 168 -30.92 -9.74 -57.48
CA GLY D 168 -31.73 -10.94 -57.37
C GLY D 168 -33.07 -10.76 -58.05
N ASP D 169 -33.62 -9.53 -58.01
CA ASP D 169 -34.91 -9.19 -58.61
C ASP D 169 -34.79 -8.37 -59.90
N GLN D 170 -33.81 -7.47 -59.98
CA GLN D 170 -33.64 -6.64 -61.17
C GLN D 170 -32.17 -6.33 -61.47
N THR D 171 -31.86 -6.09 -62.76
CA THR D 171 -30.54 -5.74 -63.24
C THR D 171 -30.52 -4.24 -63.43
N ILE D 172 -29.60 -3.53 -62.75
CA ILE D 172 -29.48 -2.07 -62.82
C ILE D 172 -28.16 -1.68 -63.47
N PRO D 173 -28.16 -0.68 -64.36
CA PRO D 173 -26.90 -0.25 -64.98
C PRO D 173 -26.12 0.75 -64.10
N PHE D 174 -24.79 0.70 -64.16
CA PHE D 174 -23.86 1.57 -63.45
C PHE D 174 -22.78 2.03 -64.43
N PHE D 175 -22.21 3.22 -64.18
CA PHE D 175 -21.24 3.81 -65.09
C PHE D 175 -20.00 4.25 -64.33
N LEU D 176 -18.79 3.88 -64.79
CA LEU D 176 -17.57 4.24 -64.07
C LEU D 176 -16.76 5.28 -64.81
N ASN D 177 -16.54 6.42 -64.17
CA ASN D 177 -15.78 7.51 -64.76
C ASN D 177 -14.34 7.51 -64.24
N LYS D 178 -13.33 7.53 -65.13
CA LYS D 178 -11.94 7.58 -64.68
C LYS D 178 -11.67 8.95 -64.11
N VAL D 179 -11.25 9.01 -62.85
CA VAL D 179 -10.97 10.25 -62.16
C VAL D 179 -9.59 10.17 -61.48
N THR D 180 -9.03 11.32 -61.10
CA THR D 180 -7.78 11.37 -60.36
C THR D 180 -8.10 12.09 -59.07
N VAL D 181 -8.01 11.39 -57.96
CA VAL D 181 -8.34 11.95 -56.64
C VAL D 181 -7.17 11.59 -55.75
N ASP D 182 -6.52 12.60 -55.15
CA ASP D 182 -5.30 12.48 -54.34
C ASP D 182 -4.18 11.84 -55.17
N ASP D 183 -4.11 12.21 -56.47
CA ASP D 183 -3.14 11.71 -57.46
C ASP D 183 -3.30 10.22 -57.84
N LYS D 184 -4.26 9.52 -57.21
CA LYS D 184 -4.55 8.11 -57.49
C LYS D 184 -5.55 8.04 -58.63
N GLU D 185 -5.35 7.14 -59.59
CA GLU D 185 -6.32 6.95 -60.65
C GLU D 185 -7.41 5.97 -60.18
N LEU D 186 -8.65 6.46 -60.13
CA LEU D 186 -9.77 5.67 -59.63
C LEU D 186 -10.97 5.70 -60.60
N TRP D 187 -12.02 4.94 -60.31
CA TRP D 187 -13.23 4.90 -61.12
C TRP D 187 -14.38 5.35 -60.26
N GLN D 188 -14.94 6.53 -60.55
CA GLN D 188 -16.05 7.06 -59.77
C GLN D 188 -17.33 6.38 -60.24
N VAL D 189 -18.13 5.89 -59.31
CA VAL D 189 -19.36 5.20 -59.63
C VAL D 189 -20.51 6.15 -59.85
N HIS D 190 -21.18 6.00 -60.98
CA HIS D 190 -22.32 6.80 -61.41
C HIS D 190 -23.53 5.90 -61.69
N TYR D 191 -24.71 6.47 -61.64
CA TYR D 191 -25.94 5.72 -61.85
C TYR D 191 -27.05 6.66 -62.39
N LEU D 192 -28.12 6.09 -62.93
CA LEU D 192 -29.20 6.88 -63.48
C LEU D 192 -30.21 7.25 -62.41
N ARG D 193 -30.29 8.55 -62.13
CA ARG D 193 -31.23 9.12 -61.17
C ARG D 193 -32.15 9.97 -62.04
N GLU D 194 -33.39 9.49 -62.26
CA GLU D 194 -34.38 10.13 -63.13
C GLU D 194 -33.90 10.26 -64.59
N GLY D 195 -33.31 9.18 -65.09
CA GLY D 195 -32.77 9.10 -66.44
C GLY D 195 -31.53 9.96 -66.69
N GLU D 196 -31.00 10.55 -65.63
CA GLU D 196 -29.83 11.42 -65.75
C GLU D 196 -28.70 10.84 -64.93
N LEU D 197 -27.48 10.89 -65.47
CA LEU D 197 -26.25 10.44 -64.83
C LEU D 197 -26.08 11.20 -63.50
N ALA D 198 -25.76 10.48 -62.45
CA ALA D 198 -25.62 11.07 -61.12
C ALA D 198 -24.50 10.35 -60.37
N PRO D 199 -23.70 11.07 -59.58
CA PRO D 199 -22.65 10.40 -58.81
C PRO D 199 -23.29 9.55 -57.71
N PHE D 200 -22.83 8.30 -57.56
CA PHE D 200 -23.36 7.40 -56.54
C PHE D 200 -22.89 7.86 -55.16
N LYS D 201 -23.81 7.92 -54.20
CA LYS D 201 -23.45 8.30 -52.84
C LYS D 201 -23.43 7.16 -51.86
N VAL D 202 -22.36 7.07 -51.08
CA VAL D 202 -22.23 6.12 -50.00
C VAL D 202 -21.97 6.89 -48.69
N ILE D 203 -22.20 6.22 -47.55
CA ILE D 203 -21.99 6.79 -46.24
C ILE D 203 -20.48 6.77 -45.93
N GLY D 204 -19.95 7.96 -45.67
CA GLY D 204 -18.56 8.16 -45.34
C GLY D 204 -18.40 8.48 -43.87
N ASP D 205 -17.17 8.28 -43.37
CA ASP D 205 -16.79 8.50 -41.98
C ASP D 205 -16.93 10.00 -41.63
N PRO D 206 -17.48 10.35 -40.45
CA PRO D 206 -17.68 11.77 -40.12
C PRO D 206 -16.40 12.58 -39.91
N VAL D 207 -15.24 11.91 -39.75
CA VAL D 207 -13.98 12.59 -39.54
C VAL D 207 -13.13 12.53 -40.82
N SER D 208 -12.90 11.33 -41.40
CA SER D 208 -12.08 11.21 -42.61
C SER D 208 -12.83 11.44 -43.92
N LYS D 209 -14.17 11.42 -43.88
CA LYS D 209 -15.04 11.55 -45.07
C LYS D 209 -14.93 10.34 -46.06
N GLN D 210 -14.25 9.27 -45.66
CA GLN D 210 -14.06 8.09 -46.51
C GLN D 210 -15.18 7.09 -46.35
N PRO D 211 -15.59 6.41 -47.43
CA PRO D 211 -16.66 5.42 -47.31
C PRO D 211 -16.38 4.35 -46.28
N MET D 212 -17.38 4.05 -45.44
CA MET D 212 -17.22 3.03 -44.43
C MET D 212 -17.65 1.63 -44.95
N THR D 213 -17.10 0.58 -44.37
CA THR D 213 -17.46 -0.79 -44.72
C THR D 213 -18.36 -1.35 -43.58
N ALA D 214 -18.84 -2.59 -43.73
CA ALA D 214 -19.54 -3.28 -42.66
C ALA D 214 -18.54 -3.49 -41.48
N ASP D 215 -19.09 -3.67 -40.28
CA ASP D 215 -18.32 -3.94 -39.10
C ASP D 215 -18.28 -5.45 -38.80
N TYR D 216 -17.58 -5.84 -37.72
CA TYR D 216 -17.67 -7.20 -37.22
C TYR D 216 -18.60 -7.06 -36.05
N ASP D 217 -19.74 -7.71 -36.12
CA ASP D 217 -20.70 -7.67 -35.02
C ASP D 217 -20.49 -8.89 -34.15
N LEU D 218 -20.15 -8.68 -32.87
CA LEU D 218 -20.09 -9.80 -31.92
C LEU D 218 -21.51 -10.34 -31.73
N LEU D 219 -21.67 -11.64 -31.96
CA LEU D 219 -22.93 -12.31 -31.73
C LEU D 219 -23.05 -12.58 -30.20
N THR D 220 -22.01 -13.10 -29.60
CA THR D 220 -21.94 -13.40 -28.16
C THR D 220 -20.50 -13.62 -27.74
N VAL D 221 -20.25 -13.54 -26.42
CA VAL D 221 -18.97 -13.82 -25.81
C VAL D 221 -19.26 -14.69 -24.58
N MET D 222 -18.74 -15.92 -24.57
CA MET D 222 -18.94 -16.84 -23.44
C MET D 222 -17.67 -16.92 -22.61
N TYR D 223 -17.74 -16.43 -21.39
CA TYR D 223 -16.60 -16.40 -20.49
C TYR D 223 -16.69 -17.60 -19.55
N THR D 224 -15.59 -17.95 -18.92
CA THR D 224 -15.54 -19.10 -18.02
C THR D 224 -16.26 -18.75 -16.69
N TYR D 225 -16.94 -19.73 -16.14
CA TYR D 225 -17.67 -19.60 -14.87
C TYR D 225 -16.76 -19.09 -13.72
N GLY D 226 -15.54 -19.62 -13.61
CA GLY D 226 -14.55 -19.19 -12.64
C GLY D 226 -14.12 -17.73 -12.75
N ASP D 227 -14.36 -17.09 -13.91
CA ASP D 227 -14.05 -15.69 -14.20
C ASP D 227 -15.26 -14.76 -13.99
N LEU D 228 -16.47 -15.31 -13.75
CA LEU D 228 -17.68 -14.51 -13.52
C LEU D 228 -17.48 -13.55 -12.33
N GLY D 229 -17.86 -12.29 -12.49
CA GLY D 229 -17.73 -11.31 -11.43
C GLY D 229 -18.46 -10.02 -11.73
N PRO D 230 -18.18 -8.97 -10.95
CA PRO D 230 -18.82 -7.66 -11.20
C PRO D 230 -18.62 -7.09 -12.61
N GLN D 231 -17.54 -7.51 -13.31
CA GLN D 231 -17.29 -7.06 -14.68
C GLN D 231 -18.30 -7.62 -15.71
N ASP D 232 -19.17 -8.54 -15.30
CA ASP D 232 -20.15 -9.15 -16.18
C ASP D 232 -21.53 -8.50 -16.13
N LYS D 233 -21.69 -7.46 -15.28
CA LYS D 233 -22.95 -6.74 -15.22
C LYS D 233 -23.13 -5.92 -16.51
N VAL D 234 -24.18 -6.22 -17.26
CA VAL D 234 -24.49 -5.47 -18.48
C VAL D 234 -25.12 -4.13 -18.04
N LYS D 235 -24.57 -3.02 -18.54
CA LYS D 235 -24.98 -1.70 -18.10
C LYS D 235 -25.41 -0.79 -19.23
N GLN D 236 -26.34 0.11 -18.89
CA GLN D 236 -26.86 1.15 -19.75
C GLN D 236 -25.78 2.18 -20.04
N PRO D 237 -25.73 2.70 -21.28
CA PRO D 237 -24.70 3.69 -21.61
C PRO D 237 -24.81 4.95 -20.72
N LEU D 238 -23.66 5.56 -20.41
CA LEU D 238 -23.63 6.77 -19.58
C LEU D 238 -23.14 7.96 -20.40
N THR D 239 -23.58 9.17 -20.03
CA THR D 239 -23.08 10.37 -20.69
C THR D 239 -21.68 10.69 -20.16
N TRP D 240 -20.88 11.49 -20.89
CA TRP D 240 -19.51 11.88 -20.47
C TRP D 240 -19.48 12.42 -19.05
N GLU D 241 -20.50 13.22 -18.70
CA GLU D 241 -20.65 13.82 -17.37
C GLU D 241 -20.98 12.77 -16.32
N GLN D 242 -22.01 11.92 -16.58
CA GLN D 242 -22.45 10.84 -15.69
C GLN D 242 -21.30 9.86 -15.39
N TRP D 243 -20.48 9.59 -16.39
CA TRP D 243 -19.34 8.71 -16.25
C TRP D 243 -18.18 9.36 -15.47
N LYS D 244 -17.89 10.65 -15.69
CA LYS D 244 -16.81 11.33 -14.96
C LYS D 244 -17.13 11.40 -13.46
N GLU D 245 -18.42 11.59 -13.13
CA GLU D 245 -18.88 11.66 -11.74
C GLU D 245 -18.76 10.30 -11.06
N SER D 246 -19.07 9.22 -11.79
CA SER D 246 -19.06 7.86 -11.24
C SER D 246 -17.66 7.28 -11.01
N VAL D 247 -16.62 7.74 -11.73
CA VAL D 247 -15.28 7.17 -11.58
C VAL D 247 -14.31 8.03 -10.73
N THR D 248 -13.19 7.41 -10.29
CA THR D 248 -12.10 8.04 -9.55
C THR D 248 -10.96 8.15 -10.57
N TYR D 249 -10.57 9.40 -10.95
CA TYR D 249 -9.55 9.66 -11.97
C TYR D 249 -8.25 8.87 -11.82
N GLU D 250 -7.68 8.81 -10.60
CA GLU D 250 -6.42 8.13 -10.31
C GLU D 250 -6.44 6.62 -10.62
N ASP D 251 -7.61 5.98 -10.46
CA ASP D 251 -7.77 4.55 -10.74
C ASP D 251 -7.90 4.21 -12.24
N LEU D 252 -8.19 5.22 -13.08
CA LEU D 252 -8.35 5.01 -14.51
C LEU D 252 -7.01 4.80 -15.21
N SER D 253 -6.97 3.85 -16.15
CA SER D 253 -5.78 3.57 -16.97
C SER D 253 -5.55 4.74 -17.98
N PRO D 254 -4.40 4.86 -18.69
CA PRO D 254 -4.24 5.97 -19.65
C PRO D 254 -5.35 6.05 -20.70
N LYS D 255 -5.91 4.88 -21.10
CA LYS D 255 -7.00 4.77 -22.05
C LYS D 255 -8.28 5.46 -21.53
N TYR D 256 -8.64 5.21 -20.26
CA TYR D 256 -9.83 5.82 -19.66
C TYR D 256 -9.58 7.25 -19.17
N LYS D 257 -8.32 7.59 -18.84
CA LYS D 257 -7.95 8.95 -18.43
C LYS D 257 -8.09 9.92 -19.63
N ALA D 258 -7.77 9.44 -20.85
CA ALA D 258 -7.89 10.22 -22.09
C ALA D 258 -9.34 10.54 -22.38
N ARG D 259 -10.27 9.62 -22.09
CA ARG D 259 -11.72 9.80 -22.30
C ARG D 259 -12.30 10.78 -21.27
N TYR D 260 -11.75 10.78 -20.05
CA TYR D 260 -12.12 11.70 -18.97
C TYR D 260 -11.68 13.14 -19.34
N ASP D 261 -10.55 13.27 -20.07
CA ASP D 261 -9.98 14.55 -20.50
C ASP D 261 -10.46 15.02 -21.87
N ASN D 262 -11.10 14.15 -22.68
CA ASN D 262 -11.59 14.54 -23.99
C ASN D 262 -12.99 13.99 -24.27
N GLN D 263 -14.02 14.86 -24.22
CA GLN D 263 -15.41 14.47 -24.46
C GLN D 263 -15.64 13.77 -25.80
N ALA D 264 -15.02 14.28 -26.88
CA ALA D 264 -15.16 13.69 -28.22
C ALA D 264 -14.59 12.27 -28.25
N LEU D 265 -13.47 12.05 -27.55
CA LEU D 265 -12.83 10.74 -27.48
C LEU D 265 -13.71 9.72 -26.73
N TYR D 266 -14.35 10.15 -25.62
CA TYR D 266 -15.26 9.29 -24.87
C TYR D 266 -16.47 8.94 -25.72
N GLU D 267 -17.05 9.94 -26.40
CA GLU D 267 -18.28 9.72 -27.17
C GLU D 267 -18.09 8.87 -28.44
N LYS D 268 -16.86 8.83 -28.96
CA LYS D 268 -16.55 8.06 -30.16
C LYS D 268 -16.19 6.60 -29.85
N GLN D 269 -15.54 6.37 -28.71
CA GLN D 269 -15.07 5.03 -28.34
C GLN D 269 -15.80 4.38 -27.17
N ASP D 270 -16.72 5.09 -26.52
CA ASP D 270 -17.40 4.61 -25.33
C ASP D 270 -18.83 5.24 -25.32
N GLY D 271 -19.47 5.25 -24.15
CA GLY D 271 -20.79 5.83 -23.98
C GLY D 271 -21.89 5.15 -24.77
N ALA D 272 -22.74 5.95 -25.39
CA ALA D 272 -23.88 5.45 -26.17
C ALA D 272 -23.46 4.64 -27.41
N SER D 273 -22.22 4.85 -27.91
CA SER D 273 -21.74 4.16 -29.11
C SER D 273 -21.56 2.64 -28.91
N LEU D 274 -21.47 2.19 -27.64
CA LEU D 274 -21.29 0.79 -27.30
C LEU D 274 -22.59 0.03 -27.13
N GLY D 275 -23.68 0.72 -26.81
CA GLY D 275 -24.96 0.06 -26.56
C GLY D 275 -24.97 -0.54 -25.18
N MET D 276 -25.64 -1.69 -25.00
CA MET D 276 -25.71 -2.37 -23.71
C MET D 276 -24.49 -3.29 -23.62
N VAL D 277 -23.57 -2.99 -22.72
CA VAL D 277 -22.31 -3.75 -22.60
C VAL D 277 -21.89 -3.97 -21.15
N SER D 278 -21.08 -5.00 -20.91
CA SER D 278 -20.48 -5.25 -19.61
C SER D 278 -19.02 -4.73 -19.66
N ASP D 279 -18.35 -4.59 -18.50
CA ASP D 279 -16.98 -4.12 -18.48
C ASP D 279 -16.05 -5.12 -19.16
N ARG D 280 -16.31 -6.43 -19.01
CA ARG D 280 -15.53 -7.46 -19.69
C ARG D 280 -15.58 -7.28 -21.20
N LEU D 281 -16.76 -6.99 -21.71
CA LEU D 281 -16.93 -6.85 -23.13
C LEU D 281 -16.31 -5.60 -23.68
N LYS D 282 -16.36 -4.48 -22.95
CA LYS D 282 -15.72 -3.25 -23.38
C LYS D 282 -14.20 -3.47 -23.53
N GLU D 283 -13.58 -4.23 -22.59
CA GLU D 283 -12.17 -4.56 -22.58
C GLU D 283 -11.83 -5.53 -23.69
N LEU D 284 -12.65 -6.60 -23.87
CA LEU D 284 -12.41 -7.58 -24.93
C LEU D 284 -12.53 -6.94 -26.31
N LYS D 285 -13.40 -5.93 -26.45
CA LYS D 285 -13.54 -5.19 -27.69
C LYS D 285 -12.23 -4.47 -28.02
N ASP D 286 -11.55 -3.96 -26.96
CA ASP D 286 -10.27 -3.30 -27.12
C ASP D 286 -9.22 -4.29 -27.47
N VAL D 287 -9.18 -5.44 -26.80
CA VAL D 287 -8.23 -6.50 -27.11
C VAL D 287 -8.36 -6.99 -28.56
N ILE D 288 -9.59 -7.21 -29.04
CA ILE D 288 -9.84 -7.64 -30.42
C ILE D 288 -9.35 -6.60 -31.41
N ASN D 289 -9.69 -5.33 -31.17
CA ASN D 289 -9.32 -4.21 -32.03
C ASN D 289 -7.85 -4.00 -32.07
N THR D 290 -7.17 -4.15 -30.93
CA THR D 290 -5.74 -4.03 -30.81
C THR D 290 -5.07 -5.21 -31.52
N SER D 291 -5.55 -6.44 -31.29
CA SER D 291 -4.95 -7.62 -31.94
C SER D 291 -5.13 -7.62 -33.46
N LEU D 292 -6.18 -6.98 -33.96
CA LEU D 292 -6.37 -6.86 -35.40
C LEU D 292 -5.47 -5.75 -36.02
N GLY D 293 -4.81 -4.95 -35.19
CA GLY D 293 -4.05 -3.79 -35.62
C GLY D 293 -4.98 -2.70 -36.10
N ARG D 294 -6.17 -2.63 -35.52
CA ARG D 294 -7.19 -1.65 -35.93
C ARG D 294 -7.59 -0.68 -34.84
N THR D 295 -6.91 0.46 -34.79
CA THR D 295 -7.16 1.53 -33.84
C THR D 295 -7.14 2.89 -34.58
N ASP D 296 -7.59 3.95 -33.87
CA ASP D 296 -7.60 5.31 -34.37
C ASP D 296 -8.51 5.46 -35.58
N GLY D 297 -9.78 5.15 -35.34
CA GLY D 297 -10.83 5.29 -36.34
C GLY D 297 -11.07 4.08 -37.20
N LEU D 298 -10.13 3.12 -37.31
CA LEU D 298 -10.32 1.98 -38.21
C LEU D 298 -10.80 0.69 -37.56
N GLU D 299 -11.15 0.73 -36.27
CA GLU D 299 -11.71 -0.39 -35.51
C GLU D 299 -12.82 -1.12 -36.26
N MET D 300 -12.88 -2.46 -36.13
CA MET D 300 -13.92 -3.27 -36.78
C MET D 300 -15.06 -3.59 -35.80
N VAL D 301 -14.75 -3.72 -34.50
CA VAL D 301 -15.73 -4.01 -33.46
C VAL D 301 -16.10 -2.71 -32.78
N HIS D 302 -17.39 -2.29 -32.89
CA HIS D 302 -17.77 -0.97 -32.37
C HIS D 302 -18.65 -0.97 -31.17
N HIS D 303 -19.30 -2.07 -30.85
CA HIS D 303 -20.31 -2.07 -29.81
C HIS D 303 -20.44 -3.44 -29.13
N GLY D 304 -21.42 -3.56 -28.21
CA GLY D 304 -21.72 -4.77 -27.45
C GLY D 304 -22.24 -5.90 -28.31
N ALA D 305 -22.36 -7.07 -27.72
CA ALA D 305 -22.79 -8.26 -28.45
C ALA D 305 -24.29 -8.30 -28.74
N ASP D 306 -24.66 -9.10 -29.77
CA ASP D 306 -26.03 -9.30 -30.17
C ASP D 306 -26.88 -9.94 -29.04
N ASP D 307 -26.24 -10.59 -28.05
CA ASP D 307 -26.96 -11.16 -26.91
C ASP D 307 -27.63 -10.10 -26.04
N ALA D 308 -27.17 -8.83 -26.10
CA ALA D 308 -27.80 -7.72 -25.36
C ALA D 308 -28.45 -6.71 -26.27
N ASN D 309 -28.72 -7.07 -27.53
CA ASN D 309 -29.31 -6.23 -28.54
C ASN D 309 -30.82 -6.47 -28.57
N PRO D 310 -31.63 -5.51 -28.11
CA PRO D 310 -33.09 -5.70 -28.16
C PRO D 310 -33.71 -5.72 -29.58
N TYR D 311 -32.93 -5.34 -30.59
CA TYR D 311 -33.40 -5.32 -31.99
C TYR D 311 -32.78 -6.44 -32.83
N ALA D 312 -32.37 -7.55 -32.20
CA ALA D 312 -31.71 -8.66 -32.85
C ALA D 312 -32.57 -9.33 -33.88
N VAL D 313 -32.01 -9.67 -35.01
CA VAL D 313 -32.73 -10.42 -36.05
C VAL D 313 -31.99 -11.76 -36.19
N MET D 314 -32.54 -12.84 -35.62
CA MET D 314 -31.89 -14.15 -35.62
C MET D 314 -31.52 -14.63 -37.01
N ALA D 315 -32.37 -14.38 -38.00
CA ALA D 315 -32.16 -14.77 -39.39
C ALA D 315 -30.84 -14.18 -39.95
N ASP D 316 -30.46 -12.99 -39.47
CA ASP D 316 -29.25 -12.26 -39.85
C ASP D 316 -28.01 -12.57 -39.00
N ASN D 317 -28.07 -13.61 -38.17
CA ASN D 317 -26.98 -13.99 -37.27
C ASN D 317 -26.16 -15.19 -37.75
N PHE D 318 -26.52 -15.82 -38.88
CA PHE D 318 -25.81 -17.00 -39.39
C PHE D 318 -25.47 -16.86 -40.87
N PRO D 319 -24.37 -17.50 -41.35
CA PRO D 319 -23.38 -18.30 -40.58
C PRO D 319 -22.52 -17.41 -39.69
N ALA D 320 -22.31 -17.88 -38.47
CA ALA D 320 -21.53 -17.20 -37.47
C ALA D 320 -20.19 -17.90 -37.31
N THR D 321 -19.14 -17.14 -37.02
CA THR D 321 -17.80 -17.73 -36.79
C THR D 321 -17.52 -17.69 -35.31
N PHE D 322 -17.28 -18.84 -34.69
CA PHE D 322 -16.96 -18.90 -33.27
C PHE D 322 -15.53 -19.25 -33.07
N PHE D 323 -14.91 -18.57 -32.14
CA PHE D 323 -13.51 -18.76 -31.81
C PHE D 323 -13.46 -19.29 -30.36
N VAL D 324 -12.76 -20.40 -30.15
CA VAL D 324 -12.77 -21.06 -28.83
C VAL D 324 -11.38 -21.25 -28.30
N PRO D 325 -11.23 -21.38 -26.97
CA PRO D 325 -9.90 -21.76 -26.42
C PRO D 325 -9.44 -23.11 -27.02
N LYS D 326 -8.15 -23.28 -27.24
CA LYS D 326 -7.56 -24.45 -27.93
C LYS D 326 -7.86 -25.82 -27.30
N HIS D 327 -8.11 -25.88 -25.98
CA HIS D 327 -8.40 -27.16 -25.33
C HIS D 327 -9.63 -27.84 -25.93
N PHE D 328 -10.54 -27.07 -26.55
CA PHE D 328 -11.74 -27.59 -27.21
C PHE D 328 -11.37 -28.52 -28.36
N PHE D 329 -10.24 -28.25 -29.02
CA PHE D 329 -9.72 -29.05 -30.13
C PHE D 329 -9.01 -30.34 -29.69
N ASP D 330 -8.70 -30.50 -28.39
CA ASP D 330 -8.04 -31.69 -27.86
C ASP D 330 -9.00 -32.90 -27.82
N ASP D 331 -8.43 -34.13 -27.74
CA ASP D 331 -9.12 -35.43 -27.74
C ASP D 331 -10.36 -35.51 -26.83
N ASP D 332 -10.29 -34.93 -25.63
CA ASP D 332 -11.47 -34.88 -24.75
C ASP D 332 -11.58 -33.45 -24.22
N GLY D 333 -11.56 -32.50 -25.16
CA GLY D 333 -11.62 -31.09 -24.85
C GLY D 333 -12.96 -30.65 -24.30
N LEU D 334 -14.05 -31.32 -24.74
CA LEU D 334 -15.38 -30.99 -24.25
C LEU D 334 -15.74 -31.68 -22.91
N GLY D 335 -14.81 -32.46 -22.37
CA GLY D 335 -15.00 -33.23 -21.15
C GLY D 335 -14.68 -34.70 -21.38
N GLU D 336 -14.49 -35.45 -20.29
CA GLU D 336 -14.16 -36.88 -20.37
C GLU D 336 -15.26 -37.68 -21.08
N GLY D 337 -14.87 -38.39 -22.13
CA GLY D 337 -15.78 -39.16 -22.99
C GLY D 337 -16.65 -38.29 -23.89
N LYS D 338 -16.42 -36.96 -23.90
CA LYS D 338 -17.24 -36.04 -24.68
C LYS D 338 -16.62 -35.62 -26.04
N GLY D 339 -15.36 -35.97 -26.26
CA GLY D 339 -14.71 -35.69 -27.54
C GLY D 339 -14.27 -34.26 -27.74
N SER D 340 -14.01 -33.91 -29.00
CA SER D 340 -13.53 -32.60 -29.41
C SER D 340 -14.59 -31.84 -30.17
N ILE D 341 -14.52 -30.51 -30.15
CA ILE D 341 -15.50 -29.67 -30.83
C ILE D 341 -15.55 -29.94 -32.37
N GLN D 342 -14.42 -30.25 -33.03
CA GLN D 342 -14.36 -30.55 -34.48
C GLN D 342 -15.13 -31.82 -34.84
N THR D 343 -15.39 -32.69 -33.88
CA THR D 343 -16.14 -33.91 -34.14
C THR D 343 -17.60 -33.59 -34.49
N TYR D 344 -18.17 -32.55 -33.84
CA TYR D 344 -19.59 -32.20 -33.92
C TYR D 344 -19.89 -30.95 -34.67
N PHE D 345 -18.90 -30.06 -34.82
CA PHE D 345 -19.12 -28.81 -35.53
C PHE D 345 -18.02 -28.61 -36.58
N ASN D 346 -18.34 -27.90 -37.68
CA ASN D 346 -17.41 -27.62 -38.75
C ASN D 346 -16.38 -26.61 -38.31
N VAL D 347 -15.13 -27.04 -38.23
CA VAL D 347 -14.04 -26.16 -37.85
C VAL D 347 -13.15 -25.97 -39.06
N ASN D 348 -12.94 -24.73 -39.51
CA ASN D 348 -12.13 -24.49 -40.70
C ASN D 348 -10.63 -24.45 -40.36
N GLU D 349 -9.79 -24.22 -41.39
CA GLU D 349 -8.33 -24.21 -41.31
C GLU D 349 -7.78 -23.22 -40.27
N GLN D 350 -8.48 -22.13 -40.01
CA GLN D 350 -8.04 -21.10 -39.08
C GLN D 350 -8.51 -21.36 -37.62
N GLY D 351 -9.30 -22.41 -37.39
CA GLY D 351 -9.81 -22.70 -36.05
C GLY D 351 -11.19 -22.11 -35.80
N ALA D 352 -11.82 -21.49 -36.82
CA ALA D 352 -13.15 -20.96 -36.67
C ALA D 352 -14.17 -22.10 -36.72
N VAL D 353 -15.06 -22.16 -35.73
CA VAL D 353 -16.16 -23.11 -35.68
C VAL D 353 -17.31 -22.38 -36.38
N VAL D 354 -17.78 -22.91 -37.51
CA VAL D 354 -18.81 -22.23 -38.30
C VAL D 354 -20.19 -22.74 -37.95
N ILE D 355 -20.98 -21.90 -37.28
CA ILE D 355 -22.33 -22.24 -36.86
C ILE D 355 -23.29 -21.71 -37.92
N GLN D 356 -24.04 -22.61 -38.55
CA GLN D 356 -24.89 -22.31 -39.69
C GLN D 356 -26.33 -21.90 -39.42
N ASN D 357 -26.91 -22.34 -38.29
CA ASN D 357 -28.32 -22.08 -38.02
C ASN D 357 -28.61 -22.04 -36.49
N PRO D 358 -29.83 -21.61 -36.08
CA PRO D 358 -30.15 -21.54 -34.64
C PRO D 358 -30.09 -22.86 -33.87
N GLN D 359 -30.42 -23.97 -34.54
CA GLN D 359 -30.40 -25.27 -33.89
C GLN D 359 -28.99 -25.65 -33.58
N GLU D 360 -28.07 -25.46 -34.55
CA GLU D 360 -26.66 -25.75 -34.35
C GLU D 360 -26.06 -24.81 -33.28
N PHE D 361 -26.52 -23.53 -33.23
CA PHE D 361 -26.07 -22.56 -32.23
C PHE D 361 -26.52 -23.00 -30.82
N SER D 362 -27.75 -23.52 -30.71
CA SER D 362 -28.28 -24.01 -29.45
C SER D 362 -27.44 -25.20 -28.97
N ASN D 363 -27.11 -26.15 -29.86
CA ASN D 363 -26.27 -27.30 -29.52
C ASN D 363 -24.87 -26.85 -29.09
N PHE D 364 -24.28 -25.91 -29.85
CA PHE D 364 -22.98 -25.35 -29.58
C PHE D 364 -22.95 -24.71 -28.19
N GLN D 365 -23.95 -23.87 -27.86
CA GLN D 365 -24.03 -23.21 -26.58
C GLN D 365 -24.17 -24.20 -25.43
N GLN D 366 -24.98 -25.27 -25.60
CA GLN D 366 -25.12 -26.26 -24.52
C GLN D 366 -23.80 -26.99 -24.23
N VAL D 367 -23.05 -27.32 -25.26
CA VAL D 367 -21.75 -27.98 -25.10
C VAL D 367 -20.78 -27.08 -24.33
N ALA D 368 -20.75 -25.80 -24.71
CA ALA D 368 -19.90 -24.77 -24.12
C ALA D 368 -20.30 -24.51 -22.65
N ILE D 369 -21.59 -24.49 -22.37
CA ILE D 369 -22.11 -24.30 -21.02
C ILE D 369 -21.68 -25.48 -20.13
N ASN D 370 -21.81 -26.69 -20.68
CA ASN D 370 -21.39 -27.93 -20.03
C ASN D 370 -19.90 -27.93 -19.73
N ALA D 371 -19.08 -27.30 -20.58
CA ALA D 371 -17.63 -27.17 -20.38
C ALA D 371 -17.24 -25.96 -19.49
N SER D 372 -18.21 -25.35 -18.79
CA SER D 372 -18.05 -24.26 -17.85
C SER D 372 -18.03 -22.87 -18.44
N TYR D 373 -18.45 -22.66 -19.69
CA TYR D 373 -18.48 -21.33 -20.30
C TYR D 373 -19.91 -20.80 -20.29
N ARG D 374 -20.11 -19.58 -19.74
CA ARG D 374 -21.40 -18.95 -19.53
C ARG D 374 -22.01 -18.26 -20.73
N ALA D 375 -23.26 -18.59 -21.04
CA ALA D 375 -24.01 -17.95 -22.13
C ALA D 375 -24.78 -16.74 -21.59
N SER D 376 -25.07 -15.80 -22.48
CA SER D 376 -25.91 -14.63 -22.26
C SER D 376 -27.01 -14.79 -23.31
N LEU D 377 -28.24 -15.00 -22.87
CA LEU D 377 -29.33 -15.29 -23.83
C LEU D 377 -30.16 -14.09 -24.18
N ASN D 378 -30.50 -13.99 -25.45
CA ASN D 378 -31.36 -12.94 -25.92
C ASN D 378 -32.70 -13.60 -26.27
N ASP D 379 -33.80 -13.08 -25.72
CA ASP D 379 -35.12 -13.62 -26.05
C ASP D 379 -35.42 -13.49 -27.56
N LYS D 380 -34.91 -12.41 -28.19
CA LYS D 380 -35.04 -12.14 -29.62
C LYS D 380 -34.49 -13.27 -30.47
N TRP D 381 -33.58 -14.09 -29.93
CA TRP D 381 -33.04 -15.23 -30.65
C TRP D 381 -34.07 -16.35 -30.87
N ASN D 382 -35.16 -16.36 -30.08
CA ASN D 382 -36.21 -17.35 -30.22
C ASN D 382 -37.22 -17.04 -31.33
N SER D 383 -37.18 -15.84 -31.89
CA SER D 383 -38.06 -15.43 -32.97
C SER D 383 -37.86 -16.30 -34.21
N GLY D 384 -38.95 -16.98 -34.60
CA GLY D 384 -39.01 -17.86 -35.76
C GLY D 384 -38.75 -19.31 -35.45
N LEU D 385 -38.47 -19.62 -34.20
CA LEU D 385 -38.11 -20.95 -33.81
C LEU D 385 -39.36 -21.74 -33.47
N ASP D 386 -39.37 -23.03 -33.87
CA ASP D 386 -40.47 -23.95 -33.55
C ASP D 386 -40.58 -24.10 -32.02
N SER D 387 -39.43 -24.03 -31.31
CA SER D 387 -39.32 -24.14 -29.86
C SER D 387 -38.40 -23.03 -29.33
N PRO D 388 -38.64 -22.49 -28.12
CA PRO D 388 -37.74 -21.45 -27.59
C PRO D 388 -36.50 -22.09 -26.97
N LEU D 389 -35.45 -22.31 -27.81
CA LEU D 389 -34.22 -22.96 -27.38
C LEU D 389 -33.38 -22.10 -26.43
N PHE D 390 -33.44 -20.80 -26.61
CA PHE D 390 -32.61 -19.83 -25.90
C PHE D 390 -33.31 -19.23 -24.68
N THR D 391 -33.59 -20.07 -23.71
CA THR D 391 -34.20 -19.64 -22.46
C THR D 391 -33.32 -20.12 -21.32
N THR D 392 -33.38 -19.42 -20.18
CA THR D 392 -32.63 -19.76 -18.97
C THR D 392 -32.76 -21.23 -18.57
N LYS D 393 -33.98 -21.77 -18.58
CA LYS D 393 -34.22 -23.17 -18.18
C LYS D 393 -33.66 -24.20 -19.16
N ARG D 394 -33.79 -23.96 -20.47
CA ARG D 394 -33.31 -24.90 -21.47
C ARG D 394 -31.80 -24.98 -21.59
N LYS D 395 -31.13 -23.90 -21.21
CA LYS D 395 -29.68 -23.80 -21.31
C LYS D 395 -28.97 -24.05 -19.96
N LEU D 396 -29.69 -24.58 -18.94
CA LEU D 396 -29.05 -24.89 -17.66
C LEU D 396 -27.93 -25.88 -17.83
N SER D 397 -26.86 -25.68 -17.07
CA SER D 397 -25.69 -26.54 -17.10
C SER D 397 -26.09 -27.97 -16.73
N HIS D 398 -25.53 -28.97 -17.43
CA HIS D 398 -25.86 -30.35 -17.11
C HIS D 398 -25.24 -30.79 -15.78
N ASP D 399 -24.20 -30.08 -15.29
CA ASP D 399 -23.63 -30.30 -13.95
C ASP D 399 -24.60 -29.80 -12.89
N TYR D 400 -25.33 -28.72 -13.18
CA TYR D 400 -26.28 -28.19 -12.24
C TYR D 400 -27.49 -29.13 -12.16
N LEU D 401 -27.98 -29.56 -13.33
CA LEU D 401 -29.14 -30.44 -13.41
C LEU D 401 -28.81 -31.80 -12.77
N ASP D 402 -27.63 -32.38 -13.06
CA ASP D 402 -27.21 -33.65 -12.47
C ASP D 402 -27.01 -33.59 -10.96
N ALA D 403 -26.40 -32.51 -10.44
CA ALA D 403 -26.19 -32.39 -8.98
C ALA D 403 -27.53 -32.27 -8.26
N ARG D 404 -28.49 -31.56 -8.86
CA ARG D 404 -29.82 -31.42 -8.25
C ARG D 404 -30.53 -32.78 -8.23
N ASP D 405 -30.35 -33.60 -9.30
CA ASP D 405 -30.97 -34.92 -9.34
C ASP D 405 -30.42 -35.80 -8.24
N GLU D 406 -29.11 -35.77 -8.06
CA GLU D 406 -28.40 -36.53 -7.04
C GLU D 406 -28.76 -36.10 -5.62
N VAL D 407 -28.85 -34.79 -5.38
CA VAL D 407 -29.14 -34.23 -4.07
C VAL D 407 -30.61 -34.46 -3.68
N ALA D 408 -31.54 -34.34 -4.65
CA ALA D 408 -32.95 -34.63 -4.38
C ALA D 408 -33.13 -36.10 -3.96
N LYS D 409 -32.38 -37.00 -4.58
CA LYS D 409 -32.40 -38.43 -4.30
C LYS D 409 -31.83 -38.72 -2.91
N LYS D 410 -30.69 -38.08 -2.55
CA LYS D 410 -30.03 -38.31 -1.26
C LYS D 410 -30.79 -37.70 -0.06
N LEU D 411 -31.34 -36.50 -0.22
CA LEU D 411 -32.06 -35.84 0.88
C LEU D 411 -33.52 -36.32 1.00
O5 LAB E . 4.97 22.20 31.62
C18 LAB E . 5.52 21.97 32.69
N1 LAB E . 6.62 22.56 33.14
C16 LAB E . 7.25 22.07 34.36
C17 LAB E . 6.12 21.36 35.10
S1 LAB E . 5.00 20.73 33.83
C15 LAB E . 8.56 21.18 33.99
O4 LAB E . 8.13 19.98 33.41
C14 LAB E . 9.41 21.96 32.99
C13 LAB E . 10.85 21.49 32.93
O2 LAB E . 10.92 20.17 32.30
C12 LAB E . 11.43 21.31 34.32
C11 LAB E . 10.56 20.33 35.09
O3 LAB E . 9.24 20.90 35.23
C10 LAB E . 11.06 20.03 36.48
C9 LAB E . 10.32 18.88 37.18
C8 LAB E . 10.23 17.53 36.46
C20 LAB E . 9.58 16.46 37.34
C7 LAB E . 11.56 17.04 35.95
C6 LAB E . 12.10 16.90 34.76
C5 LAB E . 11.32 17.19 33.50
C4 LAB E . 12.26 17.56 32.36
C3 LAB E . 11.70 17.64 30.96
C19 LAB E . 11.92 16.43 30.11
C2 LAB E . 11.21 18.77 30.42
C1 LAB E . 10.88 20.10 30.95
O1 LAB E . 10.61 21.05 30.25
PB ADP F . 12.99 28.06 30.26
O1B ADP F . 14.17 28.70 29.66
O2B ADP F . 13.28 26.90 31.18
O3B ADP F . 12.09 29.03 31.01
PA ADP F . 12.31 26.73 27.71
O1A ADP F . 13.44 25.75 27.93
O2A ADP F . 12.49 27.74 26.63
O3A ADP F . 12.05 27.43 29.12
O5' ADP F . 11.05 25.81 27.40
C5' ADP F . 10.52 24.86 28.33
C4' ADP F . 9.02 24.95 28.21
O4' ADP F . 8.62 24.83 26.82
C3' ADP F . 8.26 23.86 28.97
O3' ADP F . 7.09 24.41 29.56
C2' ADP F . 7.95 22.84 27.87
O2' ADP F . 6.84 22.00 28.14
C1' ADP F . 7.70 23.77 26.69
N9 ADP F . 7.90 23.13 25.39
C8 ADP F . 9.04 22.50 24.96
N7 ADP F . 8.92 21.91 23.80
C5 ADP F . 7.62 22.18 23.42
C6 ADP F . 6.87 21.84 22.28
N6 ADP F . 7.34 21.07 21.28
N1 ADP F . 5.57 22.26 22.21
C2 ADP F . 5.09 22.99 23.22
N3 ADP F . 5.71 23.38 24.35
C4 ADP F . 6.98 22.94 24.39
MN MN G . 14.21 30.77 28.90
MN MN H . 26.49 -6.58 13.91
MN MN I . 25.94 -5.37 17.35
N1 CH1 J . 28.95 -1.67 21.20
C2 CH1 J . 29.40 -1.11 22.41
N3 CH1 J . 28.67 -0.09 22.95
C4 CH1 J . 27.56 0.37 22.33
C5 CH1 J . 27.06 -0.23 21.14
C6 CH1 J . 27.77 -1.26 20.63
O2 CH1 J . 30.44 -1.52 22.92
N4 CH1 J . 26.96 1.48 22.82
C1' CH1 J . 29.92 -2.39 20.30
C2' CH1 J . 30.54 -3.75 20.68
O2' CH1 J . 31.80 -3.59 21.36
C3' CH1 J . 30.81 -4.41 19.32
C4' CH1 J . 29.86 -3.70 18.35
O4' CH1 J . 29.24 -2.61 19.07
C5' CH1 J . 28.76 -4.55 17.85
O5' CH1 J . 29.35 -5.22 16.76
PA CH1 J . 28.91 -6.68 16.33
O1A CH1 J . 29.34 -7.65 17.43
O2A CH1 J . 27.46 -6.68 16.02
O3A CH1 J . 29.76 -6.96 15.03
PB CH1 J . 29.66 -6.46 13.52
O1B CH1 J . 30.91 -5.79 13.09
O2B CH1 J . 28.36 -5.64 13.41
O3B CH1 J . 29.44 -7.81 12.71
PG CH1 J . 28.45 -9.07 12.63
O1G CH1 J . 29.14 -10.13 13.41
O2G CH1 J . 27.18 -8.65 13.39
O3G CH1 J . 28.21 -9.36 11.22
O5 LAB K . -7.70 -9.70 -2.03
C18 LAB K . -8.34 -8.72 -1.65
N1 LAB K . -9.57 -8.73 -1.15
C16 LAB K . -10.26 -7.46 -0.90
C17 LAB K . -9.13 -6.44 -0.77
S1 LAB K . -7.77 -7.06 -1.81
C15 LAB K . -11.37 -7.22 -2.06
O4 LAB K . -10.68 -6.94 -3.25
C14 LAB K . -12.21 -8.47 -2.25
C13 LAB K . -13.54 -8.25 -2.94
O2 LAB K . -13.29 -7.93 -4.34
C12 LAB K . -14.26 -7.05 -2.35
C11 LAB K . -13.34 -5.84 -2.46
O3 LAB K . -12.16 -6.08 -1.67
C10 LAB K . -13.97 -4.56 -1.95
C9 LAB K . -13.16 -3.31 -2.25
C8 LAB K . -12.74 -3.03 -3.71
C20 LAB K . -12.03 -1.69 -3.83
C7 LAB K . -13.85 -3.14 -4.71
C6 LAB K . -14.33 -3.99 -5.59
C5 LAB K . -14.36 -5.47 -5.84
C4 LAB K . -13.19 -6.01 -6.66
C3 LAB K . -13.38 -7.39 -7.27
C19 LAB K . -13.48 -7.39 -8.76
C2 LAB K . -13.18 -8.54 -6.62
C1 LAB K . -13.06 -8.94 -5.20
O1 LAB K . -12.86 -10.07 -4.84
PB ADP L . -16.32 -14.39 0.01
O1B ADP L . -15.69 -14.41 1.41
O2B ADP L . -16.55 -12.96 -0.38
O3B ADP L . -17.55 -15.30 -0.11
PA ADP L . -15.15 -15.58 -2.41
O1A ADP L . -15.35 -17.06 -2.34
O2A ADP L . -16.12 -14.81 -3.27
O3A ADP L . -15.16 -14.89 -0.98
O5' ADP L . -13.72 -15.26 -3.05
C5' ADP L . -13.16 -13.94 -3.10
C4' ADP L . -11.69 -14.08 -2.80
O4' ADP L . -11.13 -15.09 -3.65
C3' ADP L . -10.87 -12.82 -3.02
O3' ADP L . -9.87 -12.66 -2.02
C2' ADP L . -10.28 -13.05 -4.42
O2' ADP L . -9.09 -12.32 -4.67
C1' ADP L . -10.03 -14.55 -4.38
N9 ADP L . -9.99 -15.17 -5.69
C8 ADP L . -10.97 -15.12 -6.66
N7 ADP L . -10.63 -15.68 -7.79
C5 ADP L . -9.34 -16.13 -7.56
C6 ADP L . -8.42 -16.81 -8.38
N6 ADP L . -8.65 -17.13 -9.66
N1 ADP L . -7.22 -17.12 -7.85
C2 ADP L . -6.97 -16.78 -6.59
N3 ADP L . -7.76 -16.13 -5.72
C4 ADP L . -8.93 -15.83 -6.28
MN MN M . -17.79 -17.16 1.02
MN MN N . -23.01 -3.50 -35.99
MN MN O . -22.71 -5.22 -39.18
N1 CH1 P . -27.10 -3.13 -31.43
C2 CH1 P . -27.83 -2.58 -30.34
N3 CH1 P . -27.35 -2.77 -29.07
C4 CH1 P . -26.22 -3.47 -28.86
C5 CH1 P . -25.45 -3.97 -29.94
C6 CH1 P . -25.90 -3.76 -31.19
O2 CH1 P . -28.90 -2.00 -30.58
N4 CH1 P . -25.86 -3.75 -27.60
C1' CH1 P . -27.76 -3.40 -32.75
C2' CH1 P . -28.26 -2.27 -33.67
O2' CH1 P . -29.63 -1.95 -33.40
C3' CH1 P . -28.20 -2.92 -35.06
C4' CH1 P . -27.19 -4.06 -34.93
O4' CH1 P . -26.86 -4.16 -33.54
C5' CH1 P . -25.93 -3.85 -35.67
O5' CH1 P . -26.24 -4.29 -36.99
PA CH1 P . -25.56 -3.62 -38.24
O1A CH1 P . -24.07 -3.73 -38.11
O2A CH1 P . -26.12 -2.20 -38.35
O3A CH1 P . -26.09 -4.46 -39.48
PB CH1 P . -25.70 -5.87 -40.08
O1B CH1 P . -24.54 -6.42 -39.28
O2B CH1 P . -26.91 -6.73 -40.16
O3B CH1 P . -25.20 -5.53 -41.56
PG CH1 P . -24.08 -4.61 -42.25
O1G CH1 P . -23.01 -4.24 -41.29
O2G CH1 P . -23.54 -5.43 -43.41
O3G CH1 P . -24.81 -3.41 -42.71
#